data_8RLK
#
_entry.id   8RLK
#
_cell.length_a   78.890
_cell.length_b   101.452
_cell.length_c   267.758
_cell.angle_alpha   90.000
_cell.angle_beta   90.000
_cell.angle_gamma   90.000
#
_symmetry.space_group_name_H-M   'P 21 21 21'
#
loop_
_entity.id
_entity.type
_entity.pdbx_description
1 polymer 'Class C beta-lactamase-related serine hydrolase'
2 non-polymer '(4R,5S)-3-{[(3S,5S)-5-(dimethylcarbamoyl)pyrrolidin-3-yl]sulfanyl}-5-[(2S,3R)-3-hydroxy-1-oxobutan-2-yl]-4-methyl-4,5-d ihydro-1H-pyrrole-2-carboxylic acid'
3 non-polymer 'MAGNESIUM ION'
4 non-polymer 'ZINC ION'
5 water water
#
_entity_poly.entity_id   1
_entity_poly.type   'polypeptide(L)'
_entity_poly.pdbx_seq_one_letter_code
;GPDAAVENPRIGRAADLYELIPEYQPDTYRNMDKVYPTRVIHKGTKVRPLPAGVAIAPRYRIGGEEYGVDDFMRRNRVGG
VLVLKDGKVALERYGLGNDERTRWTSFSVVKSISSTLVGAAVQQGLLALDQPVDKYLPSLAGSAYQGVTVEQVLQMSSGV
RWNETYRDPKSDRRQMFDAQLAERPGGILRLLASLPRQYPSGTHFTYSTGESHLQSELLHAATRIPVSDYLSERIWARMG
MESDGFWQLESPAGQEIGSSGLSATLRDYGRFGQFVLEDGVIDGERILPEGWVDRASRVEASSHLAPGKLYDGEYALGYG
YQWWTFPVGAKALPEHDGGAFEAQGIFGQYLYINRKEKIVAVVWSAWPKPEMDDREEETYAFLGAAVKALR
;
_entity_poly.pdbx_strand_id   A,B,C,D,E,F
#
loop_
_chem_comp.id
_chem_comp.type
_chem_comp.name
_chem_comp.formula
MER non-polymer '(4R,5S)-3-{[(3S,5S)-5-(dimethylcarbamoyl)pyrrolidin-3-yl]sulfanyl}-5-[(2S,3R)-3-hydroxy-1-oxobutan-2-yl]-4-methyl-4,5-d ihydro-1H-pyrrole-2-carboxylic acid' 'C17 H27 N3 O5 S'
MG non-polymer 'MAGNESIUM ION' 'Mg 2'
ZN non-polymer 'ZINC ION' 'Zn 2'
#
# COMPACT_ATOMS: atom_id res chain seq x y z
N GLU A 7 -2.52 8.91 -20.71
CA GLU A 7 -3.36 9.60 -19.73
C GLU A 7 -2.95 9.36 -18.28
N ASN A 8 -3.22 10.35 -17.43
CA ASN A 8 -2.95 10.21 -16.01
C ASN A 8 -3.93 9.23 -15.37
N PRO A 9 -3.48 8.43 -14.39
CA PRO A 9 -4.41 7.48 -13.75
C PRO A 9 -5.50 8.20 -12.94
N ARG A 10 -6.70 7.69 -13.06
CA ARG A 10 -7.92 8.25 -12.46
C ARG A 10 -8.22 7.48 -11.18
N ILE A 11 -7.64 7.93 -10.08
CA ILE A 11 -7.69 7.22 -8.81
C ILE A 11 -8.54 8.01 -7.84
N GLY A 12 -9.54 7.36 -7.27
CA GLY A 12 -10.47 8.01 -6.37
C GLY A 12 -9.92 8.18 -4.97
N ARG A 13 -10.63 9.02 -4.21
CA ARG A 13 -10.46 9.12 -2.77
C ARG A 13 -10.68 7.77 -2.09
N ALA A 14 -9.99 7.57 -0.96
CA ALA A 14 -10.08 6.31 -0.25
C ALA A 14 -11.51 6.06 0.22
N ALA A 15 -12.21 7.12 0.62
CA ALA A 15 -13.55 6.98 1.18
C ALA A 15 -14.61 6.63 0.15
N ASP A 16 -14.30 6.76 -1.15
CA ASP A 16 -15.29 6.66 -2.21
C ASP A 16 -15.24 5.33 -2.96
N LEU A 17 -14.52 4.34 -2.43
CA LEU A 17 -14.29 3.08 -3.12
C LEU A 17 -15.59 2.46 -3.62
N TYR A 18 -16.67 2.60 -2.86
CA TYR A 18 -17.93 1.94 -3.19
C TYR A 18 -18.87 2.80 -4.01
N GLU A 19 -18.45 4.03 -4.38
CA GLU A 19 -19.28 4.93 -5.17
C GLU A 19 -18.50 5.63 -6.29
N LEU A 20 -17.39 5.07 -6.76
CA LEU A 20 -16.65 5.70 -7.83
C LEU A 20 -17.50 5.80 -9.10
N ILE A 21 -17.28 6.85 -9.87
CA ILE A 21 -17.87 6.97 -11.21
C ILE A 21 -17.17 5.95 -12.11
N PRO A 22 -17.81 5.48 -13.18
CA PRO A 22 -17.18 4.41 -13.99
C PRO A 22 -15.80 4.75 -14.47
N GLU A 23 -15.54 6.01 -14.80
CA GLU A 23 -14.22 6.42 -15.27
C GLU A 23 -13.11 6.19 -14.24
N TYR A 24 -13.43 6.10 -12.95
CA TYR A 24 -12.42 5.97 -11.92
C TYR A 24 -12.28 4.53 -11.39
N GLN A 25 -13.16 3.61 -11.81
CA GLN A 25 -13.11 2.27 -11.25
C GLN A 25 -11.89 1.49 -11.70
N PRO A 26 -11.64 1.29 -13.00
CA PRO A 26 -10.50 0.42 -13.35
C PRO A 26 -9.19 0.89 -12.76
N ASP A 27 -8.89 2.19 -12.82
CA ASP A 27 -7.59 2.66 -12.33
C ASP A 27 -7.48 2.51 -10.81
N THR A 28 -8.57 2.68 -10.09
CA THR A 28 -8.51 2.52 -8.63
C THR A 28 -8.39 1.05 -8.25
N TYR A 29 -9.15 0.18 -8.94
CA TYR A 29 -9.18 -1.25 -8.64
C TYR A 29 -7.84 -1.92 -8.90
N ARG A 30 -7.02 -1.38 -9.81
CA ARG A 30 -5.69 -1.94 -10.05
C ARG A 30 -4.58 -1.13 -9.41
N ASN A 31 -4.92 -0.09 -8.61
CA ASN A 31 -3.89 0.69 -7.93
C ASN A 31 -4.26 0.85 -6.47
N MET A 32 -4.86 -0.17 -5.86
CA MET A 32 -5.30 -0.03 -4.48
C MET A 32 -4.14 0.25 -3.52
N ASP A 33 -2.93 -0.17 -3.86
CA ASP A 33 -1.79 0.14 -3.00
C ASP A 33 -1.39 1.61 -3.03
N LYS A 34 -1.94 2.41 -3.94
CA LYS A 34 -1.72 3.85 -3.91
C LYS A 34 -2.77 4.56 -3.06
N VAL A 35 -3.73 3.81 -2.53
CA VAL A 35 -4.92 4.39 -1.93
C VAL A 35 -5.05 4.00 -0.47
N TYR A 36 -4.70 2.75 -0.13
CA TYR A 36 -4.83 2.16 1.19
C TYR A 36 -3.50 1.57 1.64
N PRO A 37 -3.25 1.48 2.94
CA PRO A 37 -2.12 0.69 3.42
C PRO A 37 -2.27 -0.78 2.99
N THR A 38 -1.15 -1.39 2.63
CA THR A 38 -1.14 -2.78 2.15
C THR A 38 0.14 -3.46 2.59
N ARG A 39 0.12 -4.81 2.54
CA ARG A 39 1.27 -5.67 2.74
C ARG A 39 1.48 -6.54 1.52
N VAL A 40 2.74 -6.73 1.13
CA VAL A 40 3.06 -7.57 -0.01
C VAL A 40 2.87 -9.03 0.34
N ILE A 41 2.20 -9.77 -0.55
CA ILE A 41 2.18 -11.23 -0.51
C ILE A 41 3.26 -11.71 -1.47
N HIS A 42 4.35 -12.23 -0.93
CA HIS A 42 5.51 -12.51 -1.76
C HIS A 42 5.36 -13.84 -2.49
N LYS A 43 5.79 -13.86 -3.75
CA LYS A 43 5.89 -15.11 -4.48
C LYS A 43 7.20 -15.81 -4.09
N GLY A 44 7.46 -16.96 -4.71
CA GLY A 44 8.68 -17.70 -4.44
C GLY A 44 9.68 -17.57 -5.56
N THR A 45 10.38 -18.67 -5.85
CA THR A 45 11.32 -18.74 -6.97
C THR A 45 10.92 -19.72 -8.04
N LYS A 46 10.11 -20.73 -7.71
CA LYS A 46 9.52 -21.62 -8.68
C LYS A 46 8.07 -21.18 -8.92
N VAL A 47 7.64 -21.23 -10.18
CA VAL A 47 6.32 -20.76 -10.60
C VAL A 47 5.55 -21.94 -11.19
N ARG A 48 4.33 -22.16 -10.73
CA ARG A 48 3.58 -23.30 -11.23
C ARG A 48 3.15 -22.99 -12.67
N PRO A 49 3.51 -23.81 -13.65
CA PRO A 49 3.19 -23.47 -15.04
C PRO A 49 1.69 -23.59 -15.29
N LEU A 50 1.20 -22.75 -16.20
CA LEU A 50 -0.17 -22.83 -16.71
C LEU A 50 -0.08 -22.95 -18.23
N PRO A 51 0.12 -24.15 -18.75
CA PRO A 51 0.33 -24.28 -20.20
C PRO A 51 -0.98 -24.19 -20.97
N ALA A 52 -0.84 -23.91 -22.26
CA ALA A 52 -2.01 -23.80 -23.12
C ALA A 52 -2.82 -25.10 -23.06
N GLY A 53 -4.12 -24.97 -23.22
CA GLY A 53 -5.00 -26.13 -23.14
C GLY A 53 -5.97 -26.16 -24.31
N VAL A 54 -7.16 -26.69 -24.00
CA VAL A 54 -8.21 -26.86 -25.02
C VAL A 54 -8.57 -25.51 -25.63
N ALA A 55 -8.70 -25.48 -26.96
CA ALA A 55 -9.18 -24.31 -27.68
C ALA A 55 -10.71 -24.26 -27.65
N ILE A 56 -11.28 -23.16 -27.15
CA ILE A 56 -12.73 -22.99 -27.17
C ILE A 56 -13.08 -21.56 -27.57
N ALA A 57 -14.24 -21.41 -28.21
CA ALA A 57 -14.84 -20.11 -28.51
C ALA A 57 -16.29 -20.17 -28.02
N PRO A 58 -16.52 -20.00 -26.72
CA PRO A 58 -17.85 -20.26 -26.17
C PRO A 58 -18.81 -19.16 -26.59
N ARG A 59 -20.05 -19.57 -26.93
CA ARG A 59 -21.12 -18.65 -27.27
C ARG A 59 -22.34 -18.99 -26.43
N TYR A 60 -23.14 -17.99 -26.09
CA TYR A 60 -24.31 -18.23 -25.27
C TYR A 60 -25.47 -17.37 -25.75
N ARG A 61 -26.68 -17.76 -25.36
CA ARG A 61 -27.89 -17.10 -25.81
C ARG A 61 -28.58 -16.44 -24.62
N ILE A 62 -29.02 -15.21 -24.82
CA ILE A 62 -29.71 -14.40 -23.81
C ILE A 62 -30.66 -13.47 -24.54
N GLY A 63 -31.83 -13.25 -23.93
CA GLY A 63 -32.94 -12.70 -24.68
C GLY A 63 -33.27 -13.67 -25.79
N GLY A 64 -32.97 -13.29 -27.02
CA GLY A 64 -33.03 -14.22 -28.13
C GLY A 64 -31.76 -14.15 -28.94
N GLU A 65 -30.80 -13.37 -28.45
CA GLU A 65 -29.58 -13.11 -29.18
C GLU A 65 -28.44 -14.02 -28.72
N GLU A 66 -27.48 -14.22 -29.62
CA GLU A 66 -26.28 -15.01 -29.39
C GLU A 66 -25.08 -14.09 -29.21
N TYR A 67 -24.20 -14.43 -28.26
CA TYR A 67 -23.06 -13.60 -27.92
C TYR A 67 -21.81 -14.44 -27.75
N GLY A 68 -20.68 -13.90 -28.20
CA GLY A 68 -19.38 -14.49 -27.93
C GLY A 68 -18.66 -13.79 -26.80
N VAL A 69 -17.35 -14.04 -26.73
CA VAL A 69 -16.54 -13.57 -25.61
C VAL A 69 -16.41 -12.04 -25.63
N ASP A 70 -16.17 -11.45 -26.80
CA ASP A 70 -16.05 -9.99 -26.89
C ASP A 70 -17.36 -9.32 -26.49
N ASP A 71 -18.49 -9.91 -26.91
CA ASP A 71 -19.79 -9.41 -26.47
C ASP A 71 -19.93 -9.47 -24.97
N PHE A 72 -19.68 -10.64 -24.37
CA PHE A 72 -19.74 -10.75 -22.91
C PHE A 72 -18.93 -9.64 -22.25
N MET A 73 -17.69 -9.45 -22.71
CA MET A 73 -16.77 -8.53 -22.05
C MET A 73 -17.20 -7.08 -22.23
N ARG A 74 -17.73 -6.73 -23.41
CA ARG A 74 -18.18 -5.38 -23.64
C ARG A 74 -19.43 -5.07 -22.82
N ARG A 75 -20.37 -6.01 -22.80
CA ARG A 75 -21.68 -5.79 -22.19
C ARG A 75 -21.61 -5.70 -20.68
N ASN A 76 -20.75 -6.51 -20.06
CA ASN A 76 -20.64 -6.57 -18.61
C ASN A 76 -19.45 -5.77 -18.09
N ARG A 77 -18.79 -4.99 -18.94
CA ARG A 77 -17.59 -4.23 -18.59
C ARG A 77 -16.58 -5.11 -17.84
N VAL A 78 -16.10 -6.13 -18.54
CA VAL A 78 -15.24 -7.16 -17.97
C VAL A 78 -13.78 -6.78 -18.18
N GLY A 79 -12.98 -6.88 -17.13
CA GLY A 79 -11.60 -6.49 -17.24
C GLY A 79 -10.69 -7.71 -17.30
N GLY A 80 -11.25 -8.90 -17.06
CA GLY A 80 -10.41 -10.09 -17.21
C GLY A 80 -11.22 -11.36 -17.19
N VAL A 81 -10.88 -12.33 -18.03
CA VAL A 81 -11.53 -13.63 -18.02
C VAL A 81 -10.46 -14.69 -18.17
N LEU A 82 -10.43 -15.64 -17.25
CA LEU A 82 -9.53 -16.76 -17.34
C LEU A 82 -10.35 -18.02 -17.14
N VAL A 83 -10.19 -18.99 -18.04
CA VAL A 83 -10.83 -20.29 -17.92
C VAL A 83 -9.73 -21.34 -18.02
N LEU A 84 -9.58 -22.11 -16.94
CA LEU A 84 -8.65 -23.22 -16.83
C LEU A 84 -9.43 -24.52 -16.94
N LYS A 85 -8.89 -25.45 -17.72
CA LYS A 85 -9.47 -26.77 -17.88
C LYS A 85 -8.34 -27.78 -17.70
N ASP A 86 -8.48 -28.67 -16.72
CA ASP A 86 -7.47 -29.68 -16.42
C ASP A 86 -6.12 -29.05 -16.05
N GLY A 87 -6.18 -27.86 -15.45
CA GLY A 87 -4.97 -27.16 -15.06
C GLY A 87 -4.29 -26.42 -16.17
N LYS A 88 -4.96 -26.21 -17.31
CA LYS A 88 -4.39 -25.62 -18.51
C LYS A 88 -5.30 -24.49 -19.00
N VAL A 89 -4.69 -23.51 -19.66
CA VAL A 89 -5.42 -22.30 -20.03
C VAL A 89 -6.29 -22.59 -21.23
N ALA A 90 -7.61 -22.63 -21.03
CA ALA A 90 -8.51 -22.69 -22.17
C ALA A 90 -8.82 -21.31 -22.73
N LEU A 91 -8.89 -20.28 -21.89
CA LEU A 91 -9.21 -18.95 -22.39
C LEU A 91 -8.62 -17.88 -21.48
N GLU A 92 -8.03 -16.84 -22.07
CA GLU A 92 -7.45 -15.76 -21.29
C GLU A 92 -7.57 -14.43 -22.03
N ARG A 93 -8.35 -13.50 -21.47
CA ARG A 93 -8.59 -12.19 -22.08
C ARG A 93 -8.49 -11.10 -21.02
N TYR A 94 -8.02 -9.94 -21.46
CA TYR A 94 -7.89 -8.75 -20.63
C TYR A 94 -8.71 -7.63 -21.26
N GLY A 95 -9.26 -6.77 -20.42
CA GLY A 95 -9.98 -5.61 -20.94
C GLY A 95 -9.70 -4.40 -20.06
N LEU A 96 -10.36 -3.30 -20.39
CA LEU A 96 -10.33 -2.08 -19.61
C LEU A 96 -8.92 -1.53 -19.43
N GLY A 97 -7.98 -1.92 -20.29
CA GLY A 97 -6.61 -1.51 -20.10
C GLY A 97 -5.76 -2.47 -19.29
N ASN A 98 -6.34 -3.54 -18.78
CA ASN A 98 -5.56 -4.50 -18.01
C ASN A 98 -4.64 -5.32 -18.94
N ASP A 99 -3.62 -5.95 -18.34
CA ASP A 99 -2.76 -6.88 -19.03
C ASP A 99 -2.28 -7.94 -18.05
N GLU A 100 -1.38 -8.82 -18.51
CA GLU A 100 -1.05 -9.99 -17.72
C GLU A 100 -0.34 -9.62 -16.42
N ARG A 101 0.19 -8.40 -16.32
CA ARG A 101 0.87 -7.90 -15.13
C ARG A 101 -0.04 -7.11 -14.19
N THR A 102 -1.26 -6.77 -14.60
CA THR A 102 -2.18 -6.03 -13.74
C THR A 102 -2.50 -6.83 -12.49
N ARG A 103 -2.49 -6.15 -11.34
CA ARG A 103 -3.03 -6.73 -10.11
C ARG A 103 -4.33 -6.01 -9.79
N TRP A 104 -5.43 -6.76 -9.82
CA TRP A 104 -6.78 -6.26 -9.65
C TRP A 104 -7.33 -6.65 -8.28
N THR A 105 -8.13 -5.77 -7.68
CA THR A 105 -8.61 -6.00 -6.32
C THR A 105 -9.76 -7.02 -6.27
N SER A 106 -9.82 -7.77 -5.17
CA SER A 106 -10.74 -8.91 -5.03
C SER A 106 -12.15 -8.55 -4.62
N PHE A 107 -12.33 -7.44 -3.91
CA PHE A 107 -13.48 -7.27 -3.03
C PHE A 107 -13.72 -8.59 -2.26
N SER A 108 -14.98 -9.01 -2.12
CA SER A 108 -15.32 -10.11 -1.22
C SER A 108 -14.80 -11.47 -1.70
N VAL A 109 -14.18 -11.54 -2.87
CA VAL A 109 -13.56 -12.80 -3.28
C VAL A 109 -12.56 -13.25 -2.24
N VAL A 110 -11.89 -12.30 -1.58
CA VAL A 110 -10.86 -12.75 -0.65
C VAL A 110 -11.45 -13.47 0.56
N LYS A 111 -12.76 -13.37 0.80
CA LYS A 111 -13.37 -14.15 1.88
C LYS A 111 -13.04 -15.63 1.73
N SER A 112 -12.98 -16.10 0.49
CA SER A 112 -12.78 -17.51 0.25
C SER A 112 -11.31 -17.88 0.38
N ILE A 113 -10.44 -16.92 0.10
CA ILE A 113 -9.01 -17.15 0.34
C ILE A 113 -8.75 -17.27 1.84
N SER A 114 -9.28 -16.32 2.64
CA SER A 114 -9.14 -16.39 4.10
C SER A 114 -9.63 -17.74 4.64
N SER A 115 -10.84 -18.14 4.22
CA SER A 115 -11.38 -19.45 4.58
C SER A 115 -10.40 -20.58 4.28
N THR A 116 -9.82 -20.58 3.08
CA THR A 116 -8.90 -21.65 2.74
C THR A 116 -7.68 -21.63 3.64
N LEU A 117 -7.22 -20.43 4.02
CA LEU A 117 -6.11 -20.32 4.96
C LEU A 117 -6.50 -20.83 6.34
N VAL A 118 -7.74 -20.55 6.77
CA VAL A 118 -8.18 -21.15 8.02
C VAL A 118 -8.05 -22.67 7.91
N GLY A 119 -8.40 -23.21 6.74
CA GLY A 119 -8.23 -24.63 6.52
C GLY A 119 -6.78 -25.06 6.66
N ALA A 120 -5.87 -24.27 6.07
CA ALA A 120 -4.46 -24.60 6.22
C ALA A 120 -4.06 -24.55 7.69
N ALA A 121 -4.62 -23.60 8.45
CA ALA A 121 -4.27 -23.52 9.86
C ALA A 121 -4.80 -24.73 10.61
N VAL A 122 -5.98 -25.21 10.22
CA VAL A 122 -6.53 -26.43 10.82
C VAL A 122 -5.60 -27.60 10.55
N GLN A 123 -5.04 -27.67 9.33
CA GLN A 123 -4.14 -28.77 8.99
C GLN A 123 -2.90 -28.76 9.86
N GLN A 124 -2.44 -27.57 10.24
CA GLN A 124 -1.25 -27.43 11.08
C GLN A 124 -1.58 -27.57 12.57
N GLY A 125 -2.84 -27.77 12.93
CA GLY A 125 -3.25 -27.85 14.32
C GLY A 125 -3.38 -26.52 15.05
N LEU A 126 -3.30 -25.39 14.35
CA LEU A 126 -3.25 -24.08 15.00
C LEU A 126 -4.62 -23.48 15.25
N LEU A 127 -5.62 -23.90 14.48
CA LEU A 127 -7.03 -23.63 14.73
C LEU A 127 -7.74 -24.96 14.73
N ALA A 128 -8.85 -25.04 15.45
CA ALA A 128 -9.80 -26.13 15.34
C ALA A 128 -11.18 -25.56 15.09
N LEU A 129 -11.90 -26.15 14.13
CA LEU A 129 -13.27 -25.73 13.79
C LEU A 129 -14.15 -25.57 15.02
N ASP A 130 -13.94 -26.38 16.04
CA ASP A 130 -14.83 -26.48 17.18
C ASP A 130 -14.51 -25.50 18.32
N GLN A 131 -13.38 -24.79 18.26
CA GLN A 131 -12.98 -23.96 19.37
C GLN A 131 -13.69 -22.59 19.33
N PRO A 132 -13.90 -21.97 20.49
CA PRO A 132 -14.53 -20.65 20.50
C PRO A 132 -13.56 -19.55 20.09
N VAL A 133 -14.10 -18.56 19.39
CA VAL A 133 -13.27 -17.53 18.80
C VAL A 133 -12.55 -16.72 19.88
N ASP A 134 -13.15 -16.60 21.07
CA ASP A 134 -12.49 -15.82 22.12
C ASP A 134 -11.28 -16.53 22.73
N LYS A 135 -11.14 -17.85 22.53
CA LYS A 135 -9.92 -18.53 22.96
C LYS A 135 -8.70 -17.97 22.24
N TYR A 136 -8.85 -17.63 20.97
CA TYR A 136 -7.75 -17.05 20.22
C TYR A 136 -7.68 -15.54 20.35
N LEU A 137 -8.81 -14.87 20.60
CA LEU A 137 -8.93 -13.41 20.52
C LEU A 137 -9.53 -12.89 21.83
N PRO A 138 -8.69 -12.71 22.85
CA PRO A 138 -9.23 -12.39 24.18
C PRO A 138 -9.97 -11.07 24.24
N SER A 139 -9.70 -10.15 23.32
CA SER A 139 -10.45 -8.91 23.30
C SER A 139 -11.93 -9.12 23.02
N LEU A 140 -12.34 -10.33 22.59
CA LEU A 140 -13.75 -10.65 22.40
C LEU A 140 -14.38 -11.22 23.67
N ALA A 141 -13.56 -11.55 24.68
CA ALA A 141 -14.09 -11.91 25.99
C ALA A 141 -15.10 -10.87 26.49
N GLY A 142 -16.26 -11.36 26.91
CA GLY A 142 -17.33 -10.51 27.36
C GLY A 142 -18.26 -10.05 26.26
N SER A 143 -17.94 -10.32 25.00
CA SER A 143 -18.76 -9.87 23.89
C SER A 143 -19.71 -10.99 23.47
N ALA A 144 -20.64 -10.64 22.59
CA ALA A 144 -21.53 -11.64 22.03
C ALA A 144 -20.77 -12.69 21.22
N TYR A 145 -19.57 -12.37 20.76
CA TYR A 145 -18.77 -13.36 20.02
C TYR A 145 -18.13 -14.38 20.95
N GLN A 146 -18.17 -14.17 22.26
CA GLN A 146 -17.64 -15.17 23.17
C GLN A 146 -18.50 -16.41 23.13
N GLY A 147 -17.89 -17.56 22.80
CA GLY A 147 -18.58 -18.81 22.65
C GLY A 147 -18.88 -19.19 21.21
N VAL A 148 -18.85 -18.23 20.29
CA VAL A 148 -19.05 -18.55 18.87
C VAL A 148 -17.84 -19.29 18.34
N THR A 149 -18.08 -20.32 17.56
CA THR A 149 -16.97 -21.17 17.14
C THR A 149 -16.42 -20.71 15.79
N VAL A 150 -15.22 -21.23 15.49
CA VAL A 150 -14.56 -20.90 14.22
C VAL A 150 -15.45 -21.33 13.06
N GLU A 151 -16.08 -22.51 13.15
CA GLU A 151 -16.89 -22.98 12.03
C GLU A 151 -18.13 -22.11 11.85
N GLN A 152 -18.74 -21.70 12.97
CA GLN A 152 -19.86 -20.77 12.92
C GLN A 152 -19.47 -19.45 12.27
N VAL A 153 -18.24 -18.98 12.51
CA VAL A 153 -17.79 -17.78 11.80
C VAL A 153 -17.65 -18.07 10.31
N LEU A 154 -17.11 -19.24 9.95
CA LEU A 154 -16.94 -19.59 8.55
C LEU A 154 -18.26 -19.66 7.82
N GLN A 155 -19.33 -20.03 8.52
CA GLN A 155 -20.64 -20.22 7.94
C GLN A 155 -21.56 -19.01 8.12
N MET A 156 -20.99 -17.85 8.46
CA MET A 156 -21.76 -16.61 8.67
C MET A 156 -22.97 -16.85 9.58
N SER A 157 -22.81 -17.71 10.57
CA SER A 157 -23.93 -18.14 11.41
C SER A 157 -23.68 -17.89 12.89
N SER A 158 -23.00 -16.80 13.22
CA SER A 158 -22.71 -16.48 14.62
C SER A 158 -23.96 -16.12 15.40
N GLY A 159 -24.98 -15.57 14.75
CA GLY A 159 -26.13 -15.02 15.43
C GLY A 159 -25.95 -13.61 16.01
N VAL A 160 -24.77 -13.02 15.87
CA VAL A 160 -24.56 -11.65 16.33
C VAL A 160 -25.31 -10.69 15.42
N ARG A 161 -26.00 -9.71 16.00
CA ARG A 161 -26.76 -8.77 15.16
C ARG A 161 -25.81 -7.95 14.28
N TRP A 162 -26.11 -7.88 12.99
CA TRP A 162 -25.23 -7.17 12.08
C TRP A 162 -26.06 -6.49 10.99
N ASN A 163 -25.98 -5.16 10.91
CA ASN A 163 -26.67 -4.36 9.88
C ASN A 163 -25.70 -4.05 8.74
N GLU A 164 -25.88 -4.72 7.60
CA GLU A 164 -24.93 -4.67 6.50
C GLU A 164 -25.23 -3.56 5.50
N THR A 165 -26.42 -2.94 5.56
CA THR A 165 -26.84 -2.08 4.47
C THR A 165 -25.92 -0.85 4.34
N TYR A 166 -25.20 -0.78 3.23
CA TYR A 166 -24.25 0.31 3.02
C TYR A 166 -24.93 1.69 3.05
N ARG A 167 -26.12 1.80 2.44
CA ARG A 167 -26.78 3.10 2.30
C ARG A 167 -27.48 3.57 3.57
N ASP A 168 -27.37 2.84 4.67
CA ASP A 168 -27.85 3.30 5.95
C ASP A 168 -26.63 3.85 6.69
N PRO A 169 -26.53 5.17 6.88
CA PRO A 169 -25.32 5.75 7.49
C PRO A 169 -25.01 5.17 8.85
N LYS A 170 -26.01 4.58 9.51
CA LYS A 170 -25.86 4.04 10.85
C LYS A 170 -25.50 2.57 10.84
N SER A 171 -25.25 1.98 9.67
CA SER A 171 -25.11 0.54 9.65
C SER A 171 -23.76 0.12 10.25
N ASP A 172 -23.64 -1.17 10.54
CA ASP A 172 -22.40 -1.72 11.05
C ASP A 172 -21.34 -1.77 9.96
N ARG A 173 -21.75 -2.00 8.72
CA ARG A 173 -20.81 -2.03 7.61
C ARG A 173 -20.19 -0.65 7.40
N ARG A 174 -20.98 0.41 7.56
CA ARG A 174 -20.46 1.77 7.42
C ARG A 174 -19.56 2.14 8.60
N GLN A 175 -19.91 1.69 9.81
CA GLN A 175 -19.05 1.90 10.97
C GLN A 175 -17.72 1.17 10.78
N MET A 176 -17.77 -0.01 10.18
CA MET A 176 -16.52 -0.74 9.94
C MET A 176 -15.69 -0.05 8.86
N PHE A 177 -16.35 0.44 7.80
CA PHE A 177 -15.59 1.16 6.77
C PHE A 177 -14.97 2.44 7.34
N ASP A 178 -15.68 3.13 8.24
CA ASP A 178 -15.08 4.30 8.88
C ASP A 178 -13.93 3.92 9.81
N ALA A 179 -14.02 2.78 10.52
CA ALA A 179 -12.85 2.28 11.27
C ALA A 179 -11.65 2.07 10.35
N GLN A 180 -11.87 1.49 9.18
CA GLN A 180 -10.78 1.29 8.23
C GLN A 180 -10.19 2.62 7.79
N LEU A 181 -11.06 3.58 7.43
CA LEU A 181 -10.57 4.86 6.95
C LEU A 181 -9.84 5.63 8.04
N ALA A 182 -10.18 5.37 9.31
CA ALA A 182 -9.51 6.00 10.45
C ALA A 182 -8.15 5.37 10.75
N GLU A 183 -7.93 4.11 10.33
CA GLU A 183 -6.64 3.41 10.46
C GLU A 183 -6.20 3.23 11.91
N ARG A 184 -7.12 3.12 12.85
CA ARG A 184 -6.69 2.87 14.21
C ARG A 184 -6.66 1.37 14.44
N PRO A 185 -5.50 0.78 14.76
CA PRO A 185 -5.39 -0.68 14.83
C PRO A 185 -6.41 -1.23 15.81
N GLY A 186 -7.02 -2.35 15.44
CA GLY A 186 -7.98 -2.96 16.33
C GLY A 186 -9.37 -2.36 16.29
N GLY A 187 -9.63 -1.40 15.39
CA GLY A 187 -10.93 -0.74 15.39
C GLY A 187 -12.07 -1.65 15.00
N ILE A 188 -11.86 -2.52 14.01
CA ILE A 188 -12.94 -3.41 13.57
C ILE A 188 -13.27 -4.38 14.68
N LEU A 189 -12.25 -4.93 15.34
CA LEU A 189 -12.46 -5.82 16.46
C LEU A 189 -13.28 -5.14 17.54
N ARG A 190 -13.01 -3.86 17.82
CA ARG A 190 -13.77 -3.19 18.87
C ARG A 190 -15.21 -3.03 18.45
N LEU A 191 -15.43 -2.68 17.19
CA LEU A 191 -16.79 -2.63 16.67
C LEU A 191 -17.47 -3.98 16.84
N LEU A 192 -16.80 -5.07 16.44
CA LEU A 192 -17.41 -6.40 16.54
C LEU A 192 -17.70 -6.77 17.99
N ALA A 193 -16.82 -6.37 18.89
CA ALA A 193 -17.01 -6.66 20.31
C ALA A 193 -18.19 -5.89 20.89
N SER A 194 -18.61 -4.80 20.24
CA SER A 194 -19.75 -4.05 20.77
C SER A 194 -21.12 -4.61 20.35
N LEU A 195 -21.18 -5.60 19.48
CA LEU A 195 -22.44 -5.97 18.85
C LEU A 195 -23.28 -6.86 19.76
N PRO A 196 -24.59 -6.66 19.81
CA PRO A 196 -25.47 -7.54 20.58
C PRO A 196 -25.80 -8.81 19.80
N ARG A 197 -26.17 -9.85 20.55
CA ARG A 197 -26.59 -11.10 19.95
C ARG A 197 -28.05 -11.02 19.50
N GLN A 198 -28.35 -11.67 18.38
CA GLN A 198 -29.74 -11.65 17.93
C GLN A 198 -30.36 -13.05 17.74
N TYR A 199 -29.59 -14.04 17.32
CA TYR A 199 -30.11 -15.39 17.18
C TYR A 199 -29.26 -16.36 17.97
N PRO A 200 -29.75 -17.56 18.23
CA PRO A 200 -28.88 -18.62 18.76
C PRO A 200 -27.78 -18.95 17.76
N SER A 201 -26.55 -19.05 18.25
CA SER A 201 -25.42 -19.29 17.36
C SER A 201 -25.62 -20.58 16.56
N GLY A 202 -25.32 -20.53 15.27
CA GLY A 202 -25.38 -21.68 14.39
C GLY A 202 -26.71 -21.95 13.73
N THR A 203 -27.69 -21.06 13.90
CA THR A 203 -29.04 -21.28 13.44
C THR A 203 -29.46 -20.37 12.31
N HIS A 204 -28.71 -19.30 12.04
CA HIS A 204 -29.22 -18.23 11.21
C HIS A 204 -28.06 -17.66 10.39
N PHE A 205 -28.22 -17.67 9.06
CA PHE A 205 -27.30 -17.02 8.14
C PHE A 205 -27.52 -15.51 8.18
N THR A 206 -26.45 -14.76 8.49
CA THR A 206 -26.41 -13.31 8.28
C THR A 206 -25.09 -12.97 7.61
N TYR A 207 -25.13 -12.53 6.36
CA TYR A 207 -23.93 -12.09 5.68
C TYR A 207 -23.34 -10.88 6.40
N SER A 208 -22.13 -11.04 6.94
CA SER A 208 -21.48 -9.99 7.70
C SER A 208 -20.03 -9.83 7.23
N THR A 209 -19.73 -8.68 6.61
CA THR A 209 -18.35 -8.37 6.26
C THR A 209 -17.45 -8.30 7.50
N GLY A 210 -17.99 -7.86 8.63
CA GLY A 210 -17.19 -7.87 9.85
C GLY A 210 -16.87 -9.29 10.32
N GLU A 211 -17.86 -10.17 10.26
CA GLU A 211 -17.63 -11.54 10.71
C GLU A 211 -16.58 -12.22 9.84
N SER A 212 -16.68 -12.03 8.53
CA SER A 212 -15.64 -12.52 7.62
C SER A 212 -14.26 -11.96 7.94
N HIS A 213 -14.16 -10.66 8.30
CA HIS A 213 -12.86 -10.10 8.70
C HIS A 213 -12.25 -10.85 9.88
N LEU A 214 -13.12 -11.32 10.77
CA LEU A 214 -12.65 -12.09 11.92
C LEU A 214 -11.75 -13.26 11.52
N GLN A 215 -11.89 -13.78 10.31
CA GLN A 215 -10.99 -14.85 9.88
C GLN A 215 -9.56 -14.39 9.85
N SER A 216 -9.34 -13.18 9.33
CA SER A 216 -8.00 -12.60 9.28
C SER A 216 -7.45 -12.42 10.68
N GLU A 217 -8.30 -11.93 11.58
CA GLU A 217 -7.86 -11.76 12.96
C GLU A 217 -7.48 -13.10 13.59
N LEU A 218 -8.31 -14.13 13.37
CA LEU A 218 -8.03 -15.45 13.93
C LEU A 218 -6.75 -16.03 13.36
N LEU A 219 -6.53 -15.87 12.06
CA LEU A 219 -5.33 -16.45 11.47
C LEU A 219 -4.08 -15.82 12.07
N HIS A 220 -4.07 -14.48 12.19
CA HIS A 220 -2.91 -13.87 12.83
C HIS A 220 -2.77 -14.34 14.27
N ALA A 221 -3.89 -14.47 15.00
CA ALA A 221 -3.79 -14.83 16.40
C ALA A 221 -3.22 -16.24 16.58
N ALA A 222 -3.56 -17.15 15.65
CA ALA A 222 -3.13 -18.54 15.75
C ALA A 222 -1.71 -18.75 15.22
N THR A 223 -1.31 -18.03 14.18
CA THR A 223 0.03 -18.24 13.62
C THR A 223 1.06 -17.27 14.16
N ARG A 224 0.64 -16.11 14.66
CA ARG A 224 1.51 -15.03 15.11
C ARG A 224 2.41 -14.50 13.99
N ILE A 225 1.97 -14.59 12.74
CA ILE A 225 2.66 -13.86 11.67
C ILE A 225 1.61 -13.13 10.84
N PRO A 226 2.02 -12.12 10.08
CA PRO A 226 1.02 -11.42 9.24
C PRO A 226 0.37 -12.38 8.25
N VAL A 227 -0.95 -12.23 8.08
CA VAL A 227 -1.70 -13.13 7.22
C VAL A 227 -1.11 -13.18 5.82
N SER A 228 -0.70 -12.03 5.26
CA SER A 228 -0.04 -12.05 3.96
C SER A 228 1.16 -12.99 3.94
N ASP A 229 1.97 -13.02 5.02
CA ASP A 229 3.11 -13.94 5.04
C ASP A 229 2.68 -15.39 5.20
N TYR A 230 1.57 -15.65 5.90
CA TYR A 230 1.07 -17.00 6.01
C TYR A 230 0.54 -17.50 4.66
N LEU A 231 -0.21 -16.64 3.94
CA LEU A 231 -0.64 -16.95 2.58
C LEU A 231 0.56 -17.22 1.68
N SER A 232 1.64 -16.46 1.86
CA SER A 232 2.86 -16.68 1.08
C SER A 232 3.50 -18.03 1.40
N GLU A 233 3.64 -18.35 2.68
CA GLU A 233 4.39 -19.53 3.05
C GLU A 233 3.59 -20.81 2.77
N ARG A 234 2.26 -20.74 2.94
CA ARG A 234 1.41 -21.90 2.68
C ARG A 234 1.11 -22.08 1.20
N ILE A 235 0.96 -21.00 0.42
CA ILE A 235 0.52 -21.15 -0.97
C ILE A 235 1.31 -20.31 -1.96
N TRP A 236 1.34 -18.98 -1.77
CA TRP A 236 1.83 -18.08 -2.82
C TRP A 236 3.27 -18.38 -3.23
N ALA A 237 4.13 -18.73 -2.27
CA ALA A 237 5.52 -19.07 -2.59
C ALA A 237 5.72 -20.58 -2.73
N ARG A 238 4.71 -21.38 -2.38
CA ARG A 238 4.83 -22.83 -2.31
C ARG A 238 4.39 -23.49 -3.61
N MET A 239 3.18 -23.21 -4.09
CA MET A 239 2.88 -23.73 -5.42
C MET A 239 3.63 -22.94 -6.47
N GLY A 240 3.88 -21.67 -6.16
CA GLY A 240 4.58 -20.80 -7.06
C GLY A 240 3.63 -19.95 -7.85
N MET A 241 3.21 -18.82 -7.28
CA MET A 241 2.56 -17.82 -8.10
C MET A 241 3.58 -17.05 -8.89
N GLU A 242 3.11 -16.43 -9.95
CA GLU A 242 3.93 -15.76 -10.96
C GLU A 242 4.36 -14.37 -10.50
N SER A 243 3.58 -13.74 -9.65
CA SER A 243 3.80 -12.34 -9.31
C SER A 243 3.44 -12.16 -7.85
N ASP A 244 4.13 -11.22 -7.19
CA ASP A 244 3.67 -10.78 -5.88
C ASP A 244 2.20 -10.40 -5.96
N GLY A 245 1.47 -10.62 -4.87
CA GLY A 245 0.21 -9.97 -4.64
C GLY A 245 0.37 -8.90 -3.56
N PHE A 246 -0.74 -8.29 -3.17
CA PHE A 246 -0.73 -7.48 -1.96
C PHE A 246 -2.13 -7.44 -1.38
N TRP A 247 -2.21 -6.97 -0.14
CA TRP A 247 -3.39 -7.15 0.70
C TRP A 247 -3.62 -5.88 1.51
N GLN A 248 -4.81 -5.32 1.36
CA GLN A 248 -5.21 -4.11 2.07
C GLN A 248 -5.28 -4.34 3.57
N LEU A 249 -4.74 -3.41 4.35
CA LEU A 249 -4.75 -3.50 5.81
C LEU A 249 -5.70 -2.50 6.45
N GLU A 250 -5.97 -2.74 7.73
CA GLU A 250 -6.80 -1.87 8.54
C GLU A 250 -6.06 -0.57 8.86
N SER A 251 -4.73 -0.59 8.83
CA SER A 251 -3.83 0.50 9.23
C SER A 251 -2.41 0.21 8.72
N PRO A 252 -1.49 1.18 8.71
CA PRO A 252 -0.16 0.93 8.13
C PRO A 252 0.61 -0.11 8.92
N ALA A 253 1.19 -1.09 8.19
CA ALA A 253 1.88 -2.21 8.82
C ALA A 253 0.99 -2.92 9.81
N GLY A 254 -0.32 -2.86 9.57
CA GLY A 254 -1.33 -3.41 10.44
C GLY A 254 -1.92 -4.71 9.93
N GLN A 255 -3.23 -4.87 10.13
CA GLN A 255 -3.92 -6.15 9.97
C GLN A 255 -4.66 -6.24 8.63
N GLU A 256 -4.44 -7.33 7.90
CA GLU A 256 -5.12 -7.55 6.62
C GLU A 256 -6.63 -7.58 6.79
N ILE A 257 -7.34 -7.00 5.82
CA ILE A 257 -8.80 -7.05 5.78
C ILE A 257 -9.23 -8.42 5.30
N GLY A 258 -9.81 -9.23 6.18
CA GLY A 258 -10.14 -10.59 5.81
C GLY A 258 -11.26 -10.71 4.81
N SER A 259 -12.04 -9.65 4.64
CA SER A 259 -13.24 -9.70 3.85
C SER A 259 -13.11 -8.99 2.53
N SER A 260 -12.00 -8.30 2.29
CA SER A 260 -11.89 -7.51 1.07
C SER A 260 -10.42 -7.14 0.85
N GLY A 261 -10.10 -6.71 -0.36
CA GLY A 261 -8.90 -5.93 -0.55
C GLY A 261 -7.64 -6.66 -0.99
N LEU A 262 -7.75 -7.89 -1.47
CA LEU A 262 -6.56 -8.55 -2.00
C LEU A 262 -6.43 -8.25 -3.50
N SER A 263 -5.20 -8.05 -3.95
CA SER A 263 -4.90 -7.80 -5.36
C SER A 263 -3.85 -8.79 -5.88
N ALA A 264 -4.08 -9.30 -7.10
CA ALA A 264 -3.21 -10.31 -7.68
C ALA A 264 -3.40 -10.33 -9.20
N THR A 265 -2.45 -10.96 -9.91
CA THR A 265 -2.64 -11.07 -11.36
C THR A 265 -3.78 -12.07 -11.67
N LEU A 266 -4.32 -11.98 -12.89
CA LEU A 266 -5.40 -12.89 -13.28
C LEU A 266 -4.95 -14.36 -13.18
N ARG A 267 -3.77 -14.66 -13.73
CA ARG A 267 -3.30 -16.05 -13.72
C ARG A 267 -2.99 -16.51 -12.30
N ASP A 268 -2.67 -15.59 -11.39
CA ASP A 268 -2.48 -15.98 -9.99
C ASP A 268 -3.80 -16.22 -9.26
N TYR A 269 -4.88 -15.47 -9.56
CA TYR A 269 -6.19 -15.90 -9.06
C TYR A 269 -6.51 -17.29 -9.55
N GLY A 270 -6.21 -17.56 -10.83
CA GLY A 270 -6.47 -18.89 -11.38
C GLY A 270 -5.65 -19.97 -10.69
N ARG A 271 -4.38 -19.68 -10.37
CA ARG A 271 -3.57 -20.65 -9.64
C ARG A 271 -4.16 -20.93 -8.26
N PHE A 272 -4.65 -19.90 -7.57
CA PHE A 272 -5.30 -20.17 -6.29
C PHE A 272 -6.51 -21.10 -6.47
N GLY A 273 -7.35 -20.79 -7.47
CA GLY A 273 -8.46 -21.69 -7.78
C GLY A 273 -8.01 -23.11 -8.08
N GLN A 274 -6.91 -23.24 -8.82
CA GLN A 274 -6.40 -24.57 -9.16
C GLN A 274 -5.93 -25.32 -7.91
N PHE A 275 -5.34 -24.59 -6.96
CA PHE A 275 -4.97 -25.17 -5.66
C PHE A 275 -6.20 -25.77 -4.99
N VAL A 276 -7.32 -25.04 -5.02
CA VAL A 276 -8.54 -25.57 -4.38
C VAL A 276 -9.07 -26.77 -5.17
N LEU A 277 -9.06 -26.66 -6.50
CA LEU A 277 -9.53 -27.75 -7.36
C LEU A 277 -8.76 -29.03 -7.08
N GLU A 278 -7.45 -28.92 -6.80
CA GLU A 278 -6.57 -30.02 -6.46
C GLU A 278 -6.55 -30.33 -4.95
N ASP A 279 -7.61 -29.99 -4.23
CA ASP A 279 -7.77 -30.46 -2.85
C ASP A 279 -6.64 -29.99 -1.92
N GLY A 280 -5.96 -28.91 -2.27
CA GLY A 280 -4.96 -28.36 -1.39
C GLY A 280 -3.60 -29.02 -1.44
N VAL A 281 -3.36 -29.92 -2.39
CA VAL A 281 -2.12 -30.66 -2.44
C VAL A 281 -1.13 -29.93 -3.33
N ILE A 282 0.05 -29.65 -2.80
CA ILE A 282 1.16 -29.07 -3.56
C ILE A 282 2.33 -30.03 -3.45
N ASP A 283 2.78 -30.53 -4.60
CA ASP A 283 3.92 -31.45 -4.69
C ASP A 283 3.85 -32.53 -3.61
N GLY A 284 2.70 -33.19 -3.53
CA GLY A 284 2.53 -34.35 -2.67
C GLY A 284 2.25 -34.06 -1.21
N GLU A 285 2.36 -32.81 -0.77
CA GLU A 285 2.06 -32.47 0.62
C GLU A 285 0.69 -31.83 0.73
N ARG A 286 -0.08 -32.27 1.72
CA ARG A 286 -1.43 -31.78 1.92
C ARG A 286 -1.38 -30.51 2.75
N ILE A 287 -1.67 -29.38 2.10
CA ILE A 287 -1.84 -28.11 2.80
C ILE A 287 -3.22 -28.00 3.46
N LEU A 288 -4.25 -28.63 2.87
CA LEU A 288 -5.59 -28.56 3.44
C LEU A 288 -5.97 -29.91 4.04
N PRO A 289 -6.80 -29.93 5.09
CA PRO A 289 -7.22 -31.20 5.67
C PRO A 289 -7.94 -32.05 4.63
N GLU A 290 -7.75 -33.35 4.74
CA GLU A 290 -8.56 -34.29 3.96
C GLU A 290 -10.04 -33.95 4.17
N GLY A 291 -10.78 -33.85 3.06
CA GLY A 291 -12.18 -33.50 3.14
C GLY A 291 -12.49 -32.03 3.34
N TRP A 292 -11.49 -31.16 3.30
CA TRP A 292 -11.79 -29.76 3.60
C TRP A 292 -12.64 -29.14 2.51
N VAL A 293 -12.30 -29.38 1.24
CA VAL A 293 -13.02 -28.70 0.17
C VAL A 293 -14.46 -29.19 0.11
N ASP A 294 -14.67 -30.51 0.29
CA ASP A 294 -16.03 -31.05 0.41
C ASP A 294 -16.80 -30.36 1.54
N ARG A 295 -16.18 -30.19 2.71
CA ARG A 295 -16.83 -29.52 3.83
C ARG A 295 -17.14 -28.06 3.50
N ALA A 296 -16.19 -27.38 2.86
CA ALA A 296 -16.31 -25.94 2.63
C ALA A 296 -17.31 -25.59 1.56
N SER A 297 -17.72 -26.57 0.75
CA SER A 297 -18.66 -26.36 -0.33
C SER A 297 -19.86 -27.28 -0.21
N ARG A 298 -20.15 -27.75 1.01
CA ARG A 298 -21.14 -28.78 1.23
C ARG A 298 -22.55 -28.25 1.01
N VAL A 299 -23.38 -29.06 0.35
CA VAL A 299 -24.79 -28.79 0.12
C VAL A 299 -25.59 -29.86 0.88
N GLU A 300 -26.28 -29.45 1.93
CA GLU A 300 -27.07 -30.33 2.79
C GLU A 300 -28.51 -29.84 2.81
N ALA A 301 -29.44 -30.70 2.42
CA ALA A 301 -30.82 -30.26 2.21
C ALA A 301 -31.44 -29.71 3.49
N SER A 302 -31.11 -30.30 4.65
CA SER A 302 -31.69 -29.87 5.91
C SER A 302 -31.05 -28.61 6.48
N SER A 303 -29.82 -28.29 6.07
CA SER A 303 -29.10 -27.18 6.67
C SER A 303 -29.71 -25.84 6.27
N HIS A 304 -29.58 -24.86 7.16
CA HIS A 304 -30.10 -23.53 6.88
C HIS A 304 -29.26 -22.78 5.84
N LEU A 305 -28.18 -23.37 5.34
CA LEU A 305 -27.30 -22.77 4.34
C LEU A 305 -27.51 -23.35 2.95
N ALA A 306 -28.51 -24.20 2.77
CA ALA A 306 -28.65 -24.93 1.54
C ALA A 306 -29.06 -24.00 0.40
N PRO A 307 -28.67 -24.33 -0.83
CA PRO A 307 -29.14 -23.54 -1.99
C PRO A 307 -30.65 -23.42 -2.00
N GLY A 308 -31.14 -22.23 -2.36
CA GLY A 308 -32.55 -21.92 -2.32
C GLY A 308 -33.03 -21.33 -1.01
N LYS A 309 -32.35 -21.63 0.11
CA LYS A 309 -32.84 -21.33 1.45
C LYS A 309 -32.42 -19.97 1.98
N LEU A 310 -31.45 -19.30 1.37
CA LEU A 310 -31.01 -18.00 1.83
C LEU A 310 -31.86 -16.89 1.23
N TYR A 311 -31.90 -15.76 1.92
CA TYR A 311 -32.46 -14.51 1.39
C TYR A 311 -33.95 -14.63 1.10
N ASP A 312 -34.67 -15.22 2.04
CA ASP A 312 -36.12 -15.47 1.94
C ASP A 312 -36.46 -16.43 0.82
N GLY A 313 -35.47 -17.12 0.26
CA GLY A 313 -35.70 -18.13 -0.76
C GLY A 313 -35.50 -17.69 -2.19
N GLU A 314 -35.10 -16.44 -2.43
CA GLU A 314 -35.05 -15.93 -3.78
C GLU A 314 -33.63 -15.75 -4.32
N TYR A 315 -32.61 -16.14 -3.56
CA TYR A 315 -31.30 -16.38 -4.13
C TYR A 315 -31.18 -17.88 -4.40
N ALA A 316 -30.55 -18.23 -5.51
CA ALA A 316 -30.45 -19.63 -5.86
C ALA A 316 -29.29 -20.34 -5.15
N LEU A 317 -28.25 -19.62 -4.74
CA LEU A 317 -27.03 -20.24 -4.24
C LEU A 317 -27.04 -20.37 -2.71
N GLY A 318 -26.39 -21.42 -2.22
CA GLY A 318 -26.19 -21.60 -0.80
C GLY A 318 -24.86 -21.05 -0.32
N TYR A 319 -24.43 -21.53 0.84
CA TYR A 319 -23.24 -21.04 1.50
C TYR A 319 -22.51 -22.21 2.17
N GLY A 320 -21.19 -22.18 2.09
CA GLY A 320 -20.34 -23.16 2.74
C GLY A 320 -19.41 -22.49 3.74
N TYR A 321 -18.11 -22.70 3.59
CA TYR A 321 -17.11 -21.98 4.38
C TYR A 321 -16.68 -20.75 3.57
N GLN A 322 -17.51 -19.70 3.61
CA GLN A 322 -17.22 -18.46 2.87
C GLN A 322 -17.08 -18.71 1.37
N TRP A 323 -17.79 -19.72 0.88
CA TRP A 323 -17.97 -20.01 -0.54
C TRP A 323 -19.47 -20.03 -0.83
N TRP A 324 -19.88 -19.48 -1.97
CA TRP A 324 -21.25 -19.63 -2.44
C TRP A 324 -21.39 -20.94 -3.21
N THR A 325 -22.48 -21.67 -2.96
CA THR A 325 -22.62 -23.04 -3.47
C THR A 325 -23.76 -23.10 -4.49
N PHE A 326 -23.47 -23.69 -5.66
CA PHE A 326 -24.54 -23.79 -6.66
C PHE A 326 -25.52 -24.90 -6.28
N PRO A 327 -26.79 -24.75 -6.65
CA PRO A 327 -27.75 -25.81 -6.37
C PRO A 327 -27.46 -27.08 -7.17
N VAL A 328 -27.88 -28.21 -6.64
CA VAL A 328 -27.68 -29.51 -7.28
C VAL A 328 -29.03 -30.14 -7.60
N GLY A 329 -28.98 -31.25 -8.32
CA GLY A 329 -30.20 -31.99 -8.60
C GLY A 329 -31.11 -31.29 -9.59
N ALA A 330 -32.42 -31.27 -9.26
CA ALA A 330 -33.39 -30.68 -10.17
C ALA A 330 -33.27 -29.16 -10.22
N LYS A 331 -32.84 -28.54 -9.13
CA LYS A 331 -32.75 -27.09 -9.04
C LYS A 331 -31.51 -26.51 -9.70
N ALA A 332 -30.57 -27.34 -10.17
CA ALA A 332 -29.30 -26.84 -10.71
C ALA A 332 -29.52 -25.82 -11.83
N LEU A 333 -28.63 -24.83 -11.87
CA LEU A 333 -28.57 -23.94 -13.03
C LEU A 333 -27.98 -24.70 -14.22
N PRO A 334 -28.42 -24.37 -15.43
CA PRO A 334 -27.94 -25.09 -16.62
C PRO A 334 -26.42 -25.10 -16.69
N GLU A 335 -25.86 -26.30 -16.83
CA GLU A 335 -24.45 -26.64 -16.98
C GLU A 335 -23.66 -26.53 -15.67
N HIS A 336 -24.26 -26.06 -14.57
CA HIS A 336 -23.55 -25.87 -13.29
C HIS A 336 -23.97 -26.89 -12.23
N ASP A 337 -24.25 -28.13 -12.65
CA ASP A 337 -24.64 -29.17 -11.71
C ASP A 337 -23.38 -29.85 -11.17
N GLY A 338 -23.56 -30.78 -10.23
CA GLY A 338 -22.46 -31.57 -9.74
C GLY A 338 -21.69 -30.96 -8.59
N GLY A 339 -22.18 -29.86 -8.01
CA GLY A 339 -21.50 -29.29 -6.87
C GLY A 339 -20.47 -28.24 -7.24
N ALA A 340 -20.84 -27.29 -8.08
CA ALA A 340 -19.98 -26.16 -8.40
C ALA A 340 -20.06 -25.14 -7.26
N PHE A 341 -18.98 -24.39 -7.06
CA PHE A 341 -19.02 -23.35 -6.04
C PHE A 341 -18.10 -22.19 -6.44
N GLU A 342 -18.22 -21.08 -5.73
CA GLU A 342 -17.55 -19.87 -6.20
C GLU A 342 -17.33 -18.86 -5.08
N ALA A 343 -16.31 -18.03 -5.26
CA ALA A 343 -16.15 -16.78 -4.55
C ALA A 343 -16.75 -15.68 -5.39
N GLN A 344 -17.32 -14.66 -4.74
CA GLN A 344 -17.72 -13.49 -5.53
C GLN A 344 -17.46 -12.21 -4.76
N GLY A 345 -17.32 -11.15 -5.53
CA GLY A 345 -17.13 -9.82 -4.97
C GLY A 345 -17.97 -8.83 -5.76
N ILE A 346 -18.38 -7.76 -5.08
CA ILE A 346 -19.24 -6.78 -5.72
C ILE A 346 -18.55 -6.16 -6.92
N PHE A 347 -19.36 -5.56 -7.80
CA PHE A 347 -18.95 -4.99 -9.08
C PHE A 347 -18.55 -6.09 -10.08
N GLY A 348 -18.83 -7.35 -9.76
CA GLY A 348 -18.75 -8.43 -10.70
C GLY A 348 -17.45 -9.20 -10.69
N GLN A 349 -16.93 -9.56 -9.51
CA GLN A 349 -15.73 -10.38 -9.40
C GLN A 349 -16.15 -11.81 -9.10
N TYR A 350 -15.56 -12.79 -9.80
CA TYR A 350 -15.94 -14.18 -9.57
C TYR A 350 -14.74 -15.10 -9.62
N LEU A 351 -14.74 -16.12 -8.77
CA LEU A 351 -13.75 -17.18 -8.86
C LEU A 351 -14.53 -18.49 -8.72
N TYR A 352 -14.83 -19.09 -9.86
CA TYR A 352 -15.74 -20.22 -9.98
C TYR A 352 -14.93 -21.51 -10.07
N ILE A 353 -15.31 -22.52 -9.29
CA ILE A 353 -14.60 -23.80 -9.26
C ILE A 353 -15.64 -24.90 -9.48
N ASN A 354 -15.39 -25.73 -10.50
CA ASN A 354 -16.23 -26.87 -10.83
C ASN A 354 -15.36 -28.13 -10.78
N ARG A 355 -15.48 -28.88 -9.69
CA ARG A 355 -14.60 -30.02 -9.48
C ARG A 355 -14.97 -31.19 -10.38
N LYS A 356 -16.28 -31.41 -10.57
CA LYS A 356 -16.73 -32.44 -11.51
C LYS A 356 -16.10 -32.28 -12.89
N GLU A 357 -15.94 -31.03 -13.37
CA GLU A 357 -15.44 -30.77 -14.71
C GLU A 357 -13.97 -30.35 -14.73
N LYS A 358 -13.31 -30.28 -13.57
CA LYS A 358 -11.93 -29.81 -13.45
C LYS A 358 -11.76 -28.43 -14.05
N ILE A 359 -12.67 -27.53 -13.72
CA ILE A 359 -12.67 -26.21 -14.32
C ILE A 359 -12.44 -25.18 -13.23
N VAL A 360 -11.60 -24.20 -13.54
CA VAL A 360 -11.52 -22.98 -12.75
C VAL A 360 -11.80 -21.79 -13.67
N ALA A 361 -12.61 -20.86 -13.22
CA ALA A 361 -12.81 -19.62 -13.96
C ALA A 361 -12.61 -18.41 -13.05
N VAL A 362 -11.97 -17.36 -13.58
CA VAL A 362 -11.81 -16.08 -12.91
C VAL A 362 -12.43 -15.00 -13.80
N VAL A 363 -13.34 -14.21 -13.24
CA VAL A 363 -13.90 -13.05 -13.94
C VAL A 363 -13.63 -11.78 -13.12
N TRP A 364 -13.01 -10.78 -13.75
CA TRP A 364 -12.84 -9.43 -13.22
C TRP A 364 -13.74 -8.46 -13.97
N SER A 365 -14.48 -7.62 -13.24
CA SER A 365 -15.39 -6.67 -13.85
C SER A 365 -15.37 -5.32 -13.13
N ALA A 366 -15.97 -4.32 -13.78
CA ALA A 366 -16.25 -3.03 -13.15
C ALA A 366 -17.67 -2.61 -13.51
N TRP A 367 -18.64 -3.33 -12.98
CA TRP A 367 -20.04 -2.94 -13.15
C TRP A 367 -20.23 -1.53 -12.60
N PRO A 368 -21.18 -0.76 -13.15
CA PRO A 368 -21.44 0.58 -12.57
C PRO A 368 -21.89 0.52 -11.12
N LYS A 369 -22.71 -0.48 -10.77
CA LYS A 369 -23.34 -0.67 -9.47
C LYS A 369 -22.82 -1.94 -8.83
N PRO A 370 -22.80 -2.01 -7.49
CA PRO A 370 -22.17 -3.17 -6.83
C PRO A 370 -22.85 -4.52 -7.11
N GLU A 371 -24.18 -4.57 -7.12
CA GLU A 371 -24.94 -5.77 -7.46
C GLU A 371 -25.88 -5.45 -8.61
N MET A 372 -25.79 -6.25 -9.68
CA MET A 372 -26.70 -6.15 -10.81
C MET A 372 -27.11 -7.57 -11.21
N ASP A 373 -28.36 -7.92 -10.95
CA ASP A 373 -28.78 -9.31 -11.10
C ASP A 373 -28.66 -9.79 -12.55
N ASP A 374 -29.01 -8.93 -13.52
CA ASP A 374 -28.92 -9.37 -14.92
C ASP A 374 -27.47 -9.64 -15.35
N ARG A 375 -26.50 -8.90 -14.81
CA ARG A 375 -25.11 -9.17 -15.17
C ARG A 375 -24.58 -10.41 -14.46
N GLU A 376 -25.06 -10.68 -13.24
CA GLU A 376 -24.70 -11.93 -12.60
C GLU A 376 -25.21 -13.11 -13.42
N GLU A 377 -26.49 -13.04 -13.83
CA GLU A 377 -27.07 -14.13 -14.60
C GLU A 377 -26.41 -14.27 -15.96
N GLU A 378 -26.02 -13.15 -16.58
CA GLU A 378 -25.25 -13.24 -17.82
C GLU A 378 -23.89 -13.91 -17.58
N THR A 379 -23.22 -13.58 -16.46
CA THR A 379 -21.93 -14.20 -16.18
C THR A 379 -22.07 -15.72 -16.05
N TYR A 380 -23.16 -16.17 -15.42
CA TYR A 380 -23.36 -17.61 -15.28
C TYR A 380 -23.71 -18.27 -16.59
N ALA A 381 -24.46 -17.59 -17.45
CA ALA A 381 -24.74 -18.14 -18.78
C ALA A 381 -23.46 -18.30 -19.57
N PHE A 382 -22.64 -17.25 -19.60
CA PHE A 382 -21.35 -17.35 -20.29
C PHE A 382 -20.47 -18.47 -19.71
N LEU A 383 -20.38 -18.55 -18.38
CA LEU A 383 -19.56 -19.60 -17.78
C LEU A 383 -20.11 -20.99 -18.12
N GLY A 384 -21.44 -21.14 -18.13
CA GLY A 384 -22.02 -22.43 -18.44
C GLY A 384 -21.79 -22.83 -19.89
N ALA A 385 -21.80 -21.85 -20.78
CA ALA A 385 -21.44 -22.14 -22.17
C ALA A 385 -19.98 -22.59 -22.27
N ALA A 386 -19.07 -21.97 -21.51
CA ALA A 386 -17.68 -22.47 -21.52
C ALA A 386 -17.61 -23.89 -20.97
N VAL A 387 -18.35 -24.17 -19.90
CA VAL A 387 -18.37 -25.52 -19.33
C VAL A 387 -18.92 -26.51 -20.36
N LYS A 388 -19.95 -26.11 -21.10
CA LYS A 388 -20.53 -26.99 -22.10
C LYS A 388 -19.53 -27.27 -23.21
N ALA A 389 -18.86 -26.24 -23.72
CA ALA A 389 -17.86 -26.38 -24.77
C ALA A 389 -16.62 -27.13 -24.32
N LEU A 390 -16.41 -27.31 -23.01
CA LEU A 390 -15.24 -28.05 -22.53
C LEU A 390 -15.54 -29.51 -22.20
N ARG A 391 -16.78 -29.96 -22.34
CA ARG A 391 -17.13 -31.38 -22.17
C ARG A 391 -16.51 -32.22 -23.29
N GLU B 7 24.30 20.84 3.18
CA GLU B 7 23.06 20.98 3.90
C GLU B 7 21.96 20.09 3.35
N ASN B 8 21.28 19.34 4.27
CA ASN B 8 20.02 18.65 4.02
C ASN B 8 18.85 19.54 4.44
N PRO B 9 17.67 19.39 3.83
CA PRO B 9 16.59 20.36 4.06
C PRO B 9 16.11 20.38 5.50
N ARG B 10 15.74 21.58 5.97
CA ARG B 10 15.27 21.83 7.34
C ARG B 10 13.74 21.84 7.33
N ILE B 11 13.15 20.69 7.61
CA ILE B 11 11.72 20.49 7.43
C ILE B 11 11.07 20.29 8.80
N GLY B 12 10.04 21.12 9.12
CA GLY B 12 9.45 21.10 10.46
C GLY B 12 8.52 19.91 10.70
N ARG B 13 8.16 19.69 11.98
CA ARG B 13 7.06 18.78 12.29
C ARG B 13 5.77 19.26 11.64
N ALA B 14 4.88 18.31 11.33
CA ALA B 14 3.63 18.69 10.69
C ALA B 14 2.80 19.60 11.59
N ALA B 15 2.83 19.36 12.90
CA ALA B 15 2.02 20.15 13.82
C ALA B 15 2.50 21.59 13.95
N ASP B 16 3.66 21.94 13.39
CA ASP B 16 4.30 23.21 13.70
C ASP B 16 4.24 24.21 12.54
N LEU B 17 3.48 23.92 11.48
CA LEU B 17 3.42 24.77 10.29
C LEU B 17 3.23 26.26 10.60
N TYR B 18 2.44 26.60 11.61
CA TYR B 18 2.16 28.01 11.91
C TYR B 18 3.14 28.62 12.92
N GLU B 19 4.18 27.87 13.31
CA GLU B 19 5.12 28.34 14.33
C GLU B 19 6.59 28.07 14.00
N LEU B 20 6.91 27.72 12.77
CA LEU B 20 8.28 27.33 12.46
C LEU B 20 9.24 28.48 12.77
N ILE B 21 10.42 28.14 13.25
CA ILE B 21 11.45 29.18 13.36
C ILE B 21 11.92 29.55 11.96
N PRO B 22 12.49 30.74 11.78
CA PRO B 22 12.82 31.21 10.43
C PRO B 22 13.73 30.27 9.63
N GLU B 23 14.64 29.55 10.27
CA GLU B 23 15.50 28.64 9.52
C GLU B 23 14.74 27.46 8.92
N TYR B 24 13.55 27.13 9.43
CA TYR B 24 12.79 26.00 8.93
C TYR B 24 11.67 26.39 7.98
N GLN B 25 11.45 27.69 7.78
CA GLN B 25 10.31 28.11 6.97
C GLN B 25 10.53 27.86 5.48
N PRO B 26 11.60 28.36 4.85
CA PRO B 26 11.71 28.17 3.39
C PRO B 26 11.73 26.72 2.98
N ASP B 27 12.50 25.89 3.69
CA ASP B 27 12.58 24.47 3.33
C ASP B 27 11.24 23.77 3.52
N THR B 28 10.50 24.09 4.59
CA THR B 28 9.23 23.42 4.79
C THR B 28 8.21 23.87 3.75
N TYR B 29 8.21 25.17 3.42
CA TYR B 29 7.20 25.67 2.50
C TYR B 29 7.41 25.15 1.08
N ARG B 30 8.62 24.73 0.72
CA ARG B 30 8.80 24.13 -0.60
C ARG B 30 8.92 22.61 -0.54
N ASN B 31 8.57 22.01 0.57
CA ASN B 31 8.63 20.54 0.71
C ASN B 31 7.41 20.03 1.45
N MET B 32 6.24 20.62 1.18
CA MET B 32 5.04 20.26 1.95
C MET B 32 4.57 18.84 1.67
N ASP B 33 4.94 18.27 0.51
CA ASP B 33 4.62 16.88 0.21
C ASP B 33 5.45 15.87 1.01
N LYS B 34 6.50 16.32 1.69
CA LYS B 34 7.23 15.50 2.65
C LYS B 34 6.65 15.56 4.06
N VAL B 35 5.61 16.36 4.28
CA VAL B 35 5.08 16.61 5.60
C VAL B 35 3.64 16.12 5.74
N TYR B 36 2.80 16.39 4.74
CA TYR B 36 1.37 16.14 4.74
C TYR B 36 0.98 15.24 3.58
N PRO B 37 -0.15 14.57 3.67
CA PRO B 37 -0.66 13.86 2.48
C PRO B 37 -1.05 14.87 1.42
N THR B 38 -0.82 14.48 0.16
CA THR B 38 -1.01 15.37 -0.97
C THR B 38 -1.52 14.58 -2.18
N ARG B 39 -2.16 15.31 -3.09
CA ARG B 39 -2.55 14.75 -4.37
C ARG B 39 -1.94 15.61 -5.48
N VAL B 40 -1.49 14.97 -6.55
CA VAL B 40 -0.81 15.69 -7.62
C VAL B 40 -1.86 16.36 -8.52
N ILE B 41 -1.60 17.62 -8.86
CA ILE B 41 -2.34 18.38 -9.85
C ILE B 41 -1.56 18.24 -11.16
N HIS B 42 -2.06 17.43 -12.08
CA HIS B 42 -1.29 17.04 -13.25
C HIS B 42 -1.28 18.17 -14.28
N LYS B 43 -0.11 18.44 -14.85
CA LYS B 43 -0.05 19.36 -15.97
C LYS B 43 -0.55 18.63 -17.21
N GLY B 44 -0.62 19.34 -18.32
CA GLY B 44 -0.88 18.73 -19.61
C GLY B 44 0.40 18.44 -20.39
N THR B 45 0.29 18.48 -21.70
CA THR B 45 1.46 18.44 -22.55
C THR B 45 1.72 19.75 -23.28
N LYS B 46 0.71 20.61 -23.43
CA LYS B 46 0.93 21.96 -23.91
C LYS B 46 1.09 22.92 -22.72
N VAL B 47 1.91 23.96 -22.91
CA VAL B 47 2.14 24.99 -21.90
C VAL B 47 1.79 26.34 -22.52
N ARG B 48 1.04 27.15 -21.80
CA ARG B 48 0.82 28.52 -22.26
C ARG B 48 2.09 29.32 -22.05
N PRO B 49 2.63 29.97 -23.08
CA PRO B 49 3.92 30.65 -22.93
C PRO B 49 3.80 31.87 -22.05
N LEU B 50 4.91 32.23 -21.42
CA LEU B 50 5.04 33.49 -20.67
C LEU B 50 6.28 34.20 -21.21
N PRO B 51 6.18 34.80 -22.38
CA PRO B 51 7.36 35.43 -23.00
C PRO B 51 7.85 36.61 -22.17
N ALA B 52 9.15 36.88 -22.27
CA ALA B 52 9.72 38.02 -21.57
C ALA B 52 9.19 39.32 -22.18
N GLY B 53 8.92 40.31 -21.32
CA GLY B 53 8.51 41.63 -21.73
C GLY B 53 9.64 42.62 -21.55
N VAL B 54 9.26 43.90 -21.46
CA VAL B 54 10.22 44.93 -21.08
C VAL B 54 10.46 44.83 -19.58
N ALA B 55 11.72 44.63 -19.19
CA ALA B 55 12.08 44.59 -17.78
C ALA B 55 11.80 45.91 -17.11
N ILE B 56 11.60 45.85 -15.79
CA ILE B 56 11.37 46.98 -14.91
C ILE B 56 12.23 46.83 -13.67
N ALA B 57 12.69 47.95 -13.15
CA ALA B 57 13.49 47.99 -11.93
C ALA B 57 12.86 48.98 -10.98
N PRO B 58 11.63 48.70 -10.51
CA PRO B 58 10.88 49.71 -9.73
C PRO B 58 11.55 50.05 -8.41
N ARG B 59 11.36 51.30 -8.01
CA ARG B 59 11.92 51.81 -6.77
C ARG B 59 10.84 52.63 -6.08
N TYR B 60 10.87 52.64 -4.76
CA TYR B 60 9.76 53.19 -3.99
C TYR B 60 10.30 53.70 -2.66
N ARG B 61 9.53 54.60 -2.04
CA ARG B 61 9.94 55.28 -0.82
C ARG B 61 9.17 54.76 0.39
N ILE B 62 9.91 54.50 1.47
CA ILE B 62 9.36 54.08 2.76
C ILE B 62 10.16 54.78 3.85
N GLY B 63 9.47 55.38 4.80
CA GLY B 63 10.14 56.28 5.73
C GLY B 63 10.64 57.46 4.94
N GLY B 64 11.93 57.76 5.08
CA GLY B 64 12.53 58.73 4.20
C GLY B 64 13.53 58.08 3.27
N GLU B 65 13.34 56.79 2.98
CA GLU B 65 14.33 56.01 2.25
C GLU B 65 13.77 55.53 0.93
N GLU B 66 14.66 55.26 -0.02
CA GLU B 66 14.29 54.76 -1.34
C GLU B 66 14.91 53.38 -1.55
N TYR B 67 14.10 52.47 -2.10
CA TYR B 67 14.35 51.04 -2.08
C TYR B 67 14.05 50.43 -3.44
N GLY B 68 14.94 49.54 -3.89
CA GLY B 68 14.73 48.78 -5.09
C GLY B 68 14.14 47.40 -4.81
N VAL B 69 14.05 46.60 -5.87
CA VAL B 69 13.48 45.27 -5.74
C VAL B 69 14.33 44.41 -4.80
N ASP B 70 15.66 44.51 -4.92
CA ASP B 70 16.57 43.79 -4.04
C ASP B 70 16.35 44.16 -2.58
N ASP B 71 16.20 45.46 -2.29
CA ASP B 71 15.95 45.87 -0.92
C ASP B 71 14.62 45.32 -0.41
N PHE B 72 13.57 45.43 -1.24
CA PHE B 72 12.27 44.90 -0.86
C PHE B 72 12.36 43.42 -0.53
N MET B 73 13.07 42.69 -1.38
CA MET B 73 13.22 41.26 -1.21
C MET B 73 13.92 40.96 0.11
N ARG B 74 14.95 41.74 0.43
CA ARG B 74 15.68 41.54 1.68
C ARG B 74 14.83 41.93 2.88
N ARG B 75 14.11 43.04 2.79
CA ARG B 75 13.36 43.53 3.95
C ARG B 75 12.16 42.65 4.26
N ASN B 76 11.54 42.05 3.25
CA ASN B 76 10.32 41.28 3.47
C ASN B 76 10.59 39.78 3.42
N ARG B 77 11.86 39.37 3.36
CA ARG B 77 12.27 37.98 3.25
C ARG B 77 11.45 37.26 2.17
N VAL B 78 11.60 37.77 0.96
CA VAL B 78 10.82 37.35 -0.20
C VAL B 78 11.56 36.20 -0.88
N GLY B 79 10.88 35.07 -1.03
CA GLY B 79 11.44 34.00 -1.81
C GLY B 79 11.02 34.00 -3.25
N GLY B 80 10.13 34.90 -3.64
CA GLY B 80 9.82 35.01 -5.06
C GLY B 80 8.94 36.19 -5.45
N VAL B 81 9.19 36.80 -6.60
CA VAL B 81 8.34 37.88 -7.06
C VAL B 81 8.23 37.78 -8.58
N LEU B 82 7.00 37.90 -9.08
CA LEU B 82 6.70 37.77 -10.51
C LEU B 82 5.74 38.87 -10.89
N VAL B 83 6.11 39.68 -11.88
CA VAL B 83 5.25 40.75 -12.39
C VAL B 83 5.04 40.50 -13.89
N LEU B 84 3.79 40.22 -14.26
CA LEU B 84 3.36 40.02 -15.63
C LEU B 84 2.61 41.26 -16.09
N LYS B 85 2.92 41.72 -17.29
CA LYS B 85 2.27 42.89 -17.86
C LYS B 85 1.69 42.46 -19.19
N ASP B 86 0.36 42.44 -19.27
CA ASP B 86 -0.37 41.93 -20.43
C ASP B 86 0.17 40.57 -20.88
N GLY B 87 0.43 39.69 -19.92
CA GLY B 87 0.85 38.33 -20.23
C GLY B 87 2.33 38.15 -20.47
N LYS B 88 3.12 39.19 -20.25
CA LYS B 88 4.55 39.09 -20.49
C LYS B 88 5.29 39.38 -19.19
N VAL B 89 6.40 38.67 -18.98
CA VAL B 89 7.19 38.73 -17.75
C VAL B 89 7.95 40.06 -17.72
N ALA B 90 7.51 40.98 -16.87
CA ALA B 90 8.24 42.23 -16.64
C ALA B 90 9.24 42.11 -15.49
N LEU B 91 9.00 41.17 -14.57
CA LEU B 91 9.91 40.96 -13.46
C LEU B 91 9.78 39.52 -12.98
N GLU B 92 10.90 38.87 -12.74
CA GLU B 92 10.87 37.53 -12.16
C GLU B 92 12.16 37.32 -11.39
N ARG B 93 12.06 37.34 -10.06
CA ARG B 93 13.20 37.21 -9.16
C ARG B 93 12.93 36.14 -8.11
N TYR B 94 13.97 35.42 -7.73
CA TYR B 94 13.87 34.36 -6.74
C TYR B 94 14.79 34.67 -5.56
N GLY B 95 14.42 34.19 -4.37
CA GLY B 95 15.23 34.39 -3.19
C GLY B 95 15.10 33.19 -2.28
N LEU B 96 15.81 33.27 -1.14
CA LEU B 96 15.79 32.22 -0.13
C LEU B 96 16.26 30.86 -0.65
N GLY B 97 16.99 30.82 -1.77
CA GLY B 97 17.39 29.54 -2.33
C GLY B 97 16.37 28.89 -3.25
N ASN B 98 15.25 29.56 -3.52
CA ASN B 98 14.29 29.11 -4.51
C ASN B 98 14.85 29.29 -5.93
N ASP B 99 14.33 28.48 -6.86
CA ASP B 99 14.55 28.74 -8.28
C ASP B 99 13.25 28.52 -9.04
N GLU B 100 13.38 28.55 -10.38
CA GLU B 100 12.25 28.47 -11.29
C GLU B 100 11.46 27.17 -11.11
N ARG B 101 12.09 26.14 -10.59
CA ARG B 101 11.41 24.87 -10.45
C ARG B 101 10.86 24.65 -9.04
N THR B 102 11.05 25.62 -8.14
CA THR B 102 10.55 25.47 -6.78
C THR B 102 9.03 25.46 -6.76
N ARG B 103 8.45 24.55 -5.99
CA ARG B 103 7.02 24.57 -5.74
C ARG B 103 6.76 25.00 -4.31
N TRP B 104 6.15 26.16 -4.14
CA TRP B 104 6.03 26.82 -2.85
C TRP B 104 4.57 26.78 -2.41
N THR B 105 4.35 26.54 -1.12
CA THR B 105 2.96 26.40 -0.67
C THR B 105 2.23 27.74 -0.62
N SER B 106 0.90 27.67 -0.73
CA SER B 106 0.05 28.84 -0.97
C SER B 106 -0.46 29.49 0.30
N PHE B 107 -0.62 28.70 1.36
CA PHE B 107 -1.54 29.03 2.43
C PHE B 107 -2.86 29.52 1.81
N SER B 108 -3.48 30.54 2.41
CA SER B 108 -4.83 30.94 2.01
C SER B 108 -4.93 31.43 0.57
N VAL B 109 -3.83 31.56 -0.17
CA VAL B 109 -4.00 31.94 -1.58
C VAL B 109 -4.88 30.94 -2.31
N VAL B 110 -4.86 29.66 -1.87
CA VAL B 110 -5.70 28.68 -2.56
C VAL B 110 -7.21 28.95 -2.39
N LYS B 111 -7.62 29.70 -1.36
CA LYS B 111 -9.04 30.05 -1.25
C LYS B 111 -9.56 30.62 -2.57
N SER B 112 -8.74 31.44 -3.21
CA SER B 112 -9.20 32.10 -4.43
C SER B 112 -9.15 31.14 -5.61
N ILE B 113 -8.25 30.16 -5.57
CA ILE B 113 -8.26 29.10 -6.57
C ILE B 113 -9.52 28.25 -6.45
N SER B 114 -9.81 27.76 -5.24
CA SER B 114 -11.05 27.01 -5.01
C SER B 114 -12.28 27.78 -5.50
N SER B 115 -12.38 29.06 -5.16
CA SER B 115 -13.53 29.85 -5.58
C SER B 115 -13.67 29.87 -7.09
N THR B 116 -12.55 30.01 -7.79
CA THR B 116 -12.58 30.06 -9.25
C THR B 116 -13.00 28.72 -9.84
N LEU B 117 -12.61 27.61 -9.18
CA LEU B 117 -13.11 26.31 -9.58
C LEU B 117 -14.60 26.20 -9.31
N VAL B 118 -15.07 26.82 -8.22
CA VAL B 118 -16.52 26.88 -8.06
C VAL B 118 -17.14 27.59 -9.27
N GLY B 119 -16.47 28.65 -9.74
CA GLY B 119 -16.98 29.33 -10.93
C GLY B 119 -17.07 28.39 -12.11
N ALA B 120 -16.05 27.55 -12.28
CA ALA B 120 -16.07 26.62 -13.41
C ALA B 120 -17.22 25.63 -13.26
N ALA B 121 -17.52 25.21 -12.03
CA ALA B 121 -18.61 24.29 -11.83
C ALA B 121 -19.95 24.96 -12.10
N VAL B 122 -20.06 26.25 -11.77
CA VAL B 122 -21.26 26.98 -12.11
C VAL B 122 -21.43 27.02 -13.63
N GLN B 123 -20.32 27.15 -14.35
CA GLN B 123 -20.39 27.25 -15.81
C GLN B 123 -20.87 25.95 -16.45
N GLN B 124 -20.52 24.81 -15.86
CA GLN B 124 -20.93 23.51 -16.35
C GLN B 124 -22.29 23.05 -15.81
N GLY B 125 -23.00 23.88 -15.04
CA GLY B 125 -24.27 23.45 -14.47
C GLY B 125 -24.19 22.46 -13.33
N LEU B 126 -23.10 22.46 -12.57
CA LEU B 126 -22.92 21.48 -11.50
C LEU B 126 -23.20 22.06 -10.12
N LEU B 127 -23.05 23.37 -9.94
CA LEU B 127 -23.35 24.08 -8.71
C LEU B 127 -24.09 25.36 -9.08
N ALA B 128 -24.96 25.82 -8.17
CA ALA B 128 -25.64 27.10 -8.35
C ALA B 128 -25.48 27.96 -7.09
N LEU B 129 -25.20 29.25 -7.30
CA LEU B 129 -24.93 30.17 -6.18
C LEU B 129 -26.07 30.22 -5.16
N ASP B 130 -27.32 30.04 -5.57
CA ASP B 130 -28.45 30.25 -4.68
C ASP B 130 -28.87 28.98 -3.96
N GLN B 131 -28.21 27.88 -4.21
CA GLN B 131 -28.68 26.64 -3.61
C GLN B 131 -28.01 26.45 -2.28
N PRO B 132 -28.65 25.74 -1.36
CA PRO B 132 -28.06 25.50 -0.04
C PRO B 132 -26.97 24.43 -0.03
N VAL B 133 -25.99 24.61 0.86
CA VAL B 133 -24.79 23.79 0.79
C VAL B 133 -25.06 22.36 1.23
N ASP B 134 -26.05 22.15 2.09
CA ASP B 134 -26.32 20.82 2.63
C ASP B 134 -27.06 19.94 1.64
N LYS B 135 -27.66 20.54 0.60
CA LYS B 135 -28.13 19.76 -0.55
C LYS B 135 -27.00 18.98 -1.17
N TYR B 136 -25.84 19.63 -1.36
CA TYR B 136 -24.71 18.92 -1.93
C TYR B 136 -23.95 18.16 -0.87
N LEU B 137 -23.95 18.66 0.38
CA LEU B 137 -23.16 18.10 1.47
C LEU B 137 -24.12 17.63 2.55
N PRO B 138 -24.67 16.42 2.41
CA PRO B 138 -25.61 15.90 3.41
C PRO B 138 -25.05 15.91 4.81
N SER B 139 -23.72 15.84 4.97
CA SER B 139 -23.14 15.91 6.30
C SER B 139 -23.46 17.24 7.01
N LEU B 140 -23.88 18.27 6.28
CA LEU B 140 -24.22 19.56 6.88
C LEU B 140 -25.68 19.69 7.25
N ALA B 141 -26.54 18.79 6.77
CA ALA B 141 -27.96 18.83 7.12
C ALA B 141 -28.12 18.75 8.63
N GLY B 142 -28.94 19.64 9.21
CA GLY B 142 -29.16 19.60 10.64
C GLY B 142 -28.17 20.40 11.46
N SER B 143 -27.19 21.02 10.82
CA SER B 143 -26.23 21.90 11.45
C SER B 143 -26.68 23.34 11.19
N ALA B 144 -25.89 24.30 11.69
CA ALA B 144 -26.23 25.69 11.38
C ALA B 144 -25.86 26.08 9.95
N TYR B 145 -25.27 25.18 9.16
CA TYR B 145 -25.03 25.45 7.75
C TYR B 145 -26.22 25.10 6.88
N GLN B 146 -27.20 24.39 7.42
CA GLN B 146 -28.37 24.04 6.64
C GLN B 146 -29.09 25.32 6.21
N GLY B 147 -29.33 25.45 4.91
CA GLY B 147 -29.94 26.64 4.36
C GLY B 147 -28.97 27.72 3.92
N VAL B 148 -27.70 27.63 4.32
CA VAL B 148 -26.70 28.60 3.87
C VAL B 148 -26.36 28.34 2.42
N THR B 149 -26.35 29.38 1.60
CA THR B 149 -26.18 29.21 0.15
C THR B 149 -24.70 29.15 -0.23
N VAL B 150 -24.44 28.60 -1.43
CA VAL B 150 -23.07 28.55 -1.93
C VAL B 150 -22.47 29.94 -1.98
N GLU B 151 -23.27 30.94 -2.41
CA GLU B 151 -22.79 32.32 -2.46
C GLU B 151 -22.39 32.84 -1.08
N GLN B 152 -23.19 32.55 -0.05
CA GLN B 152 -22.87 33.07 1.26
C GLN B 152 -21.60 32.41 1.80
N VAL B 153 -21.31 31.17 1.37
CA VAL B 153 -20.05 30.55 1.76
C VAL B 153 -18.90 31.25 1.07
N LEU B 154 -19.05 31.54 -0.23
CA LEU B 154 -18.01 32.25 -0.97
C LEU B 154 -17.72 33.62 -0.37
N GLN B 155 -18.73 34.24 0.24
CA GLN B 155 -18.62 35.58 0.77
C GLN B 155 -18.31 35.58 2.25
N MET B 156 -17.90 34.44 2.78
CA MET B 156 -17.64 34.28 4.21
C MET B 156 -18.75 34.93 5.05
N SER B 157 -20.00 34.66 4.68
CA SER B 157 -21.14 35.34 5.31
C SER B 157 -22.22 34.37 5.78
N SER B 158 -21.84 33.14 6.12
CA SER B 158 -22.82 32.19 6.64
C SER B 158 -23.42 32.61 7.97
N GLY B 159 -22.73 33.46 8.74
CA GLY B 159 -23.22 33.80 10.07
C GLY B 159 -23.00 32.73 11.11
N VAL B 160 -22.28 31.67 10.79
CA VAL B 160 -22.00 30.64 11.78
C VAL B 160 -20.90 31.14 12.70
N ARG B 161 -20.98 30.81 13.98
CA ARG B 161 -19.96 31.29 14.90
C ARG B 161 -18.65 30.57 14.63
N TRP B 162 -17.58 31.34 14.39
CA TRP B 162 -16.28 30.75 14.10
C TRP B 162 -15.19 31.59 14.75
N ASN B 163 -14.36 30.93 15.57
CA ASN B 163 -13.21 31.54 16.21
C ASN B 163 -11.96 31.15 15.41
N GLU B 164 -11.44 32.10 14.64
CA GLU B 164 -10.31 31.89 13.73
C GLU B 164 -8.95 32.04 14.40
N THR B 165 -8.89 32.58 15.61
CA THR B 165 -7.60 32.93 16.19
C THR B 165 -6.79 31.68 16.48
N TYR B 166 -5.58 31.64 15.94
CA TYR B 166 -4.75 30.45 16.04
C TYR B 166 -4.26 30.20 17.47
N ARG B 167 -3.60 31.19 18.08
CA ARG B 167 -2.85 30.91 19.31
C ARG B 167 -3.73 30.58 20.53
N ASP B 168 -5.05 30.47 20.37
CA ASP B 168 -5.93 29.99 21.42
C ASP B 168 -6.19 28.51 21.20
N PRO B 169 -5.81 27.64 22.14
CA PRO B 169 -5.87 26.19 21.86
C PRO B 169 -7.25 25.70 21.47
N LYS B 170 -8.30 26.23 22.09
CA LYS B 170 -9.65 25.75 21.87
C LYS B 170 -10.39 26.53 20.80
N SER B 171 -9.67 27.26 19.95
CA SER B 171 -10.33 27.95 18.85
C SER B 171 -10.72 26.96 17.76
N ASP B 172 -11.70 27.39 16.95
CA ASP B 172 -12.19 26.54 15.87
C ASP B 172 -11.10 26.27 14.85
N ARG B 173 -10.25 27.25 14.58
CA ARG B 173 -9.16 27.07 13.63
C ARG B 173 -8.20 26.01 14.12
N ARG B 174 -7.86 26.06 15.40
CA ARG B 174 -6.96 25.06 15.96
C ARG B 174 -7.60 23.70 15.94
N GLN B 175 -8.89 23.63 16.27
CA GLN B 175 -9.63 22.37 16.16
C GLN B 175 -9.54 21.81 14.75
N MET B 176 -9.75 22.66 13.75
CA MET B 176 -9.73 22.11 12.40
C MET B 176 -8.32 21.67 12.02
N PHE B 177 -7.30 22.38 12.49
CA PHE B 177 -5.93 21.93 12.27
C PHE B 177 -5.68 20.58 12.95
N ASP B 178 -6.19 20.41 14.17
CA ASP B 178 -6.08 19.14 14.87
C ASP B 178 -6.76 18.01 14.09
N ALA B 179 -7.90 18.30 13.45
CA ALA B 179 -8.58 17.29 12.66
C ALA B 179 -7.77 16.94 11.42
N GLN B 180 -7.15 17.92 10.80
CA GLN B 180 -6.25 17.61 9.68
C GLN B 180 -5.11 16.73 10.16
N LEU B 181 -4.48 17.09 11.28
CA LEU B 181 -3.35 16.31 11.79
C LEU B 181 -3.74 14.90 12.21
N ALA B 182 -4.98 14.70 12.65
CA ALA B 182 -5.43 13.33 12.96
C ALA B 182 -5.64 12.51 11.70
N GLU B 183 -5.98 13.16 10.58
CA GLU B 183 -6.15 12.48 9.28
C GLU B 183 -7.35 11.54 9.29
N ARG B 184 -8.46 11.94 9.90
CA ARG B 184 -9.66 11.13 9.80
C ARG B 184 -10.55 11.73 8.72
N PRO B 185 -10.91 10.98 7.69
CA PRO B 185 -11.75 11.54 6.63
C PRO B 185 -13.01 12.15 7.21
N GLY B 186 -13.32 13.38 6.81
CA GLY B 186 -14.54 14.03 7.26
C GLY B 186 -14.46 14.75 8.59
N GLY B 187 -13.26 14.82 9.20
CA GLY B 187 -13.13 15.51 10.47
C GLY B 187 -13.47 16.98 10.40
N ILE B 188 -13.08 17.66 9.31
CA ILE B 188 -13.40 19.08 9.17
C ILE B 188 -14.91 19.29 9.06
N LEU B 189 -15.57 18.50 8.21
CA LEU B 189 -17.03 18.60 8.10
C LEU B 189 -17.72 18.33 9.44
N ARG B 190 -17.21 17.38 10.23
CA ARG B 190 -17.83 17.13 11.53
C ARG B 190 -17.69 18.33 12.46
N LEU B 191 -16.49 18.93 12.50
CA LEU B 191 -16.33 20.17 13.27
C LEU B 191 -17.30 21.24 12.78
N LEU B 192 -17.37 21.45 11.47
CA LEU B 192 -18.27 22.50 10.97
C LEU B 192 -19.70 22.20 11.34
N ALA B 193 -20.08 20.93 11.38
CA ALA B 193 -21.47 20.60 11.67
C ALA B 193 -21.77 20.85 13.13
N SER B 194 -20.75 20.81 13.97
CA SER B 194 -20.97 21.06 15.39
C SER B 194 -21.15 22.54 15.74
N LEU B 195 -21.08 23.51 14.78
CA LEU B 195 -20.95 24.91 15.21
C LEU B 195 -22.30 25.63 15.32
N PRO B 196 -22.43 26.53 16.29
CA PRO B 196 -23.69 27.28 16.44
C PRO B 196 -23.78 28.49 15.53
N ARG B 197 -25.02 28.85 15.20
CA ARG B 197 -25.30 30.10 14.50
C ARG B 197 -25.05 31.29 15.42
N GLN B 198 -24.52 32.36 14.86
CA GLN B 198 -24.28 33.57 15.62
C GLN B 198 -25.01 34.78 15.06
N TYR B 199 -25.17 34.85 13.74
CA TYR B 199 -25.83 35.92 13.01
C TYR B 199 -26.79 35.30 12.02
N PRO B 200 -27.78 36.06 11.55
CA PRO B 200 -28.50 35.64 10.35
C PRO B 200 -27.54 35.61 9.17
N SER B 201 -27.75 34.66 8.26
CA SER B 201 -26.80 34.49 7.16
C SER B 201 -26.97 35.60 6.12
N GLY B 202 -25.87 35.91 5.44
CA GLY B 202 -25.84 37.01 4.49
C GLY B 202 -25.70 38.38 5.11
N THR B 203 -25.51 38.47 6.43
CA THR B 203 -25.51 39.78 7.07
C THR B 203 -24.17 40.21 7.63
N HIS B 204 -23.27 39.27 7.94
CA HIS B 204 -22.07 39.57 8.72
C HIS B 204 -20.88 38.77 8.22
N PHE B 205 -19.75 39.47 8.01
CA PHE B 205 -18.54 38.84 7.51
C PHE B 205 -17.74 38.23 8.67
N THR B 206 -17.38 36.97 8.52
CA THR B 206 -16.51 36.29 9.47
C THR B 206 -15.55 35.45 8.68
N TYR B 207 -14.28 35.83 8.70
CA TYR B 207 -13.29 35.06 7.95
C TYR B 207 -13.11 33.71 8.61
N SER B 208 -13.43 32.61 7.91
CA SER B 208 -13.36 31.27 8.48
C SER B 208 -12.64 30.34 7.50
N THR B 209 -11.51 29.79 7.94
CA THR B 209 -10.77 28.82 7.13
C THR B 209 -11.58 27.52 6.93
N GLY B 210 -12.41 27.14 7.91
CA GLY B 210 -13.25 25.97 7.70
C GLY B 210 -14.37 26.21 6.70
N GLU B 211 -15.06 27.33 6.86
CA GLU B 211 -16.06 27.73 5.89
C GLU B 211 -15.47 27.74 4.48
N SER B 212 -14.24 28.23 4.35
CA SER B 212 -13.62 28.24 3.04
C SER B 212 -13.31 26.83 2.52
N HIS B 213 -12.94 25.90 3.42
CA HIS B 213 -12.73 24.51 3.01
C HIS B 213 -13.98 23.91 2.36
N LEU B 214 -15.16 24.37 2.80
CA LEU B 214 -16.40 23.86 2.22
C LEU B 214 -16.40 23.93 0.69
N GLN B 215 -15.65 24.88 0.10
CA GLN B 215 -15.60 24.94 -1.37
C GLN B 215 -15.04 23.65 -1.95
N SER B 216 -13.96 23.15 -1.35
CA SER B 216 -13.36 21.87 -1.72
C SER B 216 -14.39 20.75 -1.66
N GLU B 217 -15.05 20.65 -0.51
CA GLU B 217 -16.04 19.59 -0.32
C GLU B 217 -17.21 19.70 -1.30
N LEU B 218 -17.68 20.92 -1.57
CA LEU B 218 -18.75 21.14 -2.55
C LEU B 218 -18.30 20.70 -3.94
N LEU B 219 -17.07 21.07 -4.31
CA LEU B 219 -16.57 20.73 -5.63
C LEU B 219 -16.55 19.23 -5.84
N HIS B 220 -16.01 18.50 -4.87
CA HIS B 220 -16.00 17.05 -5.03
C HIS B 220 -17.41 16.50 -5.04
N ALA B 221 -18.30 17.03 -4.20
CA ALA B 221 -19.67 16.53 -4.17
C ALA B 221 -20.40 16.74 -5.50
N ALA B 222 -20.07 17.81 -6.22
CA ALA B 222 -20.78 18.08 -7.47
C ALA B 222 -20.15 17.37 -8.67
N THR B 223 -18.83 17.19 -8.68
CA THR B 223 -18.19 16.51 -9.81
C THR B 223 -17.98 15.03 -9.58
N ARG B 224 -17.83 14.63 -8.31
CA ARG B 224 -17.52 13.26 -7.93
C ARG B 224 -16.16 12.80 -8.45
N ILE B 225 -15.23 13.73 -8.64
CA ILE B 225 -13.83 13.40 -8.90
C ILE B 225 -12.96 14.24 -7.96
N PRO B 226 -11.73 13.81 -7.68
CA PRO B 226 -10.88 14.60 -6.78
C PRO B 226 -10.73 16.01 -7.32
N VAL B 227 -10.76 16.96 -6.40
CA VAL B 227 -10.69 18.36 -6.80
C VAL B 227 -9.40 18.65 -7.56
N SER B 228 -8.30 18.01 -7.18
CA SER B 228 -7.05 18.16 -7.95
C SER B 228 -7.25 17.83 -9.42
N ASP B 229 -8.05 16.79 -9.70
CA ASP B 229 -8.30 16.37 -11.06
C ASP B 229 -9.27 17.32 -11.76
N TYR B 230 -10.23 17.88 -11.03
CA TYR B 230 -11.05 18.91 -11.65
C TYR B 230 -10.21 20.14 -11.98
N LEU B 231 -9.33 20.57 -11.06
CA LEU B 231 -8.46 21.72 -11.33
C LEU B 231 -7.61 21.45 -12.57
N SER B 232 -7.07 20.25 -12.66
CA SER B 232 -6.26 19.86 -13.81
C SER B 232 -7.07 19.93 -15.11
N GLU B 233 -8.24 19.30 -15.14
CA GLU B 233 -8.97 19.26 -16.41
C GLU B 233 -9.50 20.63 -16.81
N ARG B 234 -9.88 21.46 -15.83
CA ARG B 234 -10.45 22.76 -16.12
C ARG B 234 -9.39 23.81 -16.43
N ILE B 235 -8.23 23.73 -15.79
CA ILE B 235 -7.24 24.80 -15.86
C ILE B 235 -5.81 24.29 -16.05
N TRP B 236 -5.37 23.40 -15.15
CA TRP B 236 -3.93 23.15 -15.04
C TRP B 236 -3.40 22.48 -16.29
N ALA B 237 -4.18 21.58 -16.88
CA ALA B 237 -3.79 20.90 -18.11
C ALA B 237 -4.39 21.53 -19.36
N ARG B 238 -5.34 22.45 -19.20
CA ARG B 238 -6.01 23.04 -20.35
C ARG B 238 -5.22 24.22 -20.90
N MET B 239 -4.98 25.23 -20.08
CA MET B 239 -4.11 26.30 -20.53
C MET B 239 -2.67 25.83 -20.54
N GLY B 240 -2.39 24.77 -19.81
CA GLY B 240 -1.05 24.25 -19.72
C GLY B 240 -0.23 25.03 -18.72
N MET B 241 -0.13 24.53 -17.50
CA MET B 241 0.90 24.99 -16.60
C MET B 241 2.22 24.32 -16.97
N GLU B 242 3.32 24.94 -16.57
CA GLU B 242 4.62 24.40 -16.93
C GLU B 242 5.01 23.20 -16.07
N SER B 243 4.38 23.01 -14.91
CA SER B 243 4.78 21.95 -14.00
C SER B 243 3.55 21.43 -13.25
N ASP B 244 3.60 20.15 -12.84
CA ASP B 244 2.59 19.65 -11.92
C ASP B 244 2.54 20.53 -10.67
N GLY B 245 1.36 20.61 -10.06
CA GLY B 245 1.19 21.14 -8.72
C GLY B 245 0.91 19.99 -7.75
N PHE B 246 0.72 20.34 -6.49
CA PHE B 246 0.15 19.35 -5.62
C PHE B 246 -0.67 20.06 -4.57
N TRP B 247 -1.53 19.30 -3.89
CA TRP B 247 -2.56 19.90 -3.05
C TRP B 247 -2.67 19.08 -1.78
N GLN B 248 -2.50 19.74 -0.64
CA GLN B 248 -2.58 19.09 0.65
C GLN B 248 -3.95 18.49 0.91
N LEU B 249 -3.98 17.30 1.52
CA LEU B 249 -5.20 16.56 1.82
C LEU B 249 -5.48 16.49 3.31
N GLU B 250 -6.78 16.36 3.62
CA GLU B 250 -7.24 16.06 4.98
C GLU B 250 -6.71 14.72 5.50
N SER B 251 -6.44 13.76 4.60
CA SER B 251 -6.05 12.41 4.99
C SER B 251 -5.43 11.72 3.78
N PRO B 252 -4.62 10.66 3.98
CA PRO B 252 -4.02 9.93 2.84
C PRO B 252 -5.03 9.54 1.77
N ALA B 253 -4.80 10.01 0.54
CA ALA B 253 -5.74 9.80 -0.55
C ALA B 253 -7.12 10.32 -0.22
N GLY B 254 -7.20 11.39 0.59
CA GLY B 254 -8.48 11.98 0.96
C GLY B 254 -8.83 13.27 0.22
N GLN B 255 -9.39 14.23 0.96
CA GLN B 255 -10.00 15.46 0.45
C GLN B 255 -9.02 16.61 0.53
N GLU B 256 -8.86 17.33 -0.59
CA GLU B 256 -8.11 18.58 -0.64
C GLU B 256 -8.62 19.58 0.39
N ILE B 257 -7.70 20.29 1.04
CA ILE B 257 -8.03 21.43 1.90
C ILE B 257 -8.38 22.62 1.00
N GLY B 258 -9.65 23.04 1.04
CA GLY B 258 -10.11 24.12 0.16
C GLY B 258 -9.50 25.47 0.49
N SER B 259 -8.95 25.60 1.69
CA SER B 259 -8.56 26.89 2.23
C SER B 259 -7.06 27.06 2.40
N SER B 260 -6.26 26.03 2.15
CA SER B 260 -4.81 26.14 2.34
C SER B 260 -4.12 25.02 1.56
N GLY B 261 -2.81 25.15 1.39
CA GLY B 261 -2.00 23.98 1.09
C GLY B 261 -1.80 23.56 -0.35
N LEU B 262 -1.95 24.45 -1.33
CA LEU B 262 -1.60 24.14 -2.71
C LEU B 262 -0.16 24.59 -2.95
N SER B 263 0.60 23.81 -3.71
CA SER B 263 1.97 24.17 -4.08
C SER B 263 2.12 24.18 -5.59
N ALA B 264 2.84 25.16 -6.12
CA ALA B 264 3.05 25.27 -7.56
C ALA B 264 4.25 26.17 -7.82
N THR B 265 4.83 26.06 -9.02
CA THR B 265 5.92 26.97 -9.35
C THR B 265 5.43 28.41 -9.44
N LEU B 266 6.39 29.35 -9.36
CA LEU B 266 6.07 30.77 -9.35
C LEU B 266 5.36 31.20 -10.63
N ARG B 267 5.85 30.72 -11.78
CA ARG B 267 5.17 31.06 -13.02
C ARG B 267 3.84 30.36 -13.18
N ASP B 268 3.61 29.21 -12.54
CA ASP B 268 2.30 28.61 -12.68
C ASP B 268 1.26 29.39 -11.87
N TYR B 269 1.65 29.88 -10.68
CA TYR B 269 0.78 30.85 -10.02
C TYR B 269 0.51 32.04 -10.93
N GLY B 270 1.54 32.54 -11.61
CA GLY B 270 1.32 33.61 -12.57
C GLY B 270 0.33 33.23 -13.67
N ARG B 271 0.44 32.02 -14.20
CA ARG B 271 -0.49 31.58 -15.25
C ARG B 271 -1.91 31.56 -14.74
N PHE B 272 -2.10 31.14 -13.49
CA PHE B 272 -3.45 31.12 -12.95
C PHE B 272 -3.99 32.54 -12.79
N GLY B 273 -3.16 33.45 -12.30
CA GLY B 273 -3.55 34.85 -12.32
C GLY B 273 -3.92 35.33 -13.71
N GLN B 274 -3.14 34.92 -14.72
CA GLN B 274 -3.40 35.34 -16.09
C GLN B 274 -4.74 34.82 -16.59
N PHE B 275 -5.03 33.55 -16.26
CA PHE B 275 -6.32 32.95 -16.55
C PHE B 275 -7.44 33.82 -16.03
N VAL B 276 -7.31 34.27 -14.77
CA VAL B 276 -8.37 35.11 -14.20
C VAL B 276 -8.44 36.45 -14.91
N LEU B 277 -7.27 37.04 -15.17
CA LEU B 277 -7.18 38.33 -15.86
C LEU B 277 -7.88 38.26 -17.22
N GLU B 278 -7.65 37.17 -17.96
CA GLU B 278 -8.27 36.88 -19.25
C GLU B 278 -9.67 36.31 -19.12
N ASP B 279 -10.33 36.56 -17.99
CA ASP B 279 -11.76 36.32 -17.79
C ASP B 279 -12.10 34.85 -17.87
N GLY B 280 -11.14 33.97 -17.59
CA GLY B 280 -11.45 32.55 -17.56
C GLY B 280 -11.76 31.95 -18.91
N VAL B 281 -11.20 32.51 -19.99
CA VAL B 281 -11.25 31.91 -21.33
C VAL B 281 -9.90 31.29 -21.60
N ILE B 282 -9.89 30.07 -22.14
CA ILE B 282 -8.67 29.42 -22.61
C ILE B 282 -8.89 28.96 -24.04
N ASP B 283 -8.08 29.47 -24.97
CA ASP B 283 -8.16 29.11 -26.41
C ASP B 283 -9.59 29.21 -26.94
N GLY B 284 -10.28 30.30 -26.62
CA GLY B 284 -11.62 30.50 -27.12
C GLY B 284 -12.72 29.76 -26.41
N GLU B 285 -12.39 28.89 -25.44
CA GLU B 285 -13.39 28.20 -24.62
C GLU B 285 -13.60 28.95 -23.30
N ARG B 286 -14.86 29.26 -22.99
CA ARG B 286 -15.20 29.85 -21.70
C ARG B 286 -15.17 28.77 -20.61
N ILE B 287 -14.28 28.93 -19.64
CA ILE B 287 -14.28 28.09 -18.45
C ILE B 287 -15.08 28.73 -17.32
N LEU B 288 -15.05 30.06 -17.20
CA LEU B 288 -15.78 30.77 -16.16
C LEU B 288 -17.00 31.45 -16.74
N PRO B 289 -18.10 31.52 -15.99
CA PRO B 289 -19.28 32.23 -16.49
C PRO B 289 -18.92 33.66 -16.87
N GLU B 290 -19.49 34.13 -17.96
CA GLU B 290 -19.45 35.56 -18.22
C GLU B 290 -19.90 36.31 -16.97
N GLY B 291 -19.16 37.36 -16.63
CA GLY B 291 -19.43 38.15 -15.44
C GLY B 291 -18.96 37.56 -14.14
N TRP B 292 -18.27 36.40 -14.17
CA TRP B 292 -17.85 35.77 -12.92
C TRP B 292 -16.80 36.61 -12.20
N VAL B 293 -15.73 36.95 -12.90
CA VAL B 293 -14.67 37.73 -12.28
C VAL B 293 -15.22 39.03 -11.71
N ASP B 294 -16.06 39.74 -12.48
CA ASP B 294 -16.73 40.94 -11.96
C ASP B 294 -17.44 40.67 -10.64
N ARG B 295 -18.31 39.67 -10.63
CA ARG B 295 -19.07 39.33 -9.42
C ARG B 295 -18.13 38.99 -8.28
N ALA B 296 -17.04 38.30 -8.58
CA ALA B 296 -16.19 37.72 -7.56
C ALA B 296 -15.28 38.75 -6.94
N SER B 297 -15.07 39.87 -7.63
CA SER B 297 -14.31 41.00 -7.13
C SER B 297 -15.20 42.23 -6.90
N ARG B 298 -16.50 42.02 -6.71
CA ARG B 298 -17.46 43.11 -6.62
C ARG B 298 -17.16 44.07 -5.48
N VAL B 299 -17.32 45.37 -5.76
CA VAL B 299 -17.34 46.39 -4.73
C VAL B 299 -18.68 47.10 -4.80
N GLU B 300 -19.48 46.99 -3.74
CA GLU B 300 -20.73 47.74 -3.60
C GLU B 300 -20.73 48.43 -2.25
N ALA B 301 -20.81 49.77 -2.27
CA ALA B 301 -20.73 50.54 -1.02
C ALA B 301 -21.79 50.11 -0.03
N SER B 302 -22.98 49.70 -0.51
CA SER B 302 -24.05 49.29 0.39
C SER B 302 -23.75 47.98 1.10
N SER B 303 -22.88 47.13 0.54
CA SER B 303 -22.72 45.80 1.09
C SER B 303 -21.86 45.82 2.35
N HIS B 304 -22.19 44.93 3.30
CA HIS B 304 -21.34 44.68 4.45
C HIS B 304 -19.94 44.19 4.06
N LEU B 305 -19.72 43.88 2.78
CA LEU B 305 -18.44 43.39 2.28
C LEU B 305 -17.58 44.49 1.70
N ALA B 306 -18.03 45.75 1.75
CA ALA B 306 -17.37 46.82 1.01
C ALA B 306 -16.03 47.16 1.66
N PRO B 307 -15.05 47.57 0.86
CA PRO B 307 -13.75 47.96 1.41
C PRO B 307 -13.93 49.10 2.41
N GLY B 308 -13.38 48.93 3.59
CA GLY B 308 -13.51 49.89 4.66
C GLY B 308 -14.53 49.52 5.71
N LYS B 309 -15.43 48.58 5.42
CA LYS B 309 -16.37 48.11 6.42
C LYS B 309 -15.87 46.90 7.21
N LEU B 310 -14.97 46.10 6.64
CA LEU B 310 -14.52 44.90 7.33
C LEU B 310 -13.64 45.23 8.53
N TYR B 311 -13.72 44.36 9.54
CA TYR B 311 -13.04 44.57 10.82
C TYR B 311 -13.41 45.93 11.41
N ASP B 312 -14.71 46.24 11.32
CA ASP B 312 -15.34 47.47 11.82
C ASP B 312 -14.56 48.72 11.39
N GLY B 313 -14.05 48.70 10.17
CA GLY B 313 -13.43 49.86 9.58
C GLY B 313 -11.92 49.86 9.56
N GLU B 314 -11.28 48.92 10.25
CA GLU B 314 -9.84 49.01 10.42
C GLU B 314 -9.04 48.35 9.31
N TYR B 315 -9.70 47.71 8.34
CA TYR B 315 -8.98 47.13 7.21
C TYR B 315 -9.41 47.84 5.94
N ALA B 316 -8.43 48.13 5.09
CA ALA B 316 -8.73 48.88 3.88
C ALA B 316 -9.43 48.05 2.82
N LEU B 317 -9.29 46.72 2.85
CA LEU B 317 -9.76 45.85 1.77
C LEU B 317 -11.14 45.31 2.09
N GLY B 318 -11.95 45.13 1.05
CA GLY B 318 -13.22 44.44 1.16
C GLY B 318 -13.07 42.98 0.77
N TYR B 319 -14.20 42.32 0.52
CA TYR B 319 -14.16 40.90 0.23
C TYR B 319 -15.11 40.58 -0.93
N GLY B 320 -14.74 39.58 -1.70
CA GLY B 320 -15.54 39.19 -2.85
C GLY B 320 -15.93 37.73 -2.74
N TYR B 321 -15.71 36.95 -3.81
CA TYR B 321 -15.87 35.50 -3.79
C TYR B 321 -14.51 34.87 -3.44
N GLN B 322 -14.16 34.97 -2.14
CA GLN B 322 -12.85 34.54 -1.63
C GLN B 322 -11.70 35.30 -2.27
N TRP B 323 -11.93 36.54 -2.70
CA TRP B 323 -10.88 37.44 -3.10
C TRP B 323 -10.97 38.68 -2.21
N TRP B 324 -9.83 39.29 -1.91
CA TRP B 324 -9.82 40.55 -1.19
C TRP B 324 -9.85 41.67 -2.21
N THR B 325 -10.68 42.68 -1.98
CA THR B 325 -10.90 43.74 -2.95
C THR B 325 -10.23 45.03 -2.48
N PHE B 326 -9.54 45.69 -3.39
CA PHE B 326 -8.89 46.97 -3.12
C PHE B 326 -9.89 48.11 -3.25
N PRO B 327 -9.74 49.17 -2.44
CA PRO B 327 -10.70 50.29 -2.52
C PRO B 327 -10.68 50.95 -3.89
N VAL B 328 -11.81 51.54 -4.28
CA VAL B 328 -11.94 52.27 -5.54
C VAL B 328 -12.45 53.68 -5.24
N GLY B 329 -12.32 54.55 -6.24
CA GLY B 329 -12.68 55.95 -6.04
C GLY B 329 -11.63 56.71 -5.24
N ALA B 330 -12.11 57.60 -4.35
CA ALA B 330 -11.20 58.46 -3.60
C ALA B 330 -10.33 57.64 -2.64
N LYS B 331 -10.91 56.60 -2.03
CA LYS B 331 -10.26 55.75 -1.03
C LYS B 331 -9.20 54.83 -1.63
N ALA B 332 -9.03 54.81 -2.95
CA ALA B 332 -8.03 53.96 -3.57
C ALA B 332 -6.68 54.13 -2.90
N LEU B 333 -5.97 53.01 -2.75
CA LEU B 333 -4.57 53.07 -2.36
C LEU B 333 -3.77 53.52 -3.58
N PRO B 334 -2.66 54.24 -3.36
CA PRO B 334 -1.87 54.75 -4.48
C PRO B 334 -1.54 53.66 -5.51
N GLU B 335 -1.84 53.95 -6.78
CA GLU B 335 -1.54 53.11 -7.93
C GLU B 335 -2.33 51.80 -7.94
N HIS B 336 -3.34 51.64 -7.08
CA HIS B 336 -4.15 50.43 -7.01
C HIS B 336 -5.62 50.73 -7.26
N ASP B 337 -5.93 51.77 -8.02
CA ASP B 337 -7.30 52.06 -8.40
C ASP B 337 -7.71 51.23 -9.62
N GLY B 338 -9.01 51.25 -9.90
CA GLY B 338 -9.56 50.59 -11.07
C GLY B 338 -10.22 49.26 -10.81
N GLY B 339 -10.23 48.79 -9.57
CA GLY B 339 -10.86 47.52 -9.25
C GLY B 339 -9.87 46.36 -9.17
N ALA B 340 -8.71 46.61 -8.55
CA ALA B 340 -7.74 45.56 -8.32
C ALA B 340 -8.21 44.65 -7.18
N PHE B 341 -7.74 43.41 -7.19
CA PHE B 341 -8.13 42.48 -6.13
C PHE B 341 -7.03 41.45 -5.98
N GLU B 342 -7.10 40.66 -4.91
CA GLU B 342 -5.95 39.78 -4.63
C GLU B 342 -6.37 38.56 -3.81
N ALA B 343 -5.62 37.50 -3.98
CA ALA B 343 -5.53 36.43 -3.01
C ALA B 343 -4.35 36.72 -2.08
N GLN B 344 -4.44 36.26 -0.82
CA GLN B 344 -3.32 36.41 0.08
C GLN B 344 -3.30 35.29 1.10
N GLY B 345 -2.12 35.05 1.64
CA GLY B 345 -1.91 33.99 2.59
C GLY B 345 -0.92 34.46 3.63
N ILE B 346 -1.04 33.86 4.82
CA ILE B 346 -0.16 34.28 5.90
C ILE B 346 1.31 34.08 5.55
N PHE B 347 2.18 34.80 6.27
CA PHE B 347 3.63 34.88 6.10
C PHE B 347 4.03 35.57 4.80
N GLY B 348 3.09 36.23 4.12
CA GLY B 348 3.40 37.05 2.97
C GLY B 348 3.17 36.45 1.59
N GLN B 349 2.08 35.72 1.36
CA GLN B 349 1.83 35.20 0.02
C GLN B 349 0.76 36.06 -0.66
N TYR B 350 1.00 36.41 -1.93
CA TYR B 350 0.08 37.29 -2.63
C TYR B 350 -0.09 36.86 -4.06
N LEU B 351 -1.33 36.94 -4.54
CA LEU B 351 -1.61 36.85 -5.98
C LEU B 351 -2.51 38.03 -6.34
N TYR B 352 -1.91 39.06 -6.91
CA TYR B 352 -2.52 40.37 -7.14
C TYR B 352 -2.94 40.46 -8.60
N ILE B 353 -4.18 40.91 -8.85
CA ILE B 353 -4.72 40.98 -10.20
C ILE B 353 -5.27 42.38 -10.42
N ASN B 354 -4.67 43.10 -11.36
CA ASN B 354 -5.10 44.45 -11.73
C ASN B 354 -5.59 44.41 -13.17
N ARG B 355 -6.90 44.34 -13.36
CA ARG B 355 -7.40 44.17 -14.72
C ARG B 355 -7.25 45.44 -15.54
N LYS B 356 -7.56 46.60 -14.95
CA LYS B 356 -7.31 47.90 -15.60
C LYS B 356 -5.92 47.94 -16.24
N GLU B 357 -4.89 47.65 -15.46
CA GLU B 357 -3.52 47.71 -15.94
C GLU B 357 -3.06 46.45 -16.64
N LYS B 358 -3.89 45.40 -16.68
CA LYS B 358 -3.50 44.11 -17.28
C LYS B 358 -2.27 43.50 -16.59
N ILE B 359 -2.25 43.57 -15.26
CA ILE B 359 -1.10 43.18 -14.46
C ILE B 359 -1.45 41.96 -13.60
N VAL B 360 -0.57 40.95 -13.61
CA VAL B 360 -0.62 39.89 -12.60
C VAL B 360 0.67 39.93 -11.80
N ALA B 361 0.57 39.82 -10.48
CA ALA B 361 1.77 39.79 -9.64
C ALA B 361 1.69 38.66 -8.63
N VAL B 362 2.80 37.95 -8.43
CA VAL B 362 2.91 36.89 -7.45
C VAL B 362 4.03 37.24 -6.49
N VAL B 363 3.76 37.11 -5.19
CA VAL B 363 4.76 37.35 -4.16
C VAL B 363 4.76 36.13 -3.26
N TRP B 364 5.94 35.52 -3.08
CA TRP B 364 6.22 34.49 -2.11
C TRP B 364 7.12 35.05 -1.02
N SER B 365 6.73 34.89 0.24
CA SER B 365 7.52 35.41 1.34
C SER B 365 7.59 34.39 2.47
N ALA B 366 8.49 34.67 3.42
CA ALA B 366 8.61 33.90 4.63
C ALA B 366 8.78 34.89 5.79
N TRP B 367 7.74 35.68 6.05
CA TRP B 367 7.77 36.57 7.21
C TRP B 367 7.90 35.72 8.47
N PRO B 368 8.55 36.25 9.50
CA PRO B 368 8.69 35.46 10.74
C PRO B 368 7.35 35.17 11.43
N LYS B 369 6.44 36.14 11.48
CA LYS B 369 5.10 35.96 12.00
C LYS B 369 4.07 35.92 10.87
N PRO B 370 2.87 35.34 11.11
CA PRO B 370 1.88 35.20 10.02
C PRO B 370 1.33 36.54 9.49
N GLU B 371 1.02 37.47 10.38
CA GLU B 371 0.53 38.82 10.11
C GLU B 371 1.54 39.84 10.63
N MET B 372 2.14 40.59 9.71
CA MET B 372 2.81 41.83 10.06
C MET B 372 2.23 42.92 9.17
N ASP B 373 1.58 43.91 9.79
CA ASP B 373 0.95 45.00 9.04
C ASP B 373 1.97 45.76 8.23
N ASP B 374 3.14 46.02 8.82
CA ASP B 374 4.15 46.83 8.16
C ASP B 374 4.69 46.14 6.92
N ARG B 375 4.85 44.81 6.97
CA ARG B 375 5.30 44.11 5.77
C ARG B 375 4.20 44.06 4.70
N GLU B 376 2.94 43.92 5.13
CA GLU B 376 1.84 44.02 4.16
C GLU B 376 1.86 45.39 3.47
N GLU B 377 1.97 46.46 4.25
CA GLU B 377 2.00 47.81 3.70
C GLU B 377 3.20 48.00 2.77
N GLU B 378 4.35 47.44 3.12
CA GLU B 378 5.51 47.57 2.23
C GLU B 378 5.30 46.78 0.94
N THR B 379 4.62 45.62 1.01
CA THR B 379 4.33 44.92 -0.23
C THR B 379 3.40 45.74 -1.12
N TYR B 380 2.37 46.37 -0.55
CA TYR B 380 1.53 47.20 -1.43
C TYR B 380 2.32 48.38 -1.98
N ALA B 381 3.28 48.91 -1.23
CA ALA B 381 4.09 50.01 -1.74
C ALA B 381 4.97 49.56 -2.89
N PHE B 382 5.56 48.38 -2.77
CA PHE B 382 6.39 47.82 -3.83
C PHE B 382 5.55 47.51 -5.07
N LEU B 383 4.39 46.88 -4.89
CA LEU B 383 3.55 46.55 -6.03
C LEU B 383 3.08 47.82 -6.75
N GLY B 384 2.68 48.85 -5.99
CA GLY B 384 2.34 50.13 -6.60
C GLY B 384 3.49 50.73 -7.38
N ALA B 385 4.72 50.67 -6.83
CA ALA B 385 5.88 51.09 -7.60
C ALA B 385 6.01 50.30 -8.91
N ALA B 386 5.66 49.01 -8.88
CA ALA B 386 5.78 48.20 -10.09
C ALA B 386 4.70 48.56 -11.13
N VAL B 387 3.47 48.74 -10.68
CA VAL B 387 2.39 49.23 -11.54
C VAL B 387 2.79 50.57 -12.18
N LYS B 388 3.34 51.48 -11.38
CA LYS B 388 3.82 52.76 -11.89
C LYS B 388 4.93 52.57 -12.93
N ALA B 389 5.94 51.77 -12.62
CA ALA B 389 7.02 51.55 -13.57
C ALA B 389 6.51 50.96 -14.89
N LEU B 390 5.46 50.15 -14.83
CA LEU B 390 4.94 49.57 -16.06
C LEU B 390 4.02 50.52 -16.82
N ARG B 391 3.71 51.68 -16.26
CA ARG B 391 3.02 52.73 -17.02
C ARG B 391 4.06 53.48 -17.84
N GLU C 7 15.54 -12.66 -0.68
CA GLU C 7 15.19 -12.86 0.72
C GLU C 7 14.24 -11.76 1.18
N ASN C 8 12.98 -12.12 1.42
CA ASN C 8 11.97 -11.13 1.83
C ASN C 8 11.92 -11.05 3.35
N PRO C 9 12.24 -9.90 3.94
CA PRO C 9 12.31 -9.80 5.40
C PRO C 9 10.99 -10.18 6.06
N ARG C 10 11.11 -10.80 7.24
CA ARG C 10 10.01 -11.27 8.05
C ARG C 10 9.69 -10.15 9.04
N ILE C 11 8.80 -9.23 8.66
CA ILE C 11 8.55 -8.00 9.40
C ILE C 11 7.17 -8.05 10.07
N GLY C 12 7.12 -7.85 11.40
CA GLY C 12 5.86 -8.00 12.10
C GLY C 12 4.86 -6.83 11.90
N ARG C 13 3.65 -7.04 12.41
CA ARG C 13 2.68 -5.97 12.54
C ARG C 13 3.18 -4.94 13.54
N ALA C 14 2.94 -3.66 13.23
CA ALA C 14 3.40 -2.58 14.10
C ALA C 14 2.93 -2.76 15.53
N ALA C 15 1.71 -3.26 15.72
CA ALA C 15 1.17 -3.44 17.06
C ALA C 15 1.86 -4.55 17.83
N ASP C 16 2.63 -5.42 17.16
CA ASP C 16 3.15 -6.63 17.79
C ASP C 16 4.61 -6.52 18.21
N LEU C 17 5.19 -5.32 18.19
CA LEU C 17 6.62 -5.14 18.43
C LEU C 17 7.11 -5.87 19.67
N TYR C 18 6.32 -5.86 20.73
CA TYR C 18 6.83 -6.38 21.99
C TYR C 18 6.49 -7.86 22.18
N GLU C 19 5.98 -8.50 21.12
CA GLU C 19 5.48 -9.87 21.17
C GLU C 19 5.88 -10.70 19.96
N LEU C 20 6.82 -10.25 19.12
CA LEU C 20 7.16 -10.97 17.91
C LEU C 20 7.73 -12.35 18.24
N ILE C 21 7.46 -13.33 17.38
CA ILE C 21 8.08 -14.64 17.46
C ILE C 21 9.51 -14.55 16.95
N PRO C 22 10.38 -15.47 17.35
CA PRO C 22 11.81 -15.27 17.11
C PRO C 22 12.18 -15.11 15.63
N GLU C 23 11.50 -15.85 14.75
CA GLU C 23 11.75 -15.74 13.32
C GLU C 23 11.53 -14.32 12.79
N TYR C 24 10.79 -13.50 13.52
CA TYR C 24 10.42 -12.15 13.08
C TYR C 24 11.19 -11.04 13.81
N GLN C 25 12.01 -11.37 14.79
CA GLN C 25 12.64 -10.33 15.59
C GLN C 25 13.80 -9.69 14.83
N PRO C 26 14.77 -10.45 14.32
CA PRO C 26 15.90 -9.77 13.66
C PRO C 26 15.49 -8.92 12.47
N ASP C 27 14.58 -9.42 11.62
CA ASP C 27 14.18 -8.64 10.44
C ASP C 27 13.44 -7.37 10.85
N THR C 28 12.58 -7.45 11.87
CA THR C 28 11.81 -6.29 12.25
C THR C 28 12.69 -5.25 12.90
N TYR C 29 13.61 -5.68 13.77
CA TYR C 29 14.48 -4.75 14.50
C TYR C 29 15.41 -3.97 13.58
N ARG C 30 15.68 -4.46 12.38
CA ARG C 30 16.53 -3.72 11.46
C ARG C 30 15.74 -3.10 10.32
N ASN C 31 14.41 -3.15 10.39
CA ASN C 31 13.57 -2.55 9.38
C ASN C 31 12.44 -1.74 10.00
N MET C 32 12.69 -1.08 11.14
CA MET C 32 11.64 -0.32 11.81
C MET C 32 11.08 0.82 10.94
N ASP C 33 11.85 1.32 9.98
CA ASP C 33 11.35 2.36 9.07
C ASP C 33 10.33 1.81 8.08
N LYS C 34 10.18 0.50 8.01
CA LYS C 34 9.11 -0.08 7.22
C LYS C 34 7.88 -0.34 8.04
N VAL C 35 7.90 -0.04 9.34
CA VAL C 35 6.82 -0.38 10.23
C VAL C 35 6.17 0.84 10.87
N TYR C 36 6.96 1.82 11.29
CA TYR C 36 6.50 3.03 11.97
C TYR C 36 6.89 4.27 11.16
N PRO C 37 6.21 5.41 11.36
CA PRO C 37 6.76 6.68 10.84
C PRO C 37 8.10 6.99 11.49
N THR C 38 9.01 7.56 10.71
CA THR C 38 10.36 7.85 11.17
C THR C 38 10.83 9.18 10.59
N ARG C 39 11.87 9.74 11.21
CA ARG C 39 12.62 10.85 10.66
C ARG C 39 14.08 10.45 10.59
N VAL C 40 14.77 10.90 9.53
CA VAL C 40 16.18 10.57 9.33
C VAL C 40 17.05 11.41 10.26
N ILE C 41 18.09 10.80 10.83
CA ILE C 41 19.16 11.52 11.53
C ILE C 41 20.35 11.60 10.59
N HIS C 42 20.61 12.78 10.05
CA HIS C 42 21.55 12.86 8.95
C HIS C 42 22.99 12.88 9.44
N LYS C 43 23.84 12.15 8.73
CA LYS C 43 25.27 12.23 8.98
C LYS C 43 25.78 13.53 8.36
N GLY C 44 27.06 13.80 8.58
CA GLY C 44 27.76 14.91 7.97
C GLY C 44 28.57 14.50 6.77
N THR C 45 29.63 15.27 6.51
CA THR C 45 30.54 15.07 5.39
C THR C 45 31.81 14.30 5.77
N LYS C 46 32.36 14.55 6.95
CA LYS C 46 33.49 13.80 7.47
C LYS C 46 32.99 12.69 8.40
N VAL C 47 33.73 11.58 8.42
CA VAL C 47 33.42 10.47 9.31
C VAL C 47 34.60 10.29 10.26
N ARG C 48 34.33 10.28 11.55
CA ARG C 48 35.41 10.04 12.51
C ARG C 48 35.82 8.57 12.46
N PRO C 49 37.09 8.27 12.24
CA PRO C 49 37.47 6.85 12.10
C PRO C 49 37.41 6.13 13.43
N LEU C 50 37.18 4.81 13.36
CA LEU C 50 37.41 3.93 14.50
C LEU C 50 38.54 2.98 14.12
N PRO C 51 39.79 3.34 14.34
CA PRO C 51 40.91 2.48 13.91
C PRO C 51 40.90 1.12 14.59
N ALA C 52 41.50 0.14 13.90
CA ALA C 52 41.70 -1.17 14.48
C ALA C 52 42.62 -1.13 15.69
N GLY C 53 42.24 -1.82 16.76
CA GLY C 53 43.09 -2.02 17.89
C GLY C 53 43.62 -3.44 17.95
N VAL C 54 44.10 -3.81 19.14
CA VAL C 54 44.53 -5.19 19.37
C VAL C 54 43.30 -6.06 19.60
N ALA C 55 43.11 -7.03 18.71
CA ALA C 55 42.00 -7.96 18.86
C ALA C 55 42.10 -8.71 20.19
N ILE C 56 40.98 -8.78 20.87
CA ILE C 56 40.84 -9.53 22.11
C ILE C 56 39.92 -10.71 21.87
N ALA C 57 40.14 -11.77 22.66
CA ALA C 57 39.37 -13.00 22.62
C ALA C 57 38.95 -13.31 24.05
N PRO C 58 38.06 -12.49 24.62
CA PRO C 58 37.71 -12.67 26.02
C PRO C 58 37.06 -14.01 26.23
N ARG C 59 37.25 -14.56 27.43
CA ARG C 59 36.64 -15.82 27.81
C ARG C 59 36.14 -15.68 29.23
N TYR C 60 35.05 -16.38 29.54
CA TYR C 60 34.51 -16.34 30.89
C TYR C 60 33.93 -17.70 31.21
N ARG C 61 33.75 -17.96 32.51
CA ARG C 61 33.23 -19.24 32.96
C ARG C 61 31.82 -19.07 33.48
N ILE C 62 30.91 -19.86 32.94
CA ILE C 62 29.54 -19.97 33.44
C ILE C 62 29.27 -21.45 33.68
N GLY C 63 28.66 -21.77 34.81
CA GLY C 63 28.61 -23.13 35.30
C GLY C 63 30.01 -23.62 35.65
N GLY C 64 30.49 -24.63 34.94
CA GLY C 64 31.88 -25.01 35.05
C GLY C 64 32.56 -24.91 33.71
N GLU C 65 31.95 -24.14 32.80
CA GLU C 65 32.36 -24.15 31.41
C GLU C 65 33.02 -22.84 31.01
N GLU C 66 34.03 -22.97 30.15
CA GLU C 66 34.62 -21.86 29.40
C GLU C 66 33.74 -21.50 28.21
N TYR C 67 33.50 -20.20 28.05
CA TYR C 67 32.79 -19.66 26.89
C TYR C 67 33.56 -18.48 26.34
N GLY C 68 33.69 -18.42 25.01
CA GLY C 68 34.25 -17.29 24.33
C GLY C 68 33.20 -16.45 23.63
N VAL C 69 33.67 -15.62 22.69
CA VAL C 69 32.78 -14.67 22.03
C VAL C 69 31.70 -15.41 21.23
N ASP C 70 32.10 -16.40 20.43
CA ASP C 70 31.15 -17.17 19.62
C ASP C 70 30.08 -17.81 20.49
N ASP C 71 30.48 -18.39 21.62
CA ASP C 71 29.53 -19.08 22.47
C ASP C 71 28.57 -18.09 23.14
N PHE C 72 29.12 -16.96 23.61
CA PHE C 72 28.28 -15.89 24.14
C PHE C 72 27.19 -15.53 23.15
N MET C 73 27.58 -15.46 21.88
CA MET C 73 26.73 -14.89 20.86
C MET C 73 25.64 -15.88 20.49
N ARG C 74 26.03 -17.14 20.24
CA ARG C 74 25.05 -18.19 19.96
C ARG C 74 24.13 -18.46 21.15
N ARG C 75 24.63 -18.33 22.39
CA ARG C 75 23.79 -18.64 23.54
C ARG C 75 22.77 -17.54 23.82
N ASN C 76 23.12 -16.29 23.57
CA ASN C 76 22.21 -15.21 23.92
C ASN C 76 21.56 -14.56 22.71
N ARG C 77 21.68 -15.19 21.54
CA ARG C 77 21.14 -14.69 20.28
C ARG C 77 21.51 -13.22 20.10
N VAL C 78 22.81 -13.00 20.02
CA VAL C 78 23.39 -11.66 19.94
C VAL C 78 23.59 -11.32 18.46
N GLY C 79 22.99 -10.22 18.02
CA GLY C 79 23.19 -9.76 16.68
C GLY C 79 24.37 -8.84 16.49
N GLY C 80 24.99 -8.38 17.57
CA GLY C 80 26.16 -7.56 17.35
C GLY C 80 26.94 -7.31 18.62
N VAL C 81 28.27 -7.23 18.51
CA VAL C 81 29.13 -6.90 19.64
C VAL C 81 30.24 -5.99 19.15
N LEU C 82 30.40 -4.87 19.82
CA LEU C 82 31.50 -3.97 19.54
C LEU C 82 32.13 -3.58 20.85
N VAL C 83 33.44 -3.74 20.97
CA VAL C 83 34.19 -3.28 22.12
C VAL C 83 35.30 -2.37 21.62
N LEU C 84 35.26 -1.12 22.09
CA LEU C 84 36.24 -0.07 21.82
C LEU C 84 37.06 0.12 23.09
N LYS C 85 38.37 0.24 22.91
CA LYS C 85 39.29 0.56 24.00
C LYS C 85 40.09 1.76 23.53
N ASP C 86 40.02 2.86 24.28
CA ASP C 86 40.70 4.09 23.92
C ASP C 86 40.36 4.54 22.50
N GLY C 87 39.11 4.32 22.10
CA GLY C 87 38.69 4.72 20.77
C GLY C 87 39.06 3.77 19.64
N LYS C 88 39.64 2.62 19.92
CA LYS C 88 40.08 1.72 18.88
C LYS C 88 39.32 0.41 18.99
N VAL C 89 39.03 -0.21 17.85
CA VAL C 89 38.20 -1.40 17.85
C VAL C 89 39.01 -2.58 18.39
N ALA C 90 38.61 -3.07 19.56
CA ALA C 90 39.21 -4.27 20.11
C ALA C 90 38.45 -5.53 19.71
N LEU C 91 37.13 -5.41 19.51
CA LEU C 91 36.31 -6.54 19.07
C LEU C 91 35.11 -6.02 18.28
N GLU C 92 34.76 -6.72 17.19
CA GLU C 92 33.63 -6.34 16.36
C GLU C 92 33.10 -7.58 15.67
N ARG C 93 31.89 -7.99 16.03
CA ARG C 93 31.27 -9.18 15.47
C ARG C 93 29.80 -8.95 15.24
N TYR C 94 29.29 -9.49 14.15
CA TYR C 94 27.89 -9.40 13.75
C TYR C 94 27.29 -10.79 13.75
N GLY C 95 26.00 -10.87 14.08
CA GLY C 95 25.28 -12.12 14.00
C GLY C 95 23.87 -11.90 13.47
N LEU C 96 23.11 -12.99 13.44
CA LEU C 96 21.70 -13.03 13.06
C LEU C 96 21.42 -12.54 11.65
N GLY C 97 22.45 -12.43 10.81
CA GLY C 97 22.31 -11.85 9.50
C GLY C 97 22.71 -10.38 9.40
N ASN C 98 23.16 -9.76 10.49
CA ASN C 98 23.58 -8.38 10.45
C ASN C 98 24.97 -8.24 9.84
N ASP C 99 25.25 -7.03 9.36
CA ASP C 99 26.58 -6.67 8.89
C ASP C 99 26.84 -5.22 9.25
N GLU C 100 27.93 -4.66 8.73
CA GLU C 100 28.41 -3.35 9.16
C GLU C 100 27.46 -2.22 8.77
N ARG C 101 26.50 -2.47 7.89
CA ARG C 101 25.58 -1.45 7.43
C ARG C 101 24.19 -1.61 8.01
N THR C 102 23.93 -2.71 8.72
CA THR C 102 22.65 -2.86 9.41
C THR C 102 22.39 -1.67 10.33
N ARG C 103 21.13 -1.25 10.38
CA ARG C 103 20.68 -0.28 11.37
C ARG C 103 19.69 -0.98 12.26
N TRP C 104 20.05 -1.14 13.53
CA TRP C 104 19.32 -1.95 14.49
C TRP C 104 18.67 -1.02 15.50
N THR C 105 17.45 -1.36 15.92
CA THR C 105 16.69 -0.48 16.79
C THR C 105 17.21 -0.59 18.23
N SER C 106 16.97 0.46 19.00
CA SER C 106 17.65 0.69 20.26
C SER C 106 16.84 0.23 21.47
N PHE C 107 15.54 0.05 21.29
CA PHE C 107 14.61 0.14 22.41
C PHE C 107 15.05 1.24 23.39
N SER C 108 14.99 0.96 24.70
CA SER C 108 15.23 1.97 25.72
C SER C 108 16.66 2.51 25.75
N VAL C 109 17.59 1.95 24.97
CA VAL C 109 18.91 2.55 24.87
C VAL C 109 18.80 4.03 24.53
N VAL C 110 17.77 4.38 23.74
CA VAL C 110 17.69 5.79 23.31
C VAL C 110 17.32 6.75 24.45
N LYS C 111 16.77 6.26 25.56
CA LYS C 111 16.57 7.15 26.70
C LYS C 111 17.89 7.86 27.05
N SER C 112 19.00 7.13 27.01
CA SER C 112 20.27 7.75 27.39
C SER C 112 20.72 8.74 26.32
N ILE C 113 20.34 8.50 25.07
CA ILE C 113 20.64 9.46 24.02
C ILE C 113 19.82 10.73 24.25
N SER C 114 18.54 10.57 24.61
CA SER C 114 17.71 11.75 24.84
C SER C 114 18.27 12.59 25.97
N SER C 115 18.70 11.92 27.04
CA SER C 115 19.29 12.58 28.19
C SER C 115 20.50 13.40 27.78
N THR C 116 21.35 12.82 26.94
CA THR C 116 22.54 13.51 26.49
C THR C 116 22.19 14.74 25.65
N LEU C 117 21.11 14.66 24.86
CA LEU C 117 20.66 15.85 24.11
C LEU C 117 20.10 16.90 25.07
N VAL C 118 19.41 16.47 26.13
CA VAL C 118 19.02 17.47 27.12
C VAL C 118 20.27 18.16 27.65
N GLY C 119 21.34 17.37 27.85
CA GLY C 119 22.61 17.94 28.24
C GLY C 119 23.08 19.00 27.25
N ALA C 120 23.01 18.68 25.95
CA ALA C 120 23.44 19.67 24.95
C ALA C 120 22.61 20.95 25.07
N ALA C 121 21.30 20.82 25.26
CA ALA C 121 20.40 21.96 25.38
C ALA C 121 20.70 22.77 26.65
N VAL C 122 21.16 22.11 27.71
CA VAL C 122 21.59 22.83 28.90
C VAL C 122 22.84 23.63 28.62
N GLN C 123 23.73 23.10 27.78
CA GLN C 123 24.97 23.82 27.44
C GLN C 123 24.65 25.06 26.63
N GLN C 124 23.67 24.97 25.74
CA GLN C 124 23.29 26.13 24.95
C GLN C 124 22.37 27.08 25.70
N GLY C 125 22.00 26.78 26.93
CA GLY C 125 21.08 27.62 27.68
C GLY C 125 19.63 27.48 27.31
N LEU C 126 19.26 26.49 26.51
CA LEU C 126 17.87 26.36 26.11
C LEU C 126 17.03 25.59 27.12
N LEU C 127 17.65 24.89 28.06
CA LEU C 127 16.98 24.17 29.12
C LEU C 127 17.79 24.36 30.40
N ALA C 128 17.12 24.30 31.54
CA ALA C 128 17.83 24.34 32.82
C ALA C 128 17.29 23.24 33.73
N LEU C 129 18.19 22.63 34.50
CA LEU C 129 17.85 21.46 35.28
C LEU C 129 16.81 21.75 36.36
N ASP C 130 16.89 22.91 37.01
CA ASP C 130 15.96 23.21 38.08
C ASP C 130 14.74 23.99 37.60
N GLN C 131 14.47 23.97 36.32
CA GLN C 131 13.28 24.69 35.91
C GLN C 131 12.11 23.71 35.73
N PRO C 132 10.87 24.14 35.96
CA PRO C 132 9.73 23.22 35.84
C PRO C 132 9.36 22.95 34.39
N VAL C 133 9.00 21.69 34.09
CA VAL C 133 8.75 21.26 32.72
C VAL C 133 7.57 22.02 32.11
N ASP C 134 6.67 22.53 32.94
CA ASP C 134 5.54 23.27 32.41
C ASP C 134 5.92 24.69 32.03
N LYS C 135 7.09 25.17 32.42
CA LYS C 135 7.64 26.37 31.78
C LYS C 135 7.78 26.17 30.27
N TYR C 136 8.25 24.99 29.86
CA TYR C 136 8.48 24.73 28.43
C TYR C 136 7.32 24.03 27.74
N LEU C 137 6.48 23.31 28.48
CA LEU C 137 5.34 22.57 27.95
C LEU C 137 4.08 23.11 28.60
N PRO C 138 3.56 24.26 28.12
CA PRO C 138 2.41 24.89 28.79
C PRO C 138 1.16 24.02 28.88
N SER C 139 1.01 23.00 28.03
CA SER C 139 -0.11 22.09 28.16
C SER C 139 0.02 21.11 29.32
N LEU C 140 1.12 21.16 30.08
CA LEU C 140 1.22 20.43 31.33
C LEU C 140 0.88 21.29 32.54
N ALA C 141 0.64 22.59 32.37
CA ALA C 141 0.12 23.39 33.45
C ALA C 141 -1.19 22.80 33.96
N GLY C 142 -1.33 22.69 35.28
CA GLY C 142 -2.50 22.07 35.87
C GLY C 142 -2.45 20.55 35.96
N SER C 143 -1.37 19.91 35.53
CA SER C 143 -1.24 18.46 35.61
C SER C 143 -0.33 18.09 36.78
N ALA C 144 -0.18 16.78 36.99
CA ALA C 144 0.76 16.29 38.00
C ALA C 144 2.21 16.65 37.66
N TYR C 145 2.52 16.94 36.39
CA TYR C 145 3.87 17.41 36.08
C TYR C 145 4.08 18.87 36.42
N GLN C 146 3.07 19.59 36.89
CA GLN C 146 3.30 21.01 37.14
C GLN C 146 4.30 21.13 38.28
N GLY C 147 5.36 21.92 38.08
CA GLY C 147 6.38 22.10 39.08
C GLY C 147 7.45 21.03 39.07
N VAL C 148 7.26 19.94 38.34
CA VAL C 148 8.32 18.94 38.20
C VAL C 148 9.45 19.55 37.37
N THR C 149 10.68 19.42 37.86
CA THR C 149 11.81 20.03 37.17
C THR C 149 12.37 19.11 36.07
N VAL C 150 13.18 19.70 35.18
CA VAL C 150 13.84 18.92 34.14
C VAL C 150 14.67 17.79 34.75
N GLU C 151 15.43 18.12 35.79
CA GLU C 151 16.29 17.12 36.43
C GLU C 151 15.49 15.95 36.98
N GLN C 152 14.31 16.22 37.55
CA GLN C 152 13.54 15.14 38.15
C GLN C 152 13.04 14.16 37.08
N VAL C 153 12.64 14.70 35.93
CA VAL C 153 12.29 13.85 34.80
C VAL C 153 13.47 12.99 34.39
N LEU C 154 14.66 13.61 34.28
CA LEU C 154 15.89 12.87 33.97
C LEU C 154 16.13 11.72 34.93
N GLN C 155 15.82 11.91 36.20
CA GLN C 155 16.05 10.88 37.20
C GLN C 155 14.82 10.01 37.43
N MET C 156 13.84 10.06 36.52
CA MET C 156 12.71 9.15 36.60
C MET C 156 12.04 9.30 37.98
N SER C 157 12.05 10.53 38.50
CA SER C 157 11.68 10.80 39.88
C SER C 157 10.63 11.90 39.99
N SER C 158 9.76 12.02 38.99
CA SER C 158 8.73 13.04 38.98
C SER C 158 7.71 12.88 40.09
N GLY C 159 7.53 11.66 40.60
CA GLY C 159 6.48 11.35 41.55
C GLY C 159 5.10 11.19 40.93
N VAL C 160 5.00 11.23 39.61
CA VAL C 160 3.73 11.02 38.95
C VAL C 160 3.44 9.54 38.98
N ARG C 161 2.17 9.19 39.20
CA ARG C 161 1.75 7.80 39.24
C ARG C 161 1.71 7.20 37.84
N TRP C 162 2.38 6.08 37.66
CA TRP C 162 2.55 5.52 36.33
C TRP C 162 2.63 4.00 36.44
N ASN C 163 1.88 3.32 35.60
CA ASN C 163 1.78 1.87 35.60
C ASN C 163 2.46 1.34 34.33
N GLU C 164 3.70 0.84 34.48
CA GLU C 164 4.53 0.34 33.39
C GLU C 164 4.10 -1.01 32.82
N THR C 165 3.22 -1.74 33.50
CA THR C 165 2.97 -3.14 33.17
C THR C 165 2.51 -3.36 31.73
N TYR C 166 3.40 -3.89 30.87
CA TYR C 166 2.98 -4.17 29.49
C TYR C 166 1.78 -5.12 29.45
N ARG C 167 1.84 -6.21 30.22
CA ARG C 167 0.87 -7.29 30.10
C ARG C 167 -0.50 -6.95 30.67
N ASP C 168 -0.62 -5.87 31.44
CA ASP C 168 -1.92 -5.40 31.88
C ASP C 168 -2.51 -4.55 30.76
N PRO C 169 -3.69 -4.89 30.22
CA PRO C 169 -4.24 -4.10 29.11
C PRO C 169 -4.60 -2.67 29.48
N LYS C 170 -4.70 -2.33 30.77
CA LYS C 170 -5.14 -1.01 31.17
C LYS C 170 -4.00 -0.09 31.58
N SER C 171 -2.78 -0.61 31.64
CA SER C 171 -1.61 0.13 32.10
C SER C 171 -1.41 1.43 31.31
N ASP C 172 -0.59 2.31 31.89
CA ASP C 172 -0.26 3.55 31.21
C ASP C 172 0.71 3.32 30.06
N ARG C 173 1.54 2.30 30.17
CA ARG C 173 2.41 1.93 29.07
C ARG C 173 1.59 1.47 27.87
N ARG C 174 0.55 0.68 28.11
CA ARG C 174 -0.29 0.23 27.01
C ARG C 174 -1.02 1.38 26.35
N GLN C 175 -1.53 2.32 27.15
CA GLN C 175 -2.20 3.48 26.58
C GLN C 175 -1.21 4.33 25.80
N MET C 176 0.04 4.38 26.25
CA MET C 176 1.01 5.17 25.50
C MET C 176 1.23 4.55 24.14
N PHE C 177 1.44 3.24 24.11
CA PHE C 177 1.65 2.51 22.86
C PHE C 177 0.42 2.58 21.97
N ASP C 178 -0.78 2.61 22.56
CA ASP C 178 -2.01 2.77 21.78
C ASP C 178 -2.04 4.15 21.12
N ALA C 179 -1.71 5.20 21.89
CA ALA C 179 -1.56 6.53 21.33
C ALA C 179 -0.61 6.53 20.14
N GLN C 180 0.53 5.86 20.31
CA GLN C 180 1.49 5.72 19.22
C GLN C 180 0.85 5.07 18.00
N LEU C 181 0.20 3.92 18.20
CA LEU C 181 -0.34 3.18 17.07
C LEU C 181 -1.41 3.99 16.35
N ALA C 182 -2.14 4.82 17.10
CA ALA C 182 -3.21 5.64 16.56
C ALA C 182 -2.68 6.86 15.83
N GLU C 183 -1.40 7.19 16.02
CA GLU C 183 -0.68 8.19 15.25
C GLU C 183 -1.33 9.58 15.34
N ARG C 184 -1.83 9.92 16.53
CA ARG C 184 -2.42 11.25 16.71
C ARG C 184 -1.39 12.16 17.36
N PRO C 185 -1.00 13.25 16.72
CA PRO C 185 0.01 14.14 17.32
C PRO C 185 -0.41 14.56 18.71
N GLY C 186 0.56 14.61 19.63
CA GLY C 186 0.33 15.03 20.99
C GLY C 186 -0.43 14.06 21.86
N GLY C 187 -0.73 12.86 21.37
CA GLY C 187 -1.52 11.92 22.15
C GLY C 187 -0.80 11.45 23.42
N ILE C 188 0.51 11.24 23.32
CA ILE C 188 1.26 10.82 24.51
C ILE C 188 1.24 11.91 25.56
N LEU C 189 1.50 13.16 25.16
CA LEU C 189 1.46 14.28 26.11
C LEU C 189 0.08 14.41 26.77
N ARG C 190 -0.99 14.15 26.01
CA ARG C 190 -2.34 14.16 26.57
C ARG C 190 -2.49 13.12 27.68
N LEU C 191 -2.06 11.88 27.39
CA LEU C 191 -1.98 10.85 28.43
C LEU C 191 -1.18 11.33 29.64
N LEU C 192 0.01 11.89 29.41
CA LEU C 192 0.86 12.36 30.50
C LEU C 192 0.16 13.43 31.33
N ALA C 193 -0.57 14.32 30.67
CA ALA C 193 -1.24 15.38 31.40
C ALA C 193 -2.46 14.87 32.14
N SER C 194 -2.90 13.64 31.86
CA SER C 194 -4.04 13.09 32.59
C SER C 194 -3.67 12.39 33.88
N LEU C 195 -2.38 12.23 34.18
CA LEU C 195 -1.91 11.36 35.26
C LEU C 195 -1.93 12.06 36.60
N PRO C 196 -2.23 11.34 37.68
CA PRO C 196 -2.28 11.97 39.01
C PRO C 196 -0.93 11.92 39.74
N ARG C 197 -0.81 12.84 40.70
CA ARG C 197 0.36 12.89 41.58
C ARG C 197 0.36 11.68 42.50
N GLN C 198 1.56 11.21 42.84
CA GLN C 198 1.67 10.10 43.78
C GLN C 198 2.68 10.38 44.89
N TYR C 199 3.91 10.70 44.51
CA TYR C 199 4.95 11.05 45.45
C TYR C 199 5.37 12.49 45.26
N PRO C 200 5.84 13.16 46.30
CA PRO C 200 6.42 14.49 46.10
C PRO C 200 7.53 14.37 45.07
N SER C 201 7.66 15.39 44.23
CA SER C 201 8.57 15.24 43.10
C SER C 201 10.03 15.16 43.59
N GLY C 202 10.81 14.32 42.92
CA GLY C 202 12.21 14.15 43.26
C GLY C 202 12.52 13.34 44.50
N THR C 203 11.64 12.42 44.90
CA THR C 203 11.88 11.60 46.07
C THR C 203 11.87 10.11 45.79
N HIS C 204 11.09 9.65 44.80
CA HIS C 204 10.95 8.23 44.51
C HIS C 204 11.17 7.96 43.03
N PHE C 205 11.78 6.82 42.75
CA PHE C 205 12.05 6.36 41.39
C PHE C 205 10.91 5.47 40.93
N THR C 206 10.33 5.83 39.78
CA THR C 206 9.31 5.03 39.12
C THR C 206 9.69 4.99 37.65
N TYR C 207 10.08 3.82 37.14
CA TYR C 207 10.46 3.74 35.76
C TYR C 207 9.25 4.01 34.89
N SER C 208 9.30 5.09 34.11
CA SER C 208 8.17 5.49 33.29
C SER C 208 8.64 5.75 31.87
N THR C 209 8.24 4.88 30.96
CA THR C 209 8.49 5.09 29.53
C THR C 209 7.89 6.41 29.06
N GLY C 210 6.72 6.78 29.57
CA GLY C 210 6.17 8.08 29.22
C GLY C 210 7.02 9.24 29.70
N GLU C 211 7.51 9.14 30.93
CA GLU C 211 8.34 10.20 31.47
C GLU C 211 9.61 10.34 30.65
N SER C 212 10.16 9.22 30.22
CA SER C 212 11.32 9.26 29.37
C SER C 212 11.00 9.90 28.03
N HIS C 213 9.85 9.55 27.43
CA HIS C 213 9.41 10.24 26.22
C HIS C 213 9.34 11.75 26.42
N LEU C 214 9.01 12.19 27.63
CA LEU C 214 8.92 13.62 27.93
C LEU C 214 10.23 14.37 27.61
N GLN C 215 11.37 13.69 27.68
CA GLN C 215 12.62 14.32 27.24
C GLN C 215 12.50 14.84 25.81
N SER C 216 11.88 14.06 24.93
CA SER C 216 11.78 14.43 23.53
C SER C 216 10.91 15.69 23.36
N GLU C 217 9.78 15.72 24.06
CA GLU C 217 8.87 16.85 23.97
C GLU C 217 9.53 18.13 24.47
N LEU C 218 10.30 18.01 25.56
CA LEU C 218 11.05 19.13 26.11
C LEU C 218 12.10 19.64 25.14
N LEU C 219 12.86 18.71 24.54
CA LEU C 219 13.90 19.10 23.58
C LEU C 219 13.29 19.85 22.40
N HIS C 220 12.17 19.35 21.87
CA HIS C 220 11.53 20.11 20.79
C HIS C 220 11.02 21.47 21.25
N ALA C 221 10.38 21.54 22.43
CA ALA C 221 9.86 22.82 22.91
C ALA C 221 10.98 23.84 23.12
N ALA C 222 12.11 23.40 23.62
CA ALA C 222 13.19 24.34 23.91
C ALA C 222 14.04 24.70 22.69
N THR C 223 14.17 23.82 21.69
CA THR C 223 14.94 24.16 20.50
C THR C 223 14.09 24.54 19.28
N ARG C 224 12.84 24.09 19.24
CA ARG C 224 11.91 24.37 18.16
C ARG C 224 12.35 23.76 16.84
N ILE C 225 13.19 22.72 16.87
CA ILE C 225 13.49 21.93 15.67
C ILE C 225 13.29 20.45 15.99
N PRO C 226 13.08 19.62 14.98
CA PRO C 226 12.86 18.20 15.26
C PRO C 226 14.05 17.63 16.03
N VAL C 227 13.76 16.76 16.98
CA VAL C 227 14.82 16.22 17.81
C VAL C 227 15.87 15.50 16.97
N SER C 228 15.45 14.79 15.90
CA SER C 228 16.42 14.13 15.03
C SER C 228 17.42 15.12 14.45
N ASP C 229 16.96 16.34 14.12
CA ASP C 229 17.84 17.33 13.50
C ASP C 229 18.79 17.95 14.52
N TYR C 230 18.31 18.10 15.75
CA TYR C 230 19.17 18.52 16.85
C TYR C 230 20.26 17.49 17.12
N LEU C 231 19.89 16.22 17.22
CA LEU C 231 20.88 15.16 17.34
C LEU C 231 21.89 15.23 16.21
N SER C 232 21.41 15.51 14.99
CA SER C 232 22.31 15.56 13.85
C SER C 232 23.31 16.72 13.98
N GLU C 233 22.81 17.92 14.28
CA GLU C 233 23.69 19.09 14.32
C GLU C 233 24.61 19.08 15.54
N ARG C 234 24.18 18.49 16.64
CA ARG C 234 24.99 18.48 17.84
C ARG C 234 26.01 17.36 17.84
N ILE C 235 25.71 16.23 17.18
CA ILE C 235 26.51 15.02 17.33
C ILE C 235 26.67 14.28 16.00
N TRP C 236 25.55 13.86 15.38
CA TRP C 236 25.61 12.91 14.25
C TRP C 236 26.40 13.45 13.06
N ALA C 237 26.16 14.71 12.68
CA ALA C 237 26.86 15.28 11.54
C ALA C 237 28.19 15.92 11.91
N ARG C 238 28.46 16.08 13.20
CA ARG C 238 29.58 16.84 13.72
C ARG C 238 30.76 15.95 14.08
N MET C 239 30.49 14.96 14.92
CA MET C 239 31.48 13.94 15.21
C MET C 239 31.94 13.32 13.91
N GLY C 240 30.98 13.04 13.03
CA GLY C 240 31.19 12.27 11.84
C GLY C 240 30.69 10.87 12.00
N MET C 241 29.37 10.66 12.04
CA MET C 241 28.92 9.28 12.03
C MET C 241 29.13 8.69 10.63
N GLU C 242 29.06 7.38 10.54
CA GLU C 242 29.35 6.65 9.31
C GLU C 242 28.14 6.60 8.39
N SER C 243 26.95 6.54 8.97
CA SER C 243 25.74 6.40 8.18
C SER C 243 24.63 7.20 8.86
N ASP C 244 23.62 7.54 8.06
CA ASP C 244 22.40 8.10 8.65
C ASP C 244 21.83 7.13 9.67
N GLY C 245 21.22 7.69 10.72
CA GLY C 245 20.34 6.94 11.57
C GLY C 245 18.90 7.27 11.21
N PHE C 246 17.98 6.71 11.98
CA PHE C 246 16.61 7.23 11.92
C PHE C 246 15.95 6.96 13.25
N TRP C 247 14.81 7.64 13.46
CA TRP C 247 14.17 7.72 14.76
C TRP C 247 12.66 7.61 14.62
N GLN C 248 12.08 6.72 15.42
CA GLN C 248 10.66 6.45 15.37
C GLN C 248 9.86 7.65 15.86
N LEU C 249 8.74 7.93 15.21
CA LEU C 249 7.89 9.06 15.55
C LEU C 249 6.53 8.60 16.09
N GLU C 250 5.88 9.53 16.78
CA GLU C 250 4.50 9.40 17.20
C GLU C 250 3.53 9.36 16.01
N SER C 251 3.84 10.10 14.94
CA SER C 251 2.94 10.26 13.80
C SER C 251 3.79 10.65 12.60
N PRO C 252 3.28 10.47 11.37
CA PRO C 252 4.06 10.86 10.19
C PRO C 252 4.51 12.31 10.27
N ALA C 253 5.81 12.52 10.06
CA ALA C 253 6.43 13.85 10.21
C ALA C 253 6.15 14.47 11.58
N GLY C 254 5.95 13.63 12.59
CA GLY C 254 5.59 14.09 13.93
C GLY C 254 6.76 14.15 14.88
N GLN C 255 6.53 13.70 16.13
CA GLN C 255 7.46 13.89 17.25
C GLN C 255 8.21 12.59 17.56
N GLU C 256 9.54 12.68 17.72
CA GLU C 256 10.34 11.50 18.05
C GLU C 256 9.92 10.91 19.40
N ILE C 257 9.84 9.59 19.46
CA ILE C 257 9.62 8.84 20.70
C ILE C 257 10.88 8.94 21.55
N GLY C 258 10.80 9.63 22.70
CA GLY C 258 12.00 9.89 23.47
C GLY C 258 12.55 8.66 24.16
N SER C 259 11.72 7.61 24.30
CA SER C 259 12.02 6.45 25.12
C SER C 259 12.37 5.20 24.32
N SER C 260 12.23 5.22 22.99
CA SER C 260 12.38 4.02 22.18
C SER C 260 12.55 4.43 20.71
N GLY C 261 13.08 3.51 19.90
CA GLY C 261 12.90 3.59 18.46
C GLY C 261 13.97 4.28 17.61
N LEU C 262 15.20 4.43 18.09
CA LEU C 262 16.32 4.90 17.28
C LEU C 262 17.06 3.71 16.64
N SER C 263 17.43 3.88 15.37
CA SER C 263 18.18 2.88 14.62
C SER C 263 19.49 3.48 14.11
N ALA C 264 20.57 2.71 14.27
CA ALA C 264 21.90 3.14 13.87
C ALA C 264 22.75 1.91 13.60
N THR C 265 23.83 2.10 12.84
CA THR C 265 24.80 1.01 12.67
C THR C 265 25.56 0.76 13.97
N LEU C 266 26.17 -0.43 14.05
CA LEU C 266 26.85 -0.81 15.29
C LEU C 266 27.97 0.17 15.61
N ARG C 267 28.84 0.46 14.65
CA ARG C 267 29.93 1.40 14.92
C ARG C 267 29.44 2.81 15.21
N ASP C 268 28.22 3.18 14.79
CA ASP C 268 27.74 4.52 15.10
C ASP C 268 27.21 4.59 16.54
N TYR C 269 26.52 3.55 17.01
CA TYR C 269 26.31 3.42 18.47
C TYR C 269 27.62 3.51 19.22
N GLY C 270 28.66 2.84 18.69
CA GLY C 270 29.97 2.95 19.31
C GLY C 270 30.49 4.37 19.32
N ARG C 271 30.28 5.10 18.22
CA ARG C 271 30.74 6.48 18.16
C ARG C 271 30.01 7.33 19.17
N PHE C 272 28.72 7.08 19.36
CA PHE C 272 27.98 7.85 20.34
C PHE C 272 28.53 7.60 21.74
N GLY C 273 28.74 6.32 22.07
CA GLY C 273 29.37 5.98 23.34
C GLY C 273 30.70 6.66 23.53
N GLN C 274 31.51 6.70 22.47
CA GLN C 274 32.82 7.35 22.52
C GLN C 274 32.70 8.85 22.72
N PHE C 275 31.66 9.48 22.15
CA PHE C 275 31.35 10.87 22.44
C PHE C 275 31.16 11.07 23.94
N VAL C 276 30.34 10.20 24.54
CA VAL C 276 30.10 10.28 25.98
C VAL C 276 31.40 10.08 26.75
N LEU C 277 32.18 9.09 26.36
CA LEU C 277 33.44 8.77 27.05
C LEU C 277 34.42 9.94 26.96
N GLU C 278 34.45 10.66 25.84
CA GLU C 278 35.28 11.85 25.67
C GLU C 278 34.63 13.12 26.25
N ASP C 279 33.68 12.96 27.18
CA ASP C 279 33.09 14.04 27.99
C ASP C 279 32.31 15.04 27.15
N GLY C 280 31.82 14.58 26.01
CA GLY C 280 30.89 15.41 25.25
C GLY C 280 31.58 16.58 24.57
N VAL C 281 32.77 16.36 24.05
CA VAL C 281 33.50 17.35 23.26
C VAL C 281 33.78 16.70 21.91
N ILE C 282 33.59 17.46 20.83
CA ILE C 282 33.92 17.01 19.49
C ILE C 282 34.81 18.05 18.84
N ASP C 283 36.02 17.62 18.43
CA ASP C 283 36.95 18.51 17.74
C ASP C 283 37.12 19.84 18.48
N GLY C 284 37.27 19.76 19.79
CA GLY C 284 37.46 20.94 20.61
C GLY C 284 36.22 21.73 20.92
N GLU C 285 35.07 21.38 20.33
CA GLU C 285 33.81 22.06 20.59
C GLU C 285 33.02 21.31 21.65
N ARG C 286 32.87 21.94 22.81
CA ARG C 286 32.18 21.31 23.93
C ARG C 286 30.68 21.29 23.67
N ILE C 287 30.11 20.10 23.59
CA ILE C 287 28.69 19.93 23.34
C ILE C 287 27.92 19.75 24.65
N LEU C 288 28.51 18.99 25.65
CA LEU C 288 27.87 18.77 26.95
C LEU C 288 28.50 19.65 28.00
N PRO C 289 27.75 20.08 29.01
CA PRO C 289 28.35 20.96 30.01
C PRO C 289 29.43 20.23 30.77
N GLU C 290 30.41 21.01 31.25
CA GLU C 290 31.45 20.47 32.10
C GLU C 290 30.80 19.77 33.29
N GLY C 291 31.28 18.57 33.62
CA GLY C 291 30.67 17.83 34.71
C GLY C 291 29.33 17.19 34.41
N TRP C 292 28.87 17.22 33.17
CA TRP C 292 27.59 16.59 32.87
C TRP C 292 27.66 15.07 33.01
N VAL C 293 28.67 14.44 32.42
CA VAL C 293 28.71 12.99 32.48
C VAL C 293 28.81 12.53 33.95
N ASP C 294 29.57 13.26 34.77
CA ASP C 294 29.61 13.02 36.22
C ASP C 294 28.23 13.04 36.86
N ARG C 295 27.48 14.15 36.69
CA ARG C 295 26.14 14.23 37.28
C ARG C 295 25.23 13.14 36.74
N ALA C 296 25.30 12.89 35.44
CA ALA C 296 24.39 11.96 34.81
C ALA C 296 24.65 10.53 35.22
N SER C 297 25.85 10.22 35.72
CA SER C 297 26.18 8.87 36.18
C SER C 297 26.51 8.82 37.66
N ARG C 298 26.06 9.82 38.43
CA ARG C 298 26.41 9.94 39.84
C ARG C 298 25.93 8.72 40.64
N VAL C 299 26.77 8.30 41.57
CA VAL C 299 26.43 7.30 42.57
C VAL C 299 26.64 7.96 43.93
N GLU C 300 25.55 8.16 44.67
CA GLU C 300 25.63 8.87 45.95
C GLU C 300 24.77 8.10 46.93
N ALA C 301 25.42 7.49 47.95
CA ALA C 301 24.77 6.50 48.81
C ALA C 301 23.50 7.04 49.46
N SER C 302 23.45 8.33 49.78
CA SER C 302 22.25 8.89 50.39
C SER C 302 21.10 9.14 49.41
N SER C 303 21.36 9.05 48.10
CA SER C 303 20.31 9.27 47.11
C SER C 303 19.33 8.11 47.08
N HIS C 304 18.04 8.42 46.85
CA HIS C 304 17.08 7.38 46.53
C HIS C 304 17.43 6.64 45.24
N LEU C 305 18.40 7.11 44.48
CA LEU C 305 18.76 6.50 43.20
C LEU C 305 19.99 5.60 43.29
N ALA C 306 20.55 5.41 44.46
CA ALA C 306 21.85 4.76 44.56
C ALA C 306 21.75 3.26 44.27
N PRO C 307 22.81 2.67 43.71
CA PRO C 307 22.81 1.23 43.43
C PRO C 307 22.47 0.42 44.67
N GLY C 308 21.61 -0.57 44.50
CA GLY C 308 21.10 -1.34 45.62
C GLY C 308 19.80 -0.83 46.22
N LYS C 309 19.37 0.38 45.87
CA LYS C 309 18.12 0.92 46.42
C LYS C 309 16.90 0.70 45.52
N LEU C 310 17.10 0.46 44.23
CA LEU C 310 15.98 0.37 43.30
C LEU C 310 15.26 -0.96 43.43
N TYR C 311 13.93 -0.92 43.36
CA TYR C 311 13.09 -2.11 43.37
C TYR C 311 13.24 -2.89 44.68
N ASP C 312 13.03 -2.18 45.80
CA ASP C 312 13.19 -2.75 47.15
C ASP C 312 14.54 -3.46 47.30
N GLY C 313 15.59 -2.89 46.70
CA GLY C 313 16.91 -3.45 46.84
C GLY C 313 17.16 -4.72 46.06
N GLU C 314 16.30 -5.08 45.11
CA GLU C 314 16.41 -6.34 44.39
C GLU C 314 17.21 -6.23 43.10
N TYR C 315 17.73 -5.05 42.76
CA TYR C 315 18.49 -4.84 41.54
C TYR C 315 19.83 -4.20 41.91
N ALA C 316 20.92 -4.72 41.31
CA ALA C 316 22.25 -4.25 41.68
C ALA C 316 22.58 -2.84 41.17
N LEU C 317 21.82 -2.29 40.23
CA LEU C 317 22.21 -1.07 39.54
C LEU C 317 21.38 0.12 40.01
N GLY C 318 22.03 1.28 40.16
CA GLY C 318 21.33 2.52 40.46
C GLY C 318 20.92 3.24 39.18
N TYR C 319 20.49 4.51 39.35
CA TYR C 319 20.04 5.33 38.23
C TYR C 319 20.69 6.71 38.28
N GLY C 320 20.82 7.31 37.11
CA GLY C 320 21.33 8.66 36.99
C GLY C 320 20.41 9.48 36.12
N TYR C 321 20.95 10.20 35.14
CA TYR C 321 20.13 10.92 34.17
C TYR C 321 19.79 9.99 33.01
N GLN C 322 18.86 9.07 33.26
CA GLN C 322 18.43 8.10 32.25
C GLN C 322 19.61 7.22 31.82
N TRP C 323 20.47 6.91 32.80
CA TRP C 323 21.55 5.95 32.67
C TRP C 323 21.50 5.02 33.87
N TRP C 324 21.78 3.74 33.67
CA TRP C 324 21.90 2.78 34.78
C TRP C 324 23.33 2.76 35.29
N THR C 325 23.51 2.76 36.62
CA THR C 325 24.83 2.92 37.22
C THR C 325 25.25 1.66 37.96
N PHE C 326 26.46 1.19 37.70
CA PHE C 326 26.97 0.00 38.35
C PHE C 326 27.42 0.33 39.77
N PRO C 327 27.26 -0.60 40.71
CA PRO C 327 27.72 -0.35 42.08
C PRO C 327 29.23 -0.18 42.11
N VAL C 328 29.68 0.52 43.13
CA VAL C 328 31.09 0.74 43.38
C VAL C 328 31.40 0.25 44.80
N GLY C 329 32.69 0.22 45.13
CA GLY C 329 33.07 -0.22 46.46
C GLY C 329 32.91 -1.72 46.65
N ALA C 330 32.51 -2.11 47.87
CA ALA C 330 32.46 -3.53 48.21
C ALA C 330 31.42 -4.29 47.40
N LYS C 331 30.41 -3.60 46.86
CA LYS C 331 29.33 -4.28 46.16
C LYS C 331 29.49 -4.24 44.64
N ALA C 332 30.68 -3.88 44.17
CA ALA C 332 30.96 -3.82 42.75
C ALA C 332 30.87 -5.21 42.11
N LEU C 333 30.25 -5.29 40.93
CA LEU C 333 30.34 -6.51 40.16
C LEU C 333 31.78 -6.68 39.66
N PRO C 334 32.25 -7.92 39.47
CA PRO C 334 33.66 -8.14 39.10
C PRO C 334 33.99 -7.46 37.77
N GLU C 335 35.14 -6.79 37.75
CA GLU C 335 35.67 -6.01 36.63
C GLU C 335 34.87 -4.74 36.38
N HIS C 336 33.77 -4.51 37.10
CA HIS C 336 32.88 -3.39 36.85
C HIS C 336 32.93 -2.35 37.96
N ASP C 337 34.08 -2.16 38.58
CA ASP C 337 34.18 -1.14 39.61
C ASP C 337 34.62 0.17 38.92
N GLY C 338 34.58 1.26 39.67
CA GLY C 338 35.18 2.51 39.22
C GLY C 338 34.20 3.54 38.69
N GLY C 339 32.90 3.21 38.58
CA GLY C 339 31.93 4.16 38.07
C GLY C 339 31.47 3.85 36.65
N ALA C 340 31.23 2.57 36.37
CA ALA C 340 30.69 2.18 35.08
C ALA C 340 29.20 2.50 35.00
N PHE C 341 28.72 2.78 33.79
CA PHE C 341 27.30 2.99 33.62
C PHE C 341 26.87 2.56 32.23
N GLU C 342 25.55 2.42 32.04
CA GLU C 342 25.07 1.85 30.78
C GLU C 342 23.66 2.34 30.44
N ALA C 343 23.38 2.30 29.14
CA ALA C 343 22.02 2.30 28.61
C ALA C 343 21.63 0.85 28.37
N GLN C 344 20.37 0.51 28.62
CA GLN C 344 19.92 -0.82 28.29
C GLN C 344 18.57 -0.75 27.60
N GLY C 345 18.29 -1.77 26.80
CA GLY C 345 17.02 -1.90 26.14
C GLY C 345 16.57 -3.35 26.17
N ILE C 346 15.23 -3.53 26.23
CA ILE C 346 14.68 -4.87 26.34
C ILE C 346 15.10 -5.74 25.16
N PHE C 347 15.02 -7.05 25.37
CA PHE C 347 15.48 -8.08 24.43
C PHE C 347 16.99 -8.05 24.25
N GLY C 348 17.74 -7.33 25.09
CA GLY C 348 19.18 -7.45 25.15
C GLY C 348 20.04 -6.40 24.49
N GLN C 349 19.66 -5.13 24.55
CA GLN C 349 20.44 -4.04 23.96
C GLN C 349 21.25 -3.38 25.08
N TYR C 350 22.54 -3.15 24.83
CA TYR C 350 23.36 -2.52 25.85
C TYR C 350 24.28 -1.51 25.21
N LEU C 351 24.45 -0.37 25.88
CA LEU C 351 25.54 0.56 25.59
C LEU C 351 26.24 0.82 26.91
N TYR C 352 27.42 0.24 27.08
CA TYR C 352 28.17 0.19 28.32
C TYR C 352 29.34 1.15 28.20
N ILE C 353 29.52 2.02 29.20
CA ILE C 353 30.57 3.02 29.20
C ILE C 353 31.35 2.95 30.52
N ASN C 354 32.67 2.76 30.41
CA ASN C 354 33.57 2.59 31.56
C ASN C 354 34.69 3.60 31.36
N ARG C 355 34.56 4.78 31.99
CA ARG C 355 35.50 5.88 31.75
C ARG C 355 36.89 5.55 32.28
N LYS C 356 36.93 4.91 33.45
CA LYS C 356 38.20 4.53 34.07
C LYS C 356 39.04 3.68 33.12
N GLU C 357 38.43 2.67 32.51
CA GLU C 357 39.09 1.75 31.60
C GLU C 357 39.09 2.24 30.15
N LYS C 358 38.49 3.40 29.90
CA LYS C 358 38.34 3.98 28.57
C LYS C 358 37.70 3.00 27.59
N ILE C 359 36.63 2.35 28.04
CA ILE C 359 36.00 1.30 27.27
C ILE C 359 34.57 1.67 26.92
N VAL C 360 34.20 1.40 25.66
CA VAL C 360 32.81 1.45 25.18
C VAL C 360 32.44 0.08 24.64
N ALA C 361 31.30 -0.44 25.05
CA ALA C 361 30.80 -1.69 24.53
C ALA C 361 29.36 -1.53 24.05
N VAL C 362 29.07 -2.03 22.86
CA VAL C 362 27.72 -2.10 22.31
C VAL C 362 27.33 -3.57 22.15
N VAL C 363 26.17 -3.92 22.67
CA VAL C 363 25.62 -5.25 22.47
C VAL C 363 24.23 -5.11 21.87
N TRP C 364 23.98 -5.87 20.80
CA TRP C 364 22.66 -5.97 20.19
C TRP C 364 22.21 -7.41 20.29
N SER C 365 20.99 -7.63 20.80
CA SER C 365 20.48 -8.99 20.97
C SER C 365 19.00 -9.06 20.62
N ALA C 366 18.52 -10.29 20.50
CA ALA C 366 17.15 -10.60 20.17
C ALA C 366 16.71 -11.75 21.05
N TRP C 367 16.78 -11.53 22.37
CA TRP C 367 16.27 -12.51 23.32
C TRP C 367 14.82 -12.82 23.00
N PRO C 368 14.37 -14.05 23.26
CA PRO C 368 12.95 -14.36 23.07
C PRO C 368 12.00 -13.57 23.98
N LYS C 369 12.44 -13.22 25.21
CA LYS C 369 11.62 -12.45 26.15
C LYS C 369 12.24 -11.08 26.42
N PRO C 370 11.43 -10.06 26.76
CA PRO C 370 12.01 -8.72 26.96
C PRO C 370 13.12 -8.68 28.01
N GLU C 371 12.87 -9.22 29.20
CA GLU C 371 13.82 -9.22 30.30
C GLU C 371 14.11 -10.66 30.70
N MET C 372 15.35 -11.08 30.54
CA MET C 372 15.76 -12.39 31.05
C MET C 372 16.96 -12.16 31.95
N ASP C 373 16.76 -12.34 33.26
CA ASP C 373 17.82 -12.07 34.23
C ASP C 373 19.06 -12.89 33.93
N ASP C 374 18.87 -14.17 33.56
CA ASP C 374 20.00 -15.06 33.25
C ASP C 374 20.90 -14.46 32.18
N ARG C 375 20.29 -14.01 31.09
CA ARG C 375 21.07 -13.48 29.97
C ARG C 375 21.69 -12.14 30.29
N GLU C 376 21.04 -11.32 31.13
CA GLU C 376 21.66 -10.09 31.61
C GLU C 376 22.94 -10.39 32.38
N GLU C 377 22.86 -11.34 33.33
CA GLU C 377 24.04 -11.69 34.12
C GLU C 377 25.15 -12.19 33.21
N GLU C 378 24.80 -13.04 32.24
CA GLU C 378 25.82 -13.53 31.30
C GLU C 378 26.40 -12.40 30.46
N THR C 379 25.57 -11.41 30.07
CA THR C 379 26.10 -10.24 29.37
C THR C 379 27.12 -9.52 30.23
N TYR C 380 26.83 -9.33 31.52
CA TYR C 380 27.78 -8.61 32.38
C TYR C 380 29.05 -9.42 32.62
N ALA C 381 28.95 -10.75 32.69
CA ALA C 381 30.17 -11.57 32.82
C ALA C 381 31.01 -11.51 31.56
N PHE C 382 30.37 -11.52 30.39
CA PHE C 382 31.14 -11.41 29.16
C PHE C 382 31.81 -10.04 29.06
N LEU C 383 31.09 -8.99 29.43
CA LEU C 383 31.68 -7.66 29.35
C LEU C 383 32.80 -7.51 30.36
N GLY C 384 32.62 -8.09 31.55
CA GLY C 384 33.69 -8.08 32.53
C GLY C 384 34.92 -8.80 32.03
N ALA C 385 34.75 -9.93 31.34
CA ALA C 385 35.89 -10.63 30.77
C ALA C 385 36.57 -9.78 29.71
N ALA C 386 35.79 -9.04 28.93
CA ALA C 386 36.40 -8.11 28.00
C ALA C 386 37.22 -7.06 28.74
N VAL C 387 36.67 -6.47 29.80
CA VAL C 387 37.37 -5.45 30.56
C VAL C 387 38.70 -6.00 31.07
N LYS C 388 38.65 -7.20 31.67
CA LYS C 388 39.88 -7.84 32.15
C LYS C 388 40.88 -8.02 31.02
N ALA C 389 40.45 -8.62 29.91
CA ALA C 389 41.36 -8.84 28.80
C ALA C 389 41.95 -7.54 28.29
N LEU C 390 41.26 -6.44 28.49
CA LEU C 390 41.69 -5.14 28.01
C LEU C 390 42.55 -4.38 29.00
N ARG C 391 42.63 -4.84 30.24
CA ARG C 391 43.52 -4.19 31.19
C ARG C 391 44.95 -4.21 30.66
N GLU D 7 -32.19 12.38 71.33
CA GLU D 7 -32.08 11.27 70.40
C GLU D 7 -33.25 10.29 70.53
N ASN D 8 -34.19 10.40 69.62
CA ASN D 8 -35.32 9.55 69.28
C ASN D 8 -35.03 8.86 67.96
N PRO D 9 -35.29 7.56 67.82
CA PRO D 9 -34.99 6.91 66.53
C PRO D 9 -35.72 7.60 65.39
N ARG D 10 -35.02 7.78 64.26
CA ARG D 10 -35.57 8.42 63.07
C ARG D 10 -35.90 7.34 62.05
N ILE D 11 -37.14 6.87 62.10
CA ILE D 11 -37.62 5.71 61.36
C ILE D 11 -38.69 6.19 60.38
N GLY D 12 -38.51 5.92 59.09
CA GLY D 12 -39.42 6.37 58.07
C GLY D 12 -40.73 5.57 57.97
N ARG D 13 -41.64 6.09 57.15
CA ARG D 13 -42.83 5.33 56.77
C ARG D 13 -42.42 4.10 56.01
N ALA D 14 -43.23 3.03 56.15
CA ALA D 14 -42.98 1.80 55.43
C ALA D 14 -42.93 2.02 53.92
N ALA D 15 -43.84 2.84 53.40
CA ALA D 15 -43.90 3.07 51.95
C ALA D 15 -42.70 3.81 51.39
N ASP D 16 -41.86 4.40 52.25
CA ASP D 16 -40.80 5.31 51.82
C ASP D 16 -39.41 4.66 51.80
N LEU D 17 -39.33 3.32 51.91
CA LEU D 17 -38.05 2.64 52.15
C LEU D 17 -36.96 3.04 51.15
N TYR D 18 -37.32 3.20 49.87
CA TYR D 18 -36.38 3.48 48.79
C TYR D 18 -36.23 4.98 48.52
N GLU D 19 -36.79 5.83 49.37
CA GLU D 19 -36.76 7.26 49.15
C GLU D 19 -36.43 8.03 50.42
N LEU D 20 -35.92 7.38 51.47
CA LEU D 20 -35.71 8.05 52.75
C LEU D 20 -34.67 9.15 52.59
N ILE D 21 -34.85 10.24 53.34
CA ILE D 21 -33.80 11.26 53.39
C ILE D 21 -32.63 10.69 54.18
N PRO D 22 -31.40 11.22 54.00
CA PRO D 22 -30.23 10.57 54.64
C PRO D 22 -30.33 10.45 56.15
N GLU D 23 -30.91 11.45 56.81
CA GLU D 23 -31.11 11.45 58.27
C GLU D 23 -31.97 10.28 58.77
N TYR D 24 -32.79 9.69 57.90
CA TYR D 24 -33.66 8.58 58.30
C TYR D 24 -33.13 7.22 57.87
N GLN D 25 -32.05 7.16 57.09
CA GLN D 25 -31.62 5.89 56.54
C GLN D 25 -31.00 4.99 57.58
N PRO D 26 -30.03 5.43 58.41
CA PRO D 26 -29.35 4.46 59.28
C PRO D 26 -30.27 3.89 60.34
N ASP D 27 -31.15 4.70 60.94
CA ASP D 27 -32.05 4.22 61.97
C ASP D 27 -33.09 3.27 61.40
N THR D 28 -33.56 3.53 60.17
CA THR D 28 -34.52 2.63 59.54
C THR D 28 -33.87 1.31 59.15
N TYR D 29 -32.70 1.36 58.51
CA TYR D 29 -32.01 0.13 58.08
C TYR D 29 -31.68 -0.80 59.26
N ARG D 30 -31.47 -0.26 60.46
CA ARG D 30 -31.20 -1.12 61.60
C ARG D 30 -32.40 -1.33 62.51
N ASN D 31 -33.60 -0.86 62.12
CA ASN D 31 -34.83 -1.11 62.87
C ASN D 31 -35.97 -1.57 61.96
N MET D 32 -35.69 -2.48 61.04
CA MET D 32 -36.70 -2.81 60.04
C MET D 32 -37.84 -3.59 60.66
N ASP D 33 -37.58 -4.28 61.77
CA ASP D 33 -38.59 -4.95 62.56
C ASP D 33 -39.59 -3.98 63.22
N LYS D 34 -39.28 -2.69 63.28
CA LYS D 34 -40.25 -1.69 63.72
C LYS D 34 -41.10 -1.14 62.58
N VAL D 35 -40.89 -1.61 61.35
CA VAL D 35 -41.53 -1.05 60.17
C VAL D 35 -42.31 -2.10 59.39
N TYR D 36 -41.79 -3.31 59.27
CA TYR D 36 -42.38 -4.36 58.47
C TYR D 36 -42.62 -5.59 59.34
N PRO D 37 -43.55 -6.46 58.96
CA PRO D 37 -43.61 -7.78 59.62
C PRO D 37 -42.31 -8.53 59.39
N THR D 38 -41.84 -9.21 60.44
CA THR D 38 -40.61 -10.00 60.35
C THR D 38 -40.79 -11.33 61.08
N ARG D 39 -39.89 -12.26 60.77
CA ARG D 39 -39.77 -13.49 61.54
C ARG D 39 -38.32 -13.65 62.00
N VAL D 40 -38.14 -14.17 63.21
CA VAL D 40 -36.81 -14.34 63.79
C VAL D 40 -36.09 -15.52 63.15
N ILE D 41 -34.82 -15.34 62.84
CA ILE D 41 -33.90 -16.42 62.46
C ILE D 41 -33.09 -16.74 63.70
N HIS D 42 -33.28 -17.92 64.30
CA HIS D 42 -32.71 -18.18 65.61
C HIS D 42 -31.29 -18.73 65.50
N LYS D 43 -30.40 -18.20 66.34
CA LYS D 43 -29.08 -18.80 66.54
C LYS D 43 -29.23 -20.04 67.38
N GLY D 44 -28.13 -20.76 67.56
CA GLY D 44 -28.02 -21.97 68.36
C GLY D 44 -27.37 -21.73 69.71
N THR D 45 -26.66 -22.75 70.21
CA THR D 45 -25.96 -22.64 71.49
C THR D 45 -24.47 -22.41 71.32
N LYS D 46 -23.86 -23.00 70.30
CA LYS D 46 -22.43 -22.79 70.04
C LYS D 46 -22.27 -21.71 68.99
N VAL D 47 -21.24 -20.88 69.14
CA VAL D 47 -20.97 -19.77 68.23
C VAL D 47 -19.63 -20.04 67.57
N ARG D 48 -19.61 -20.07 66.24
CA ARG D 48 -18.33 -20.27 65.59
C ARG D 48 -17.44 -19.06 65.82
N PRO D 49 -16.29 -19.20 66.47
CA PRO D 49 -15.46 -18.02 66.74
C PRO D 49 -14.84 -17.47 65.48
N LEU D 50 -14.57 -16.16 65.52
CA LEU D 50 -13.86 -15.46 64.46
C LEU D 50 -12.65 -14.81 65.11
N PRO D 51 -11.53 -15.53 65.23
CA PRO D 51 -10.39 -15.00 65.98
C PRO D 51 -9.68 -13.88 65.24
N ALA D 52 -8.82 -13.18 65.96
CA ALA D 52 -8.09 -12.07 65.38
C ALA D 52 -7.12 -12.60 64.32
N GLY D 53 -7.02 -11.86 63.21
CA GLY D 53 -6.20 -12.31 62.11
C GLY D 53 -5.04 -11.38 61.78
N VAL D 54 -4.68 -11.37 60.49
CA VAL D 54 -3.58 -10.54 60.01
C VAL D 54 -3.93 -9.06 60.19
N ALA D 55 -2.91 -8.23 60.42
CA ALA D 55 -3.12 -6.80 60.61
C ALA D 55 -2.81 -6.07 59.30
N ILE D 56 -3.77 -5.30 58.81
CA ILE D 56 -3.62 -4.55 57.56
C ILE D 56 -4.10 -3.12 57.77
N ALA D 57 -3.56 -2.21 56.97
CA ALA D 57 -4.06 -0.84 56.89
C ALA D 57 -4.20 -0.53 55.41
N PRO D 58 -5.24 -1.05 54.75
CA PRO D 58 -5.35 -0.91 53.29
C PRO D 58 -5.55 0.55 52.88
N ARG D 59 -4.85 0.92 51.83
CA ARG D 59 -4.92 2.28 51.31
C ARG D 59 -5.05 2.18 49.80
N TYR D 60 -5.69 3.18 49.19
CA TYR D 60 -6.01 3.08 47.77
C TYR D 60 -6.12 4.46 47.15
N ARG D 61 -5.86 4.53 45.84
CA ARG D 61 -5.68 5.78 45.10
C ARG D 61 -6.91 6.13 44.27
N ILE D 62 -7.38 7.36 44.41
CA ILE D 62 -8.30 7.93 43.43
C ILE D 62 -7.85 9.35 43.14
N GLY D 63 -7.80 9.69 41.85
CA GLY D 63 -7.16 10.93 41.45
C GLY D 63 -5.78 10.99 42.05
N GLY D 64 -5.40 12.16 42.53
CA GLY D 64 -4.15 12.36 43.23
C GLY D 64 -4.22 12.14 44.72
N GLU D 65 -5.36 11.72 45.27
CA GLU D 65 -5.48 11.48 46.70
C GLU D 65 -5.38 10.01 47.03
N GLU D 66 -4.75 9.74 48.17
CA GLU D 66 -4.67 8.41 48.75
C GLU D 66 -5.65 8.34 49.92
N TYR D 67 -6.31 7.21 50.07
CA TYR D 67 -7.35 7.08 51.07
C TYR D 67 -7.13 5.83 51.89
N GLY D 68 -7.35 5.95 53.20
CA GLY D 68 -7.34 4.83 54.11
C GLY D 68 -8.76 4.44 54.48
N VAL D 69 -8.86 3.58 55.50
CA VAL D 69 -10.16 3.03 55.88
C VAL D 69 -11.12 4.14 56.27
N ASP D 70 -10.66 5.07 57.12
CA ASP D 70 -11.55 6.10 57.66
C ASP D 70 -12.09 6.98 56.53
N ASP D 71 -11.23 7.29 55.56
CA ASP D 71 -11.67 8.05 54.40
C ASP D 71 -12.69 7.27 53.58
N PHE D 72 -12.44 5.98 53.37
CA PHE D 72 -13.42 5.19 52.64
C PHE D 72 -14.77 5.27 53.34
N MET D 73 -14.77 5.13 54.67
CA MET D 73 -16.06 5.08 55.38
C MET D 73 -16.76 6.43 55.36
N ARG D 74 -15.99 7.52 55.43
CA ARG D 74 -16.60 8.85 55.41
C ARG D 74 -17.13 9.18 54.02
N ARG D 75 -16.35 8.91 52.97
CA ARG D 75 -16.75 9.36 51.64
C ARG D 75 -17.96 8.59 51.13
N ASN D 76 -18.11 7.33 51.52
CA ASN D 76 -19.22 6.54 51.02
C ASN D 76 -20.31 6.28 52.06
N ARG D 77 -20.22 6.95 53.22
CA ARG D 77 -21.21 6.82 54.30
C ARG D 77 -21.36 5.35 54.69
N VAL D 78 -20.27 4.78 55.21
CA VAL D 78 -20.20 3.34 55.43
C VAL D 78 -20.57 3.06 56.87
N GLY D 79 -21.53 2.16 57.07
CA GLY D 79 -21.95 1.80 58.40
C GLY D 79 -21.28 0.55 58.94
N GLY D 80 -20.57 -0.19 58.07
CA GLY D 80 -19.87 -1.39 58.53
C GLY D 80 -18.90 -1.94 57.51
N VAL D 81 -17.69 -2.32 57.92
CA VAL D 81 -16.74 -3.05 57.08
C VAL D 81 -16.19 -4.22 57.88
N LEU D 82 -16.19 -5.40 57.28
CA LEU D 82 -15.57 -6.58 57.88
C LEU D 82 -14.77 -7.27 56.80
N VAL D 83 -13.51 -7.57 57.08
CA VAL D 83 -12.69 -8.35 56.16
C VAL D 83 -12.13 -9.53 56.95
N LEU D 84 -12.44 -10.73 56.48
CA LEU D 84 -11.95 -12.00 56.95
C LEU D 84 -10.95 -12.57 55.95
N LYS D 85 -9.90 -13.17 56.50
CA LYS D 85 -8.82 -13.79 55.76
C LYS D 85 -8.55 -15.11 56.46
N ASP D 86 -8.69 -16.22 55.75
CA ASP D 86 -8.52 -17.56 56.33
C ASP D 86 -9.37 -17.73 57.59
N GLY D 87 -10.58 -17.19 57.57
CA GLY D 87 -11.44 -17.37 58.72
C GLY D 87 -11.13 -16.48 59.90
N LYS D 88 -10.20 -15.54 59.79
CA LYS D 88 -9.89 -14.67 60.91
C LYS D 88 -10.09 -13.21 60.55
N VAL D 89 -10.35 -12.38 61.56
CA VAL D 89 -10.74 -10.99 61.34
C VAL D 89 -9.50 -10.17 61.02
N ALA D 90 -9.42 -9.67 59.78
CA ALA D 90 -8.36 -8.77 59.40
C ALA D 90 -8.74 -7.32 59.61
N LEU D 91 -10.02 -6.99 59.43
CA LEU D 91 -10.43 -5.61 59.67
C LEU D 91 -11.89 -5.61 60.06
N GLU D 92 -12.25 -4.80 61.05
CA GLU D 92 -13.65 -4.76 61.50
C GLU D 92 -13.94 -3.34 62.02
N ARG D 93 -14.78 -2.59 61.30
CA ARG D 93 -15.09 -1.22 61.67
C ARG D 93 -16.59 -0.98 61.57
N TYR D 94 -17.11 -0.17 62.48
CA TYR D 94 -18.52 0.24 62.48
C TYR D 94 -18.62 1.74 62.27
N GLY D 95 -19.70 2.16 61.60
CA GLY D 95 -19.97 3.56 61.36
C GLY D 95 -21.41 3.90 61.69
N LEU D 96 -21.73 5.20 61.52
CA LEU D 96 -23.07 5.75 61.60
C LEU D 96 -23.78 5.43 62.92
N GLY D 97 -23.02 5.21 64.00
CA GLY D 97 -23.63 4.81 65.25
C GLY D 97 -23.92 3.32 65.38
N ASN D 98 -23.46 2.51 64.44
CA ASN D 98 -23.59 1.06 64.56
C ASN D 98 -22.58 0.50 65.55
N ASP D 99 -22.89 -0.68 66.06
CA ASP D 99 -21.90 -1.38 66.85
C ASP D 99 -22.03 -2.87 66.55
N GLU D 100 -21.29 -3.67 67.31
CA GLU D 100 -21.20 -5.09 67.04
C GLU D 100 -22.53 -5.80 67.22
N ARG D 101 -23.46 -5.19 67.93
CA ARG D 101 -24.77 -5.75 68.20
C ARG D 101 -25.82 -5.26 67.21
N THR D 102 -25.45 -4.38 66.28
CA THR D 102 -26.43 -3.82 65.35
C THR D 102 -26.87 -4.87 64.33
N ARG D 103 -28.16 -4.94 64.05
CA ARG D 103 -28.69 -5.75 62.97
C ARG D 103 -29.05 -4.83 61.80
N TRP D 104 -28.39 -5.01 60.66
CA TRP D 104 -28.51 -4.11 59.53
C TRP D 104 -29.14 -4.85 58.35
N THR D 105 -30.10 -4.20 57.68
CA THR D 105 -30.86 -4.85 56.61
C THR D 105 -30.00 -5.03 55.36
N SER D 106 -30.38 -6.02 54.55
CA SER D 106 -29.54 -6.58 53.50
C SER D 106 -29.83 -6.03 52.12
N PHE D 107 -31.06 -5.59 51.89
CA PHE D 107 -31.57 -5.43 50.53
C PHE D 107 -31.27 -6.69 49.72
N SER D 108 -30.86 -6.52 48.44
CA SER D 108 -30.75 -7.69 47.56
C SER D 108 -29.63 -8.66 47.93
N VAL D 109 -28.83 -8.38 48.97
CA VAL D 109 -27.87 -9.37 49.42
C VAL D 109 -28.57 -10.67 49.80
N VAL D 110 -29.80 -10.58 50.30
CA VAL D 110 -30.44 -11.83 50.69
C VAL D 110 -30.73 -12.71 49.47
N LYS D 111 -30.71 -12.19 48.24
CA LYS D 111 -30.95 -13.08 47.09
C LYS D 111 -29.93 -14.20 47.06
N SER D 112 -28.70 -13.92 47.53
CA SER D 112 -27.68 -14.94 47.50
C SER D 112 -27.77 -15.86 48.71
N ILE D 113 -28.40 -15.39 49.78
CA ILE D 113 -28.63 -16.27 50.91
C ILE D 113 -29.72 -17.28 50.54
N SER D 114 -30.81 -16.80 49.94
CA SER D 114 -31.89 -17.68 49.49
C SER D 114 -31.36 -18.72 48.51
N SER D 115 -30.57 -18.28 47.53
CA SER D 115 -29.99 -19.21 46.59
C SER D 115 -29.21 -20.30 47.33
N THR D 116 -28.43 -19.91 48.36
CA THR D 116 -27.67 -20.91 49.09
C THR D 116 -28.59 -21.87 49.83
N LEU D 117 -29.73 -21.37 50.31
CA LEU D 117 -30.70 -22.26 50.93
C LEU D 117 -31.29 -23.20 49.90
N VAL D 118 -31.52 -22.73 48.66
CA VAL D 118 -31.96 -23.67 47.64
C VAL D 118 -30.94 -24.79 47.50
N GLY D 119 -29.65 -24.43 47.58
CA GLY D 119 -28.62 -25.45 47.54
C GLY D 119 -28.79 -26.45 48.66
N ALA D 120 -29.02 -25.96 49.89
CA ALA D 120 -29.24 -26.88 51.00
C ALA D 120 -30.43 -27.79 50.70
N ALA D 121 -31.49 -27.22 50.09
CA ALA D 121 -32.68 -28.02 49.79
C ALA D 121 -32.38 -29.05 48.72
N VAL D 122 -31.55 -28.68 47.73
CA VAL D 122 -31.17 -29.66 46.74
C VAL D 122 -30.36 -30.78 47.40
N GLN D 123 -29.57 -30.45 48.42
CA GLN D 123 -28.74 -31.49 49.04
C GLN D 123 -29.60 -32.48 49.81
N GLN D 124 -30.71 -32.03 50.37
CA GLN D 124 -31.63 -32.90 51.07
C GLN D 124 -32.61 -33.61 50.14
N GLY D 125 -32.51 -33.39 48.83
CA GLY D 125 -33.44 -34.04 47.92
C GLY D 125 -34.84 -33.48 47.92
N LEU D 126 -34.99 -32.22 48.33
CA LEU D 126 -36.29 -31.60 48.45
C LEU D 126 -36.65 -30.74 47.25
N LEU D 127 -35.66 -30.17 46.57
CA LEU D 127 -35.81 -29.46 45.31
C LEU D 127 -34.84 -30.07 44.32
N ALA D 128 -35.12 -29.90 43.03
CA ALA D 128 -34.19 -30.27 41.97
C ALA D 128 -34.10 -29.12 40.97
N LEU D 129 -32.88 -28.88 40.46
CA LEU D 129 -32.67 -27.74 39.57
C LEU D 129 -33.40 -27.92 38.23
N ASP D 130 -33.54 -29.16 37.78
CA ASP D 130 -34.19 -29.46 36.50
C ASP D 130 -35.71 -29.37 36.55
N GLN D 131 -36.31 -29.34 37.74
CA GLN D 131 -37.75 -29.44 37.83
C GLN D 131 -38.43 -28.08 37.63
N PRO D 132 -39.64 -28.05 37.08
CA PRO D 132 -40.32 -26.76 36.88
C PRO D 132 -40.92 -26.23 38.18
N VAL D 133 -40.98 -24.90 38.25
CA VAL D 133 -41.41 -24.23 39.48
C VAL D 133 -42.89 -24.52 39.80
N ASP D 134 -43.73 -24.67 38.78
CA ASP D 134 -45.15 -24.94 39.01
C ASP D 134 -45.40 -26.32 39.63
N LYS D 135 -44.46 -27.25 39.50
CA LYS D 135 -44.57 -28.51 40.26
C LYS D 135 -44.67 -28.24 41.74
N TYR D 136 -43.87 -27.30 42.25
CA TYR D 136 -43.86 -26.98 43.67
C TYR D 136 -44.87 -25.89 44.02
N LEU D 137 -45.17 -24.98 43.09
CA LEU D 137 -46.03 -23.81 43.32
C LEU D 137 -47.20 -23.89 42.37
N PRO D 138 -48.24 -24.64 42.71
CA PRO D 138 -49.36 -24.79 41.78
C PRO D 138 -50.14 -23.50 41.54
N SER D 139 -49.92 -22.46 42.36
CA SER D 139 -50.53 -21.16 42.05
C SER D 139 -49.94 -20.52 40.79
N LEU D 140 -48.87 -21.06 40.22
CA LEU D 140 -48.30 -20.57 38.98
C LEU D 140 -48.80 -21.33 37.75
N ALA D 141 -49.76 -22.23 37.93
CA ALA D 141 -50.40 -22.94 36.82
C ALA D 141 -51.00 -21.99 35.81
N GLY D 142 -50.71 -22.23 34.53
CA GLY D 142 -51.27 -21.40 33.48
C GLY D 142 -50.53 -20.09 33.27
N SER D 143 -49.59 -19.74 34.15
CA SER D 143 -48.83 -18.52 33.98
C SER D 143 -47.62 -18.77 33.10
N ALA D 144 -46.96 -17.68 32.71
CA ALA D 144 -45.72 -17.75 31.95
C ALA D 144 -44.57 -18.42 32.71
N TYR D 145 -44.69 -18.62 34.03
CA TYR D 145 -43.71 -19.40 34.79
C TYR D 145 -43.91 -20.89 34.65
N GLN D 146 -45.00 -21.34 34.03
CA GLN D 146 -45.21 -22.77 33.88
C GLN D 146 -44.12 -23.35 32.99
N GLY D 147 -43.46 -24.40 33.48
CA GLY D 147 -42.38 -25.03 32.74
C GLY D 147 -41.03 -24.37 32.89
N VAL D 148 -40.92 -23.22 33.55
CA VAL D 148 -39.61 -22.64 33.88
C VAL D 148 -38.98 -23.46 35.00
N THR D 149 -37.69 -23.77 34.87
CA THR D 149 -37.05 -24.62 35.86
C THR D 149 -36.51 -23.81 37.05
N VAL D 150 -36.23 -24.51 38.14
CA VAL D 150 -35.65 -23.86 39.30
C VAL D 150 -34.34 -23.18 38.93
N GLU D 151 -33.56 -23.84 38.06
CA GLU D 151 -32.28 -23.28 37.66
C GLU D 151 -32.47 -21.98 36.90
N GLN D 152 -33.46 -21.92 36.00
CA GLN D 152 -33.74 -20.68 35.27
C GLN D 152 -34.19 -19.55 36.20
N VAL D 153 -34.89 -19.87 37.30
CA VAL D 153 -35.20 -18.84 38.29
C VAL D 153 -33.91 -18.34 38.97
N LEU D 154 -33.06 -19.26 39.43
CA LEU D 154 -31.78 -18.86 40.07
C LEU D 154 -30.91 -18.01 39.15
N GLN D 155 -30.98 -18.23 37.84
CA GLN D 155 -30.16 -17.48 36.89
C GLN D 155 -30.89 -16.26 36.29
N MET D 156 -32.02 -15.84 36.88
CA MET D 156 -32.75 -14.67 36.37
C MET D 156 -33.00 -14.80 34.86
N SER D 157 -33.35 -16.02 34.43
CA SER D 157 -33.45 -16.31 33.00
C SER D 157 -34.77 -16.98 32.63
N SER D 158 -35.83 -16.71 33.39
CA SER D 158 -37.14 -17.29 33.07
C SER D 158 -37.64 -16.85 31.72
N GLY D 159 -37.26 -15.64 31.28
CA GLY D 159 -37.79 -15.05 30.06
C GLY D 159 -39.13 -14.37 30.25
N VAL D 160 -39.66 -14.36 31.46
CA VAL D 160 -40.89 -13.63 31.75
C VAL D 160 -40.62 -12.14 31.70
N ARG D 161 -41.58 -11.37 31.17
CA ARG D 161 -41.47 -9.91 31.09
C ARG D 161 -41.54 -9.28 32.47
N TRP D 162 -40.58 -8.42 32.79
CA TRP D 162 -40.52 -7.79 34.10
C TRP D 162 -39.95 -6.38 33.96
N ASN D 163 -40.61 -5.42 34.60
CA ASN D 163 -40.24 -4.00 34.61
C ASN D 163 -39.71 -3.69 36.02
N GLU D 164 -38.40 -3.59 36.17
CA GLU D 164 -37.79 -3.45 37.49
C GLU D 164 -37.72 -1.99 37.93
N THR D 165 -38.07 -1.05 37.05
CA THR D 165 -37.96 0.38 37.32
C THR D 165 -38.63 0.76 38.64
N TYR D 166 -37.88 1.39 39.54
CA TYR D 166 -38.54 1.99 40.69
C TYR D 166 -39.17 3.34 40.35
N ARG D 167 -38.58 4.08 39.40
CA ARG D 167 -39.11 5.38 39.03
C ARG D 167 -40.57 5.31 38.59
N ASP D 168 -40.89 4.36 37.69
CA ASP D 168 -42.27 4.20 37.21
C ASP D 168 -43.16 3.70 38.34
N PRO D 169 -44.31 4.34 38.59
CA PRO D 169 -45.22 3.83 39.64
C PRO D 169 -45.98 2.56 39.27
N LYS D 170 -46.35 2.36 38.01
CA LYS D 170 -47.12 1.16 37.65
C LYS D 170 -46.21 0.00 37.23
N SER D 171 -44.92 0.10 37.47
CA SER D 171 -43.99 -0.96 37.11
C SER D 171 -44.27 -2.25 37.89
N ASP D 172 -43.64 -3.33 37.47
CA ASP D 172 -43.79 -4.58 38.20
C ASP D 172 -43.11 -4.53 39.56
N ARG D 173 -41.92 -3.94 39.66
CA ARG D 173 -41.28 -3.77 40.97
C ARG D 173 -42.13 -2.94 41.92
N ARG D 174 -42.71 -1.84 41.43
CA ARG D 174 -43.55 -1.02 42.30
C ARG D 174 -44.83 -1.74 42.69
N GLN D 175 -45.39 -2.52 41.78
CA GLN D 175 -46.57 -3.32 42.12
C GLN D 175 -46.22 -4.39 43.15
N MET D 176 -45.02 -4.97 43.04
CA MET D 176 -44.57 -5.92 44.04
C MET D 176 -44.51 -5.26 45.41
N PHE D 177 -43.85 -4.11 45.49
CA PHE D 177 -43.77 -3.37 46.75
C PHE D 177 -45.17 -3.00 47.26
N ASP D 178 -46.09 -2.64 46.36
CA ASP D 178 -47.45 -2.33 46.80
C ASP D 178 -48.11 -3.55 47.43
N ALA D 179 -47.91 -4.73 46.83
CA ALA D 179 -48.44 -5.96 47.39
C ALA D 179 -47.84 -6.26 48.76
N GLN D 180 -46.55 -6.02 48.95
CA GLN D 180 -45.97 -6.17 50.28
C GLN D 180 -46.62 -5.21 51.27
N LEU D 181 -46.70 -3.92 50.91
CA LEU D 181 -47.27 -2.95 51.82
C LEU D 181 -48.71 -3.25 52.17
N ALA D 182 -49.43 -3.96 51.31
CA ALA D 182 -50.82 -4.31 51.60
C ALA D 182 -50.96 -5.55 52.48
N GLU D 183 -49.86 -6.23 52.80
CA GLU D 183 -49.82 -7.37 53.73
C GLU D 183 -50.87 -8.44 53.43
N ARG D 184 -51.11 -8.70 52.14
CA ARG D 184 -51.99 -9.79 51.75
C ARG D 184 -51.15 -11.01 51.39
N PRO D 185 -51.29 -12.14 52.09
CA PRO D 185 -50.47 -13.31 51.74
C PRO D 185 -50.75 -13.75 50.31
N GLY D 186 -49.69 -14.09 49.59
CA GLY D 186 -49.82 -14.54 48.21
C GLY D 186 -49.93 -13.42 47.19
N GLY D 187 -49.89 -12.15 47.61
CA GLY D 187 -49.98 -11.06 46.65
C GLY D 187 -48.85 -11.06 45.63
N ILE D 188 -47.62 -11.36 46.07
CA ILE D 188 -46.52 -11.39 45.12
C ILE D 188 -46.70 -12.52 44.12
N LEU D 189 -47.16 -13.70 44.57
CA LEU D 189 -47.41 -14.79 43.64
C LEU D 189 -48.47 -14.42 42.61
N ARG D 190 -49.55 -13.76 43.05
CA ARG D 190 -50.58 -13.33 42.10
C ARG D 190 -49.98 -12.42 41.05
N LEU D 191 -49.19 -11.43 41.49
CA LEU D 191 -48.54 -10.53 40.54
C LEU D 191 -47.72 -11.31 39.53
N LEU D 192 -46.84 -12.20 40.02
CA LEU D 192 -45.95 -12.94 39.14
C LEU D 192 -46.72 -13.84 38.19
N ALA D 193 -47.82 -14.45 38.67
CA ALA D 193 -48.65 -15.29 37.83
C ALA D 193 -49.39 -14.48 36.79
N SER D 194 -49.42 -13.15 36.92
CA SER D 194 -50.09 -12.32 35.94
C SER D 194 -49.17 -11.79 34.84
N LEU D 195 -47.84 -12.24 34.79
CA LEU D 195 -46.99 -11.59 33.79
C LEU D 195 -46.90 -12.40 32.50
N PRO D 196 -46.73 -11.75 31.35
CA PRO D 196 -46.57 -12.48 30.09
C PRO D 196 -45.13 -12.89 29.79
N ARG D 197 -44.99 -13.93 28.99
CA ARG D 197 -43.69 -14.34 28.45
C ARG D 197 -43.19 -13.30 27.47
N GLN D 198 -41.87 -13.12 27.42
CA GLN D 198 -41.31 -12.15 26.49
C GLN D 198 -40.15 -12.75 25.71
N TYR D 199 -39.34 -13.60 26.34
CA TYR D 199 -38.26 -14.32 25.68
C TYR D 199 -38.39 -15.79 25.98
N PRO D 200 -37.83 -16.67 25.16
CA PRO D 200 -37.79 -18.09 25.52
C PRO D 200 -36.89 -18.30 26.73
N SER D 201 -37.28 -19.26 27.56
CA SER D 201 -36.64 -19.43 28.86
C SER D 201 -35.23 -19.98 28.69
N GLY D 202 -34.32 -19.50 29.54
CA GLY D 202 -32.93 -19.89 29.52
C GLY D 202 -32.07 -19.12 28.55
N THR D 203 -32.58 -18.03 27.97
CA THR D 203 -31.87 -17.32 26.92
C THR D 203 -31.57 -15.85 27.24
N HIS D 204 -32.29 -15.24 28.17
CA HIS D 204 -32.18 -13.81 28.39
C HIS D 204 -32.11 -13.56 29.89
N PHE D 205 -31.19 -12.70 30.28
CA PHE D 205 -31.07 -12.26 31.66
C PHE D 205 -31.98 -11.06 31.84
N THR D 206 -32.90 -11.16 32.79
CA THR D 206 -33.71 -10.01 33.19
C THR D 206 -33.69 -9.96 34.71
N TYR D 207 -33.02 -8.96 35.27
CA TYR D 207 -33.01 -8.82 36.70
C TYR D 207 -34.42 -8.55 37.22
N SER D 208 -34.92 -9.44 38.07
CA SER D 208 -36.28 -9.33 38.58
C SER D 208 -36.31 -9.68 40.07
N THR D 209 -36.63 -8.70 40.89
CA THR D 209 -36.83 -8.91 42.31
C THR D 209 -38.02 -9.86 42.58
N GLY D 210 -39.01 -9.89 41.69
CA GLY D 210 -40.08 -10.87 41.82
C GLY D 210 -39.59 -12.29 41.59
N GLU D 211 -38.92 -12.52 40.45
CA GLU D 211 -38.32 -13.83 40.18
C GLU D 211 -37.49 -14.29 41.37
N SER D 212 -36.65 -13.42 41.90
CA SER D 212 -35.82 -13.80 43.03
C SER D 212 -36.65 -14.12 44.25
N HIS D 213 -37.76 -13.40 44.46
CA HIS D 213 -38.63 -13.77 45.58
C HIS D 213 -39.11 -15.20 45.45
N LEU D 214 -39.24 -15.66 44.21
CA LEU D 214 -39.73 -17.03 44.00
C LEU D 214 -38.91 -18.06 44.76
N GLN D 215 -37.61 -17.81 45.03
CA GLN D 215 -36.83 -18.86 45.68
C GLN D 215 -37.32 -19.09 47.10
N SER D 216 -37.82 -18.03 47.75
CA SER D 216 -38.44 -18.14 49.06
C SER D 216 -39.67 -19.04 49.03
N GLU D 217 -40.56 -18.77 48.07
CA GLU D 217 -41.79 -19.54 47.95
C GLU D 217 -41.48 -21.00 47.64
N LEU D 218 -40.44 -21.25 46.84
CA LEU D 218 -40.00 -22.61 46.53
C LEU D 218 -39.47 -23.31 47.77
N LEU D 219 -38.60 -22.63 48.52
CA LEU D 219 -38.03 -23.24 49.71
C LEU D 219 -39.14 -23.65 50.66
N HIS D 220 -40.11 -22.77 50.86
CA HIS D 220 -41.22 -23.11 51.73
C HIS D 220 -42.07 -24.24 51.16
N ALA D 221 -42.36 -24.19 49.84
CA ALA D 221 -43.11 -25.28 49.22
C ALA D 221 -42.43 -26.64 49.43
N ALA D 222 -41.11 -26.71 49.25
CA ALA D 222 -40.43 -28.00 49.31
C ALA D 222 -40.12 -28.47 50.73
N THR D 223 -39.91 -27.56 51.69
CA THR D 223 -39.61 -28.02 53.04
C THR D 223 -40.82 -27.96 53.96
N ARG D 224 -41.82 -27.15 53.62
CA ARG D 224 -43.03 -26.95 54.42
C ARG D 224 -42.74 -26.38 55.81
N ILE D 225 -41.65 -25.63 55.96
CA ILE D 225 -41.43 -24.84 57.16
C ILE D 225 -41.09 -23.42 56.73
N PRO D 226 -41.24 -22.44 57.63
CA PRO D 226 -40.86 -21.07 57.29
C PRO D 226 -39.39 -21.00 56.93
N VAL D 227 -39.08 -20.23 55.89
CA VAL D 227 -37.71 -20.15 55.39
C VAL D 227 -36.73 -19.65 56.48
N SER D 228 -37.18 -18.77 57.38
CA SER D 228 -36.30 -18.35 58.47
C SER D 228 -35.88 -19.54 59.31
N ASP D 229 -36.80 -20.49 59.51
CA ASP D 229 -36.51 -21.66 60.33
C ASP D 229 -35.66 -22.65 59.56
N TYR D 230 -35.84 -22.73 58.26
CA TYR D 230 -34.92 -23.52 57.44
C TYR D 230 -33.50 -22.96 57.49
N LEU D 231 -33.36 -21.64 57.31
CA LEU D 231 -32.05 -21.01 57.46
C LEU D 231 -31.46 -21.26 58.85
N SER D 232 -32.30 -21.20 59.90
CA SER D 232 -31.78 -21.46 61.24
C SER D 232 -31.28 -22.90 61.37
N GLU D 233 -32.08 -23.86 60.90
CA GLU D 233 -31.74 -25.26 61.10
C GLU D 233 -30.56 -25.68 60.24
N ARG D 234 -30.44 -25.13 59.03
CA ARG D 234 -29.33 -25.52 58.16
C ARG D 234 -28.04 -24.77 58.47
N ILE D 235 -28.12 -23.50 58.88
CA ILE D 235 -26.91 -22.67 58.95
C ILE D 235 -26.81 -21.91 60.27
N TRP D 236 -27.84 -21.15 60.62
CA TRP D 236 -27.69 -20.12 61.64
C TRP D 236 -27.45 -20.72 63.02
N ALA D 237 -28.13 -21.80 63.34
CA ALA D 237 -27.92 -22.47 64.60
C ALA D 237 -26.87 -23.57 64.50
N ARG D 238 -26.55 -24.00 63.28
CA ARG D 238 -25.65 -25.12 63.08
C ARG D 238 -24.21 -24.64 63.06
N MET D 239 -23.91 -23.68 62.17
CA MET D 239 -22.64 -22.98 62.20
C MET D 239 -22.38 -22.39 63.58
N GLY D 240 -23.34 -21.59 64.03
CA GLY D 240 -23.25 -20.83 65.25
C GLY D 240 -23.09 -19.35 64.98
N MET D 241 -24.13 -18.69 64.50
CA MET D 241 -24.12 -17.24 64.55
C MET D 241 -24.12 -16.79 66.00
N GLU D 242 -23.56 -15.60 66.22
CA GLU D 242 -23.56 -15.09 67.59
C GLU D 242 -24.86 -14.39 67.94
N SER D 243 -25.74 -14.14 66.98
CA SER D 243 -26.93 -13.34 67.24
C SER D 243 -28.08 -13.80 66.37
N ASP D 244 -29.30 -13.71 66.92
CA ASP D 244 -30.46 -13.92 66.07
C ASP D 244 -30.43 -12.93 64.91
N GLY D 245 -30.94 -13.37 63.76
CA GLY D 245 -31.25 -12.47 62.68
C GLY D 245 -32.76 -12.33 62.60
N PHE D 246 -33.22 -11.53 61.63
CA PHE D 246 -34.65 -11.55 61.32
C PHE D 246 -34.83 -11.23 59.84
N TRP D 247 -36.02 -11.56 59.33
CA TRP D 247 -36.29 -11.56 57.89
C TRP D 247 -37.66 -10.95 57.64
N GLN D 248 -37.70 -9.89 56.82
CA GLN D 248 -38.95 -9.26 56.46
C GLN D 248 -39.90 -10.23 55.76
N LEU D 249 -41.20 -10.12 56.05
CA LEU D 249 -42.24 -10.96 55.48
C LEU D 249 -43.22 -10.16 54.62
N GLU D 250 -43.96 -10.89 53.79
CA GLU D 250 -44.96 -10.30 52.89
C GLU D 250 -46.20 -9.84 53.66
N SER D 251 -46.39 -10.39 54.86
CA SER D 251 -47.57 -10.16 55.68
C SER D 251 -47.25 -10.71 57.07
N PRO D 252 -48.03 -10.35 58.10
CA PRO D 252 -47.71 -10.78 59.47
C PRO D 252 -47.76 -12.30 59.63
N ALA D 253 -46.66 -12.86 60.14
CA ALA D 253 -46.52 -14.31 60.24
C ALA D 253 -46.69 -14.98 58.88
N GLY D 254 -46.30 -14.29 57.81
CA GLY D 254 -46.42 -14.81 56.47
C GLY D 254 -45.09 -15.29 55.91
N GLN D 255 -44.87 -14.97 54.63
CA GLN D 255 -43.77 -15.51 53.82
C GLN D 255 -42.60 -14.52 53.76
N GLU D 256 -41.39 -15.03 54.02
CA GLU D 256 -40.17 -14.22 53.89
C GLU D 256 -40.03 -13.64 52.48
N ILE D 257 -39.54 -12.40 52.38
CA ILE D 257 -39.24 -11.83 51.07
C ILE D 257 -37.92 -12.42 50.60
N GLY D 258 -37.97 -13.17 49.48
CA GLY D 258 -36.81 -13.94 49.05
C GLY D 258 -35.69 -13.09 48.52
N SER D 259 -35.99 -11.85 48.15
CA SER D 259 -35.07 -10.97 47.46
C SER D 259 -34.67 -9.70 48.23
N SER D 260 -35.20 -9.49 49.44
CA SER D 260 -34.70 -8.41 50.30
C SER D 260 -35.13 -8.67 51.74
N GLY D 261 -34.62 -7.86 52.65
CA GLY D 261 -35.22 -7.78 53.98
C GLY D 261 -34.65 -8.65 55.07
N LEU D 262 -33.45 -9.21 54.93
CA LEU D 262 -32.83 -9.91 56.04
C LEU D 262 -31.97 -8.92 56.85
N SER D 263 -32.02 -9.03 58.18
CA SER D 263 -31.17 -8.23 59.05
C SER D 263 -30.32 -9.16 59.93
N ALA D 264 -29.05 -8.79 60.10
CA ALA D 264 -28.11 -9.58 60.87
C ALA D 264 -26.95 -8.69 61.30
N THR D 265 -26.18 -9.18 62.30
CA THR D 265 -24.98 -8.46 62.72
C THR D 265 -23.88 -8.59 61.67
N LEU D 266 -22.90 -7.69 61.75
CA LEU D 266 -21.84 -7.67 60.74
C LEU D 266 -21.04 -8.96 60.72
N ARG D 267 -20.72 -9.47 61.91
CA ARG D 267 -19.91 -10.68 61.98
C ARG D 267 -20.70 -11.90 61.55
N ASP D 268 -22.03 -11.89 61.69
CA ASP D 268 -22.83 -13.03 61.24
C ASP D 268 -23.02 -13.03 59.72
N TYR D 269 -23.15 -11.85 59.09
CA TYR D 269 -22.96 -11.82 57.63
C TYR D 269 -21.61 -12.43 57.26
N GLY D 270 -20.57 -12.11 58.04
CA GLY D 270 -19.25 -12.68 57.74
C GLY D 270 -19.21 -14.19 57.91
N ARG D 271 -19.88 -14.71 58.93
CA ARG D 271 -19.95 -16.15 59.10
C ARG D 271 -20.67 -16.81 57.94
N PHE D 272 -21.71 -16.15 57.41
CA PHE D 272 -22.40 -16.72 56.26
C PHE D 272 -21.47 -16.79 55.05
N GLY D 273 -20.76 -15.69 54.80
CA GLY D 273 -19.78 -15.71 53.71
C GLY D 273 -18.70 -16.75 53.93
N GLN D 274 -18.34 -17.01 55.19
CA GLN D 274 -17.30 -17.99 55.47
C GLN D 274 -17.82 -19.40 55.22
N PHE D 275 -19.07 -19.67 55.61
CA PHE D 275 -19.77 -20.89 55.24
C PHE D 275 -19.67 -21.15 53.75
N VAL D 276 -19.97 -20.13 52.94
CA VAL D 276 -19.87 -20.31 51.49
C VAL D 276 -18.42 -20.57 51.08
N LEU D 277 -17.48 -19.86 51.69
CA LEU D 277 -16.06 -19.99 51.32
C LEU D 277 -15.56 -21.39 51.60
N GLU D 278 -16.07 -22.02 52.66
CA GLU D 278 -15.73 -23.40 53.01
C GLU D 278 -16.67 -24.41 52.36
N ASP D 279 -17.30 -24.04 51.23
CA ASP D 279 -18.10 -24.95 50.39
C ASP D 279 -19.27 -25.57 51.12
N GLY D 280 -19.80 -24.87 52.10
CA GLY D 280 -20.99 -25.35 52.78
C GLY D 280 -20.78 -26.51 53.72
N VAL D 281 -19.54 -26.75 54.15
CA VAL D 281 -19.26 -27.81 55.09
C VAL D 281 -19.26 -27.22 56.50
N ILE D 282 -19.94 -27.88 57.43
CA ILE D 282 -19.95 -27.49 58.83
C ILE D 282 -19.66 -28.72 59.66
N ASP D 283 -18.52 -28.71 60.39
CA ASP D 283 -18.11 -29.84 61.23
C ASP D 283 -18.18 -31.16 60.47
N GLY D 284 -17.63 -31.15 59.26
CA GLY D 284 -17.55 -32.35 58.45
C GLY D 284 -18.83 -32.76 57.76
N GLU D 285 -19.97 -32.14 58.09
CA GLU D 285 -21.24 -32.46 57.45
C GLU D 285 -21.47 -31.51 56.29
N ARG D 286 -21.78 -32.05 55.13
CA ARG D 286 -21.88 -31.23 53.94
C ARG D 286 -23.32 -30.71 53.84
N ILE D 287 -23.47 -29.38 53.95
CA ILE D 287 -24.81 -28.77 53.88
C ILE D 287 -25.19 -28.47 52.44
N LEU D 288 -24.26 -27.98 51.62
CA LEU D 288 -24.46 -27.72 50.21
C LEU D 288 -23.97 -28.89 49.39
N PRO D 289 -24.55 -29.18 48.23
CA PRO D 289 -24.05 -30.32 47.44
C PRO D 289 -22.60 -30.08 47.06
N GLU D 290 -21.85 -31.20 46.98
CA GLU D 290 -20.55 -31.19 46.33
C GLU D 290 -20.67 -30.41 45.03
N GLY D 291 -19.78 -29.44 44.83
CA GLY D 291 -19.79 -28.67 43.60
C GLY D 291 -20.75 -27.49 43.54
N TRP D 292 -21.54 -27.24 44.60
CA TRP D 292 -22.57 -26.20 44.50
C TRP D 292 -21.95 -24.81 44.26
N VAL D 293 -20.99 -24.42 45.09
CA VAL D 293 -20.49 -23.04 44.99
C VAL D 293 -19.83 -22.80 43.64
N ASP D 294 -19.13 -23.82 43.12
CA ASP D 294 -18.64 -23.78 41.75
C ASP D 294 -19.76 -23.51 40.75
N ARG D 295 -20.84 -24.29 40.81
CA ARG D 295 -21.93 -24.11 39.85
C ARG D 295 -22.59 -22.75 40.03
N ALA D 296 -22.60 -22.23 41.26
CA ALA D 296 -23.37 -21.04 41.61
C ALA D 296 -22.60 -19.75 41.34
N SER D 297 -21.27 -19.84 41.18
CA SER D 297 -20.42 -18.71 40.82
C SER D 297 -19.83 -18.86 39.43
N ARG D 298 -20.36 -19.80 38.66
CA ARG D 298 -19.75 -20.29 37.44
C ARG D 298 -19.52 -19.17 36.43
N VAL D 299 -18.48 -19.33 35.61
CA VAL D 299 -18.23 -18.47 34.46
C VAL D 299 -18.05 -19.40 33.25
N GLU D 300 -19.16 -19.72 32.57
CA GLU D 300 -19.13 -20.49 31.33
C GLU D 300 -19.11 -19.55 30.13
N ALA D 301 -18.01 -19.57 29.37
CA ALA D 301 -17.78 -18.58 28.32
C ALA D 301 -18.97 -18.45 27.37
N SER D 302 -19.57 -19.57 26.98
CA SER D 302 -20.66 -19.54 26.01
C SER D 302 -21.97 -19.04 26.59
N SER D 303 -22.07 -18.92 27.91
CA SER D 303 -23.32 -18.55 28.57
C SER D 303 -23.69 -17.11 28.28
N HIS D 304 -24.99 -16.85 28.15
CA HIS D 304 -25.41 -15.45 28.12
C HIS D 304 -25.23 -14.76 29.47
N LEU D 305 -24.76 -15.46 30.50
CA LEU D 305 -24.58 -14.91 31.83
C LEU D 305 -23.11 -14.55 32.12
N ALA D 306 -22.25 -14.70 31.13
CA ALA D 306 -20.82 -14.49 31.33
C ALA D 306 -20.53 -13.02 31.63
N PRO D 307 -19.56 -12.74 32.48
CA PRO D 307 -19.15 -11.35 32.74
C PRO D 307 -18.96 -10.55 31.46
N GLY D 308 -19.54 -9.36 31.42
CA GLY D 308 -19.48 -8.47 30.29
C GLY D 308 -20.65 -8.54 29.34
N LYS D 309 -21.44 -9.62 29.38
CA LYS D 309 -22.56 -9.78 28.47
C LYS D 309 -23.84 -9.13 28.97
N LEU D 310 -23.92 -8.80 30.25
CA LEU D 310 -25.12 -8.21 30.81
C LEU D 310 -25.20 -6.72 30.49
N TYR D 311 -26.43 -6.23 30.42
CA TYR D 311 -26.73 -4.81 30.20
C TYR D 311 -26.03 -4.26 28.97
N ASP D 312 -25.99 -5.09 27.91
CA ASP D 312 -25.34 -4.75 26.64
C ASP D 312 -23.88 -4.36 26.83
N GLY D 313 -23.17 -5.14 27.64
CA GLY D 313 -21.75 -4.89 27.78
C GLY D 313 -21.38 -3.63 28.52
N GLU D 314 -22.33 -3.00 29.21
CA GLU D 314 -22.05 -1.80 29.98
C GLU D 314 -21.70 -2.11 31.43
N TYR D 315 -21.86 -3.37 31.85
CA TYR D 315 -21.59 -3.82 33.21
C TYR D 315 -20.54 -4.90 33.18
N ALA D 316 -19.57 -4.82 34.10
CA ALA D 316 -18.43 -5.71 34.07
C ALA D 316 -18.73 -7.08 34.66
N LEU D 317 -19.75 -7.21 35.51
CA LEU D 317 -20.02 -8.41 36.27
C LEU D 317 -21.04 -9.28 35.55
N GLY D 318 -20.88 -10.59 35.64
CA GLY D 318 -21.85 -11.54 35.15
C GLY D 318 -22.73 -12.05 36.26
N TYR D 319 -23.42 -13.15 35.99
CA TYR D 319 -24.39 -13.70 36.94
C TYR D 319 -24.23 -15.20 37.07
N GLY D 320 -24.52 -15.71 38.27
CA GLY D 320 -24.60 -17.14 38.46
C GLY D 320 -25.93 -17.53 39.05
N TYR D 321 -25.90 -18.20 40.21
CA TYR D 321 -27.14 -18.55 40.90
C TYR D 321 -27.43 -17.46 41.91
N GLN D 322 -27.90 -16.31 41.42
CA GLN D 322 -28.20 -15.16 42.26
C GLN D 322 -26.93 -14.61 42.93
N TRP D 323 -25.78 -14.79 42.28
CA TRP D 323 -24.53 -14.14 42.64
C TRP D 323 -24.00 -13.38 41.43
N TRP D 324 -23.38 -12.22 41.66
CA TRP D 324 -22.67 -11.49 40.61
C TRP D 324 -21.24 -12.02 40.54
N THR D 325 -20.75 -12.28 39.33
CA THR D 325 -19.43 -12.90 39.15
C THR D 325 -18.44 -11.89 38.61
N PHE D 326 -17.23 -11.88 39.18
CA PHE D 326 -16.24 -10.96 38.64
C PHE D 326 -15.59 -11.56 37.39
N PRO D 327 -15.24 -10.72 36.41
CA PRO D 327 -14.58 -11.23 35.20
C PRO D 327 -13.23 -11.85 35.53
N VAL D 328 -12.82 -12.80 34.71
CA VAL D 328 -11.60 -13.55 34.96
C VAL D 328 -10.67 -13.40 33.77
N GLY D 329 -9.37 -13.52 34.04
CA GLY D 329 -8.39 -13.41 32.96
C GLY D 329 -8.16 -11.97 32.56
N ALA D 330 -8.28 -11.70 31.26
CA ALA D 330 -7.86 -10.43 30.68
C ALA D 330 -8.82 -9.27 30.98
N LYS D 331 -10.07 -9.54 31.34
CA LYS D 331 -10.99 -8.46 31.70
C LYS D 331 -11.14 -8.32 33.21
N ALA D 332 -10.38 -9.09 34.00
CA ALA D 332 -10.51 -9.09 35.45
C ALA D 332 -10.16 -7.72 36.03
N LEU D 333 -11.00 -7.23 36.96
CA LEU D 333 -10.69 -5.99 37.64
C LEU D 333 -9.43 -6.21 38.49
N PRO D 334 -8.65 -5.15 38.73
CA PRO D 334 -7.41 -5.34 39.49
C PRO D 334 -7.68 -5.95 40.86
N GLU D 335 -6.89 -6.96 41.21
CA GLU D 335 -6.91 -7.71 42.46
C GLU D 335 -8.13 -8.61 42.62
N HIS D 336 -9.04 -8.64 41.65
CA HIS D 336 -10.27 -9.41 41.75
C HIS D 336 -10.33 -10.51 40.71
N ASP D 337 -9.17 -11.01 40.28
CA ASP D 337 -9.12 -12.09 39.31
C ASP D 337 -9.25 -13.43 40.04
N GLY D 338 -9.43 -14.50 39.27
CA GLY D 338 -9.43 -15.84 39.83
C GLY D 338 -10.78 -16.42 40.22
N GLY D 339 -11.88 -15.72 40.01
CA GLY D 339 -13.18 -16.33 40.30
C GLY D 339 -13.95 -15.73 41.47
N ALA D 340 -13.72 -14.47 41.76
CA ALA D 340 -14.43 -13.85 42.87
C ALA D 340 -15.90 -13.67 42.50
N PHE D 341 -16.76 -13.67 43.51
CA PHE D 341 -18.17 -13.39 43.27
C PHE D 341 -18.70 -12.65 44.49
N GLU D 342 -19.90 -12.07 44.36
CA GLU D 342 -20.44 -11.24 45.43
C GLU D 342 -21.96 -11.24 45.42
N ALA D 343 -22.54 -10.99 46.59
CA ALA D 343 -23.91 -10.51 46.73
C ALA D 343 -23.88 -8.99 46.81
N GLN D 344 -24.92 -8.33 46.31
CA GLN D 344 -24.97 -6.88 46.51
C GLN D 344 -26.40 -6.42 46.70
N GLY D 345 -26.50 -5.22 47.25
CA GLY D 345 -27.77 -4.61 47.58
C GLY D 345 -27.67 -3.11 47.42
N ILE D 346 -28.79 -2.50 47.03
CA ILE D 346 -28.81 -1.08 46.76
C ILE D 346 -28.45 -0.30 48.01
N PHE D 347 -28.03 0.95 47.81
CA PHE D 347 -27.51 1.88 48.80
C PHE D 347 -26.16 1.42 49.34
N GLY D 348 -25.53 0.44 48.70
CA GLY D 348 -24.16 0.09 49.01
C GLY D 348 -23.90 -1.11 49.91
N GLN D 349 -24.66 -2.20 49.77
CA GLN D 349 -24.45 -3.40 50.57
C GLN D 349 -23.69 -4.44 49.75
N TYR D 350 -22.71 -5.08 50.37
CA TYR D 350 -21.87 -6.03 49.64
C TYR D 350 -21.51 -7.19 50.54
N LEU D 351 -21.47 -8.38 49.93
CA LEU D 351 -20.90 -9.59 50.51
C LEU D 351 -19.98 -10.20 49.46
N TYR D 352 -18.68 -9.96 49.60
CA TYR D 352 -17.66 -10.33 48.62
C TYR D 352 -16.99 -11.61 49.07
N ILE D 353 -16.84 -12.58 48.15
CA ILE D 353 -16.26 -13.87 48.46
C ILE D 353 -15.20 -14.18 47.41
N ASN D 354 -13.95 -14.31 47.88
CA ASN D 354 -12.81 -14.55 47.01
C ASN D 354 -12.16 -15.85 47.49
N ARG D 355 -12.48 -16.93 46.80
CA ARG D 355 -12.09 -18.26 47.26
C ARG D 355 -10.60 -18.48 47.07
N LYS D 356 -10.04 -18.03 45.95
CA LYS D 356 -8.62 -18.21 45.74
C LYS D 356 -7.80 -17.57 46.86
N GLU D 357 -8.21 -16.38 47.31
CA GLU D 357 -7.51 -15.64 48.35
C GLU D 357 -8.01 -15.96 49.76
N LYS D 358 -9.07 -16.76 49.88
CA LYS D 358 -9.69 -17.08 51.18
C LYS D 358 -10.21 -15.83 51.91
N ILE D 359 -10.78 -14.89 51.16
CA ILE D 359 -11.27 -13.64 51.75
C ILE D 359 -12.78 -13.59 51.71
N VAL D 360 -13.38 -13.15 52.83
CA VAL D 360 -14.78 -12.71 52.88
C VAL D 360 -14.80 -11.24 53.29
N ALA D 361 -15.56 -10.40 52.57
CA ALA D 361 -15.68 -9.01 52.98
C ALA D 361 -17.16 -8.63 53.05
N VAL D 362 -17.56 -7.95 54.11
CA VAL D 362 -18.92 -7.41 54.25
C VAL D 362 -18.83 -5.89 54.29
N VAL D 363 -19.67 -5.23 53.52
CA VAL D 363 -19.75 -3.78 53.51
C VAL D 363 -21.19 -3.37 53.65
N TRP D 364 -21.45 -2.52 54.64
CA TRP D 364 -22.74 -1.92 54.92
C TRP D 364 -22.60 -0.42 54.69
N SER D 365 -23.51 0.17 53.90
CA SER D 365 -23.51 1.61 53.64
C SER D 365 -24.93 2.18 53.65
N ALA D 366 -25.01 3.53 53.59
CA ALA D 366 -26.27 4.25 53.35
C ALA D 366 -26.00 5.34 52.32
N TRP D 367 -25.72 4.94 51.07
CA TRP D 367 -25.64 5.92 49.99
C TRP D 367 -26.94 6.71 49.93
N PRO D 368 -26.89 7.99 49.55
CA PRO D 368 -28.15 8.75 49.39
C PRO D 368 -29.06 8.17 48.33
N LYS D 369 -28.50 7.63 47.26
CA LYS D 369 -29.24 7.10 46.12
C LYS D 369 -29.06 5.59 46.04
N PRO D 370 -30.01 4.85 45.42
CA PRO D 370 -29.88 3.38 45.43
C PRO D 370 -28.67 2.86 44.65
N GLU D 371 -28.36 3.48 43.51
CA GLU D 371 -27.22 3.03 42.73
C GLU D 371 -26.35 4.24 42.41
N MET D 372 -25.05 4.10 42.65
CA MET D 372 -24.09 5.18 42.43
C MET D 372 -22.83 4.49 41.89
N ASP D 373 -22.65 4.57 40.57
CA ASP D 373 -21.54 3.87 39.92
C ASP D 373 -20.21 4.27 40.53
N ASP D 374 -20.02 5.57 40.76
CA ASP D 374 -18.83 6.07 41.45
C ASP D 374 -18.54 5.28 42.72
N ARG D 375 -19.55 5.16 43.60
CA ARG D 375 -19.32 4.58 44.91
C ARG D 375 -19.06 3.08 44.81
N GLU D 376 -19.71 2.41 43.87
CA GLU D 376 -19.43 0.99 43.64
C GLU D 376 -17.99 0.79 43.22
N GLU D 377 -17.54 1.58 42.26
CA GLU D 377 -16.15 1.46 41.82
C GLU D 377 -15.19 1.74 42.96
N GLU D 378 -15.49 2.75 43.77
CA GLU D 378 -14.63 3.04 44.92
C GLU D 378 -14.62 1.88 45.91
N THR D 379 -15.77 1.25 46.14
CA THR D 379 -15.81 0.09 47.03
C THR D 379 -14.94 -1.04 46.51
N TYR D 380 -14.98 -1.28 45.18
CA TYR D 380 -14.11 -2.31 44.61
C TYR D 380 -12.65 -1.93 44.70
N ALA D 381 -12.32 -0.64 44.58
CA ALA D 381 -10.96 -0.19 44.81
C ALA D 381 -10.52 -0.48 46.24
N PHE D 382 -11.38 -0.18 47.21
CA PHE D 382 -11.01 -0.44 48.60
C PHE D 382 -10.80 -1.93 48.83
N LEU D 383 -11.75 -2.75 48.39
CA LEU D 383 -11.63 -4.20 48.54
C LEU D 383 -10.38 -4.72 47.83
N GLY D 384 -10.04 -4.18 46.66
CA GLY D 384 -8.84 -4.61 45.97
C GLY D 384 -7.58 -4.28 46.75
N ALA D 385 -7.54 -3.08 47.34
CA ALA D 385 -6.41 -2.74 48.18
C ALA D 385 -6.28 -3.72 49.33
N ALA D 386 -7.40 -4.11 49.94
CA ALA D 386 -7.32 -5.07 51.03
C ALA D 386 -6.88 -6.46 50.55
N VAL D 387 -7.39 -6.91 49.39
CA VAL D 387 -6.94 -8.21 48.88
C VAL D 387 -5.42 -8.19 48.66
N LYS D 388 -4.93 -7.15 48.00
CA LYS D 388 -3.50 -7.04 47.75
C LYS D 388 -2.69 -7.00 49.05
N ALA D 389 -3.16 -6.23 50.03
CA ALA D 389 -2.47 -6.13 51.30
C ALA D 389 -2.51 -7.43 52.09
N LEU D 390 -3.45 -8.31 51.76
CA LEU D 390 -3.61 -9.59 52.44
C LEU D 390 -2.83 -10.72 51.77
N ARG D 391 -2.29 -10.49 50.57
CA ARG D 391 -1.32 -11.41 49.99
C ARG D 391 -0.14 -11.58 50.96
N GLU E 7 4.21 12.32 -65.23
CA GLU E 7 3.38 11.56 -66.14
C GLU E 7 1.97 11.39 -65.60
N ASN E 8 1.04 11.06 -66.48
CA ASN E 8 -0.24 10.74 -65.88
C ASN E 8 -0.32 9.25 -65.58
N PRO E 9 -0.88 8.88 -64.43
CA PRO E 9 -1.00 7.46 -64.11
C PRO E 9 -1.93 6.75 -65.09
N ARG E 10 -1.53 5.56 -65.49
CA ARG E 10 -2.32 4.74 -66.43
C ARG E 10 -3.07 3.69 -65.62
N ILE E 11 -4.30 4.03 -65.27
CA ILE E 11 -5.13 3.28 -64.33
C ILE E 11 -6.32 2.72 -65.10
N GLY E 12 -6.47 1.38 -65.08
CA GLY E 12 -7.52 0.73 -65.86
C GLY E 12 -8.90 0.88 -65.23
N ARG E 13 -9.92 0.39 -65.97
CA ARG E 13 -11.27 0.33 -65.43
C ARG E 13 -11.38 -0.72 -64.33
N ALA E 14 -12.34 -0.50 -63.42
CA ALA E 14 -12.56 -1.42 -62.31
C ALA E 14 -12.84 -2.83 -62.81
N ALA E 15 -13.66 -2.98 -63.85
CA ALA E 15 -14.02 -4.33 -64.25
C ALA E 15 -12.87 -5.08 -64.92
N ASP E 16 -11.72 -4.45 -65.15
CA ASP E 16 -10.67 -4.98 -66.02
C ASP E 16 -9.42 -5.40 -65.27
N LEU E 17 -9.50 -5.52 -63.93
CA LEU E 17 -8.34 -5.85 -63.10
C LEU E 17 -7.57 -7.08 -63.60
N TYR E 18 -8.28 -8.06 -64.14
CA TYR E 18 -7.67 -9.34 -64.51
C TYR E 18 -7.33 -9.40 -66.00
N GLU E 19 -7.45 -8.27 -66.71
CA GLU E 19 -7.25 -8.23 -68.16
C GLU E 19 -6.41 -7.04 -68.61
N LEU E 20 -5.75 -6.34 -67.70
CA LEU E 20 -5.07 -5.11 -68.04
C LEU E 20 -3.92 -5.38 -69.00
N ILE E 21 -3.73 -4.48 -69.96
CA ILE E 21 -2.55 -4.60 -70.83
C ILE E 21 -1.33 -4.21 -70.00
N PRO E 22 -0.12 -4.61 -70.40
CA PRO E 22 1.04 -4.43 -69.50
C PRO E 22 1.27 -2.99 -69.05
N GLU E 23 1.09 -2.02 -69.95
CA GLU E 23 1.38 -0.63 -69.61
C GLU E 23 0.45 -0.08 -68.55
N TYR E 24 -0.66 -0.75 -68.27
CA TYR E 24 -1.61 -0.35 -67.23
C TYR E 24 -1.46 -1.15 -65.95
N GLN E 25 -0.59 -2.16 -65.91
CA GLN E 25 -0.53 -3.02 -64.73
C GLN E 25 0.09 -2.29 -63.54
N PRO E 26 1.36 -1.83 -63.60
CA PRO E 26 1.97 -1.29 -62.36
C PRO E 26 1.18 -0.16 -61.74
N ASP E 27 0.79 0.84 -62.55
CA ASP E 27 0.08 2.01 -62.04
C ASP E 27 -1.22 1.61 -61.37
N THR E 28 -1.92 0.64 -61.94
CA THR E 28 -3.14 0.16 -61.32
C THR E 28 -2.83 -0.61 -60.03
N TYR E 29 -1.79 -1.44 -60.06
CA TYR E 29 -1.54 -2.26 -58.88
C TYR E 29 -1.13 -1.41 -57.68
N ARG E 30 -0.59 -0.22 -57.92
CA ARG E 30 -0.19 0.65 -56.82
C ARG E 30 -1.13 1.83 -56.61
N ASN E 31 -2.30 1.85 -57.27
CA ASN E 31 -3.32 2.87 -57.03
C ASN E 31 -4.71 2.24 -56.89
N MET E 32 -4.80 1.07 -56.23
CA MET E 32 -6.09 0.39 -56.09
C MET E 32 -7.11 1.24 -55.35
N ASP E 33 -6.65 2.12 -54.45
CA ASP E 33 -7.57 3.03 -53.75
C ASP E 33 -8.24 4.03 -54.66
N LYS E 34 -7.74 4.20 -55.88
CA LYS E 34 -8.39 5.07 -56.86
C LYS E 34 -9.38 4.34 -57.74
N VAL E 35 -9.45 3.01 -57.63
CA VAL E 35 -10.29 2.22 -58.50
C VAL E 35 -11.44 1.57 -57.73
N TYR E 36 -11.16 1.11 -56.50
CA TYR E 36 -12.13 0.34 -55.72
C TYR E 36 -12.36 1.03 -54.37
N PRO E 37 -13.51 0.80 -53.76
CA PRO E 37 -13.70 1.23 -52.37
C PRO E 37 -12.70 0.50 -51.47
N THR E 38 -12.17 1.22 -50.48
CA THR E 38 -11.16 0.67 -49.59
C THR E 38 -11.37 1.17 -48.17
N ARG E 39 -10.75 0.47 -47.23
CA ARG E 39 -10.66 0.91 -45.86
C ARG E 39 -9.19 0.94 -45.46
N VAL E 40 -8.83 1.90 -44.61
CA VAL E 40 -7.44 2.06 -44.17
C VAL E 40 -7.11 1.04 -43.09
N ILE E 41 -5.91 0.47 -43.19
CA ILE E 41 -5.29 -0.35 -42.16
C ILE E 41 -4.30 0.54 -41.42
N HIS E 42 -4.68 1.05 -40.25
CA HIS E 42 -3.90 2.08 -39.59
C HIS E 42 -2.66 1.50 -38.94
N LYS E 43 -1.51 2.18 -39.14
CA LYS E 43 -0.31 1.84 -38.41
C LYS E 43 -0.43 2.32 -36.96
N GLY E 44 0.59 2.08 -36.16
CA GLY E 44 0.59 2.52 -34.78
C GLY E 44 1.46 3.74 -34.57
N THR E 45 2.11 3.80 -33.42
CA THR E 45 3.15 4.79 -33.16
C THR E 45 4.52 4.18 -32.98
N LYS E 46 4.60 2.85 -32.80
CA LYS E 46 5.85 2.10 -32.77
C LYS E 46 6.05 1.37 -34.09
N VAL E 47 7.29 1.31 -34.56
CA VAL E 47 7.65 0.65 -35.81
C VAL E 47 8.67 -0.44 -35.50
N ARG E 48 8.33 -1.69 -35.82
CA ARG E 48 9.28 -2.78 -35.61
C ARG E 48 10.55 -2.57 -36.44
N PRO E 49 11.74 -2.71 -35.83
CA PRO E 49 12.98 -2.54 -36.59
C PRO E 49 13.17 -3.63 -37.63
N LEU E 50 13.72 -3.22 -38.77
CA LEU E 50 14.22 -4.14 -39.79
C LEU E 50 15.65 -3.69 -40.13
N PRO E 51 16.61 -3.97 -39.25
CA PRO E 51 17.97 -3.48 -39.47
C PRO E 51 18.59 -4.05 -40.74
N ALA E 52 19.51 -3.27 -41.32
CA ALA E 52 20.29 -3.69 -42.47
C ALA E 52 21.32 -4.72 -42.03
N GLY E 53 21.16 -5.96 -42.49
CA GLY E 53 22.16 -6.99 -42.28
C GLY E 53 23.20 -6.96 -43.38
N VAL E 54 23.68 -8.13 -43.81
CA VAL E 54 24.71 -8.21 -44.84
C VAL E 54 24.03 -8.45 -46.19
N ALA E 55 24.22 -7.52 -47.12
CA ALA E 55 23.60 -7.62 -48.44
C ALA E 55 24.16 -8.79 -49.23
N ILE E 56 23.25 -9.54 -49.88
CA ILE E 56 23.61 -10.64 -50.78
C ILE E 56 23.32 -10.22 -52.21
N ALA E 57 23.95 -10.91 -53.16
CA ALA E 57 23.71 -10.72 -54.59
C ALA E 57 23.62 -12.08 -55.25
N PRO E 58 22.47 -12.73 -55.16
CA PRO E 58 22.37 -14.14 -55.57
C PRO E 58 22.48 -14.28 -57.08
N ARG E 59 23.05 -15.41 -57.50
CA ARG E 59 23.18 -15.76 -58.90
C ARG E 59 22.58 -17.14 -59.08
N TYR E 60 22.10 -17.42 -60.29
CA TYR E 60 21.45 -18.72 -60.49
C TYR E 60 21.39 -19.01 -61.97
N ARG E 61 21.47 -20.28 -62.30
CA ARG E 61 21.38 -20.69 -63.69
C ARG E 61 19.95 -21.09 -64.01
N ILE E 62 19.56 -20.86 -65.26
CA ILE E 62 18.45 -21.57 -65.89
C ILE E 62 18.85 -21.88 -67.32
N GLY E 63 18.47 -23.07 -67.79
CA GLY E 63 19.08 -23.60 -68.99
C GLY E 63 20.58 -23.63 -68.78
N GLY E 64 21.31 -23.03 -69.70
CA GLY E 64 22.74 -22.92 -69.53
C GLY E 64 23.20 -21.50 -69.32
N GLU E 65 22.34 -20.63 -68.77
CA GLU E 65 22.72 -19.24 -68.59
C GLU E 65 22.54 -18.77 -67.15
N GLU E 66 23.53 -18.01 -66.69
CA GLU E 66 23.58 -17.42 -65.37
C GLU E 66 22.84 -16.10 -65.35
N TYR E 67 22.19 -15.81 -64.22
CA TYR E 67 21.39 -14.60 -64.08
C TYR E 67 21.51 -14.10 -62.65
N GLY E 68 21.47 -12.77 -62.51
CA GLY E 68 21.49 -12.11 -61.22
C GLY E 68 20.20 -11.36 -60.93
N VAL E 69 20.21 -10.51 -59.89
CA VAL E 69 18.96 -9.90 -59.47
C VAL E 69 18.39 -9.01 -60.56
N ASP E 70 19.21 -8.13 -61.15
CA ASP E 70 18.71 -7.24 -62.21
C ASP E 70 18.22 -8.03 -63.40
N ASP E 71 18.95 -9.08 -63.77
CA ASP E 71 18.47 -10.00 -64.79
C ASP E 71 17.09 -10.54 -64.44
N PHE E 72 16.90 -10.93 -63.17
CA PHE E 72 15.63 -11.53 -62.76
C PHE E 72 14.49 -10.52 -62.79
N MET E 73 14.73 -9.29 -62.31
CA MET E 73 13.73 -8.24 -62.37
C MET E 73 13.38 -7.88 -63.81
N ARG E 74 14.36 -7.91 -64.71
CA ARG E 74 14.07 -7.56 -66.11
C ARG E 74 13.33 -8.69 -66.83
N ARG E 75 13.67 -9.95 -66.53
CA ARG E 75 13.03 -11.06 -67.23
C ARG E 75 11.63 -11.31 -66.71
N ASN E 76 11.41 -11.14 -65.40
CA ASN E 76 10.11 -11.45 -64.80
C ASN E 76 9.27 -10.22 -64.50
N ARG E 77 9.76 -9.01 -64.82
CA ARG E 77 9.03 -7.76 -64.61
C ARG E 77 8.68 -7.56 -63.14
N VAL E 78 9.72 -7.50 -62.31
CA VAL E 78 9.55 -7.49 -60.86
C VAL E 78 9.54 -6.04 -60.38
N GLY E 79 8.50 -5.71 -59.60
CA GLY E 79 8.40 -4.39 -59.03
C GLY E 79 9.03 -4.27 -57.68
N GLY E 80 9.34 -5.40 -57.06
CA GLY E 80 9.98 -5.34 -55.77
C GLY E 80 10.48 -6.68 -55.27
N VAL E 81 11.64 -6.68 -54.63
CA VAL E 81 12.19 -7.88 -54.00
C VAL E 81 12.70 -7.48 -52.63
N LEU E 82 12.32 -8.25 -51.62
CA LEU E 82 12.84 -8.08 -50.27
C LEU E 82 13.21 -9.46 -49.77
N VAL E 83 14.44 -9.61 -49.30
CA VAL E 83 14.87 -10.85 -48.68
C VAL E 83 15.38 -10.49 -47.29
N LEU E 84 14.67 -10.99 -46.27
CA LEU E 84 14.99 -10.83 -44.86
C LEU E 84 15.60 -12.12 -44.31
N LYS E 85 16.69 -11.97 -43.55
CA LYS E 85 17.38 -13.07 -42.90
C LYS E 85 17.55 -12.73 -41.42
N ASP E 86 17.04 -13.60 -40.55
CA ASP E 86 17.05 -13.38 -39.10
C ASP E 86 16.38 -12.07 -38.69
N GLY E 87 15.46 -11.55 -39.51
CA GLY E 87 14.86 -10.27 -39.21
C GLY E 87 15.66 -9.08 -39.67
N LYS E 88 16.69 -9.29 -40.48
CA LYS E 88 17.50 -8.21 -41.01
C LYS E 88 17.46 -8.27 -42.52
N VAL E 89 17.62 -7.10 -43.16
CA VAL E 89 17.40 -6.99 -44.60
C VAL E 89 18.65 -7.47 -45.32
N ALA E 90 18.54 -8.59 -46.04
CA ALA E 90 19.64 -9.09 -46.85
C ALA E 90 19.59 -8.57 -48.27
N LEU E 91 18.40 -8.29 -48.79
CA LEU E 91 18.25 -7.78 -50.15
C LEU E 91 17.01 -6.90 -50.22
N GLU E 92 17.10 -5.79 -50.94
CA GLU E 92 15.93 -4.92 -51.14
C GLU E 92 16.10 -4.17 -52.44
N ARG E 93 15.31 -4.51 -53.44
CA ARG E 93 15.33 -3.80 -54.72
C ARG E 93 13.92 -3.40 -55.10
N TYR E 94 13.81 -2.32 -55.86
CA TYR E 94 12.55 -1.87 -56.42
C TYR E 94 12.67 -1.79 -57.93
N GLY E 95 11.54 -1.96 -58.62
CA GLY E 95 11.47 -1.77 -60.04
C GLY E 95 10.15 -1.15 -60.46
N LEU E 96 10.00 -0.94 -61.76
CA LEU E 96 8.76 -0.45 -62.36
C LEU E 96 8.34 0.90 -61.83
N GLY E 97 9.27 1.66 -61.24
CA GLY E 97 8.95 2.94 -60.68
C GLY E 97 8.52 2.93 -59.23
N ASN E 98 8.53 1.77 -58.58
CA ASN E 98 8.19 1.68 -57.16
C ASN E 98 9.35 2.17 -56.30
N ASP E 99 9.00 2.68 -55.11
CA ASP E 99 9.98 3.04 -54.09
C ASP E 99 9.56 2.53 -52.72
N GLU E 100 10.31 2.89 -51.67
CA GLU E 100 10.05 2.35 -50.34
C GLU E 100 8.68 2.74 -49.79
N ARG E 101 8.02 3.72 -50.39
CA ARG E 101 6.72 4.18 -49.93
C ARG E 101 5.56 3.66 -50.79
N THR E 102 5.85 2.94 -51.86
CA THR E 102 4.79 2.39 -52.72
C THR E 102 3.94 1.38 -51.95
N ARG E 103 2.64 1.36 -52.26
CA ARG E 103 1.73 0.38 -51.68
C ARG E 103 1.15 -0.49 -52.80
N TRP E 104 1.55 -1.75 -52.83
CA TRP E 104 1.28 -2.62 -53.95
C TRP E 104 0.22 -3.65 -53.57
N THR E 105 -0.76 -3.84 -54.45
CA THR E 105 -1.86 -4.76 -54.18
C THR E 105 -1.38 -6.22 -54.14
N SER E 106 -2.10 -7.03 -53.38
CA SER E 106 -1.67 -8.36 -52.94
C SER E 106 -2.17 -9.50 -53.80
N PHE E 107 -3.29 -9.29 -54.49
CA PHE E 107 -4.12 -10.36 -54.98
C PHE E 107 -4.24 -11.45 -53.91
N SER E 108 -4.16 -12.71 -54.33
CA SER E 108 -4.50 -13.81 -53.42
C SER E 108 -3.52 -13.93 -52.25
N VAL E 109 -2.50 -13.08 -52.20
CA VAL E 109 -1.58 -13.14 -51.05
C VAL E 109 -2.35 -12.82 -49.77
N VAL E 110 -3.33 -11.92 -49.84
CA VAL E 110 -4.03 -11.61 -48.59
C VAL E 110 -4.80 -12.81 -48.07
N LYS E 111 -5.03 -13.84 -48.89
CA LYS E 111 -5.70 -15.03 -48.34
C LYS E 111 -4.95 -15.58 -47.12
N SER E 112 -3.62 -15.46 -47.14
CA SER E 112 -2.83 -15.93 -46.01
C SER E 112 -2.93 -14.98 -44.82
N ILE E 113 -3.03 -13.68 -45.09
CA ILE E 113 -3.19 -12.70 -44.02
C ILE E 113 -4.51 -12.95 -43.30
N SER E 114 -5.61 -13.08 -44.05
CA SER E 114 -6.90 -13.42 -43.46
C SER E 114 -6.79 -14.66 -42.60
N SER E 115 -6.06 -15.67 -43.08
CA SER E 115 -5.96 -16.92 -42.33
C SER E 115 -5.29 -16.66 -41.00
N THR E 116 -4.19 -15.92 -41.03
CA THR E 116 -3.47 -15.60 -39.82
C THR E 116 -4.37 -14.81 -38.88
N LEU E 117 -5.20 -13.91 -39.43
CA LEU E 117 -6.11 -13.16 -38.59
C LEU E 117 -7.12 -14.11 -37.96
N VAL E 118 -7.57 -15.11 -38.71
CA VAL E 118 -8.45 -16.12 -38.15
C VAL E 118 -7.75 -16.82 -36.98
N GLY E 119 -6.46 -17.12 -37.14
CA GLY E 119 -5.70 -17.67 -36.02
C GLY E 119 -5.70 -16.73 -34.83
N ALA E 120 -5.57 -15.43 -35.08
CA ALA E 120 -5.60 -14.49 -33.96
C ALA E 120 -6.95 -14.55 -33.25
N ALA E 121 -8.03 -14.68 -34.04
CA ALA E 121 -9.37 -14.79 -33.48
C ALA E 121 -9.54 -16.11 -32.73
N VAL E 122 -8.84 -17.15 -33.19
CA VAL E 122 -8.85 -18.40 -32.44
C VAL E 122 -8.19 -18.18 -31.09
N GLN E 123 -7.02 -17.51 -31.08
CA GLN E 123 -6.28 -17.36 -29.82
C GLN E 123 -7.12 -16.61 -28.80
N GLN E 124 -7.93 -15.67 -29.25
CA GLN E 124 -8.76 -14.85 -28.37
C GLN E 124 -10.08 -15.51 -28.01
N GLY E 125 -10.35 -16.73 -28.49
CA GLY E 125 -11.61 -17.36 -28.14
C GLY E 125 -12.82 -16.83 -28.88
N LEU E 126 -12.63 -16.28 -30.09
CA LEU E 126 -13.74 -15.79 -30.89
C LEU E 126 -14.20 -16.79 -31.98
N LEU E 127 -13.29 -17.59 -32.52
CA LEU E 127 -13.58 -18.64 -33.48
C LEU E 127 -12.96 -19.94 -32.99
N ALA E 128 -13.51 -21.07 -33.42
CA ALA E 128 -12.96 -22.38 -33.11
C ALA E 128 -12.82 -23.19 -34.38
N LEU E 129 -11.66 -23.78 -34.58
CA LEU E 129 -11.40 -24.47 -35.84
C LEU E 129 -12.43 -25.56 -36.13
N ASP E 130 -12.91 -26.26 -35.10
CA ASP E 130 -13.78 -27.42 -35.31
C ASP E 130 -15.26 -27.04 -35.30
N GLN E 131 -15.59 -25.75 -35.28
CA GLN E 131 -17.00 -25.39 -35.21
C GLN E 131 -17.54 -24.99 -36.57
N PRO E 132 -18.79 -25.31 -36.87
CA PRO E 132 -19.32 -25.02 -38.20
C PRO E 132 -19.43 -23.52 -38.44
N VAL E 133 -19.20 -23.12 -39.70
CA VAL E 133 -19.18 -21.70 -40.00
C VAL E 133 -20.55 -21.05 -39.83
N ASP E 134 -21.63 -21.83 -39.95
CA ASP E 134 -22.97 -21.27 -39.78
C ASP E 134 -23.23 -20.83 -38.34
N LYS E 135 -22.48 -21.34 -37.37
CA LYS E 135 -22.65 -20.89 -35.99
C LYS E 135 -22.29 -19.41 -35.85
N TYR E 136 -21.38 -18.93 -36.69
CA TYR E 136 -20.95 -17.55 -36.70
C TYR E 136 -21.67 -16.69 -37.74
N LEU E 137 -22.06 -17.29 -38.87
CA LEU E 137 -22.64 -16.59 -40.01
C LEU E 137 -24.05 -17.08 -40.30
N PRO E 138 -25.08 -16.47 -39.70
CA PRO E 138 -26.48 -16.86 -40.01
C PRO E 138 -26.82 -16.88 -41.49
N SER E 139 -26.18 -16.04 -42.31
CA SER E 139 -26.47 -16.04 -43.75
C SER E 139 -26.03 -17.32 -44.45
N LEU E 140 -25.37 -18.23 -43.76
CA LEU E 140 -24.96 -19.52 -44.33
C LEU E 140 -25.69 -20.70 -43.71
N ALA E 141 -26.57 -20.47 -42.72
CA ALA E 141 -27.34 -21.59 -42.19
C ALA E 141 -28.29 -22.11 -43.27
N GLY E 142 -28.45 -23.42 -43.30
CA GLY E 142 -29.25 -24.04 -44.33
C GLY E 142 -28.71 -23.89 -45.73
N SER E 143 -27.43 -23.56 -45.87
CA SER E 143 -26.77 -23.55 -47.16
C SER E 143 -25.91 -24.81 -47.30
N ALA E 144 -25.20 -24.92 -48.41
CA ALA E 144 -24.23 -26.00 -48.50
C ALA E 144 -23.10 -25.85 -47.49
N TYR E 145 -22.94 -24.67 -46.87
CA TYR E 145 -21.92 -24.53 -45.84
C TYR E 145 -22.41 -24.94 -44.46
N GLN E 146 -23.68 -25.33 -44.34
CA GLN E 146 -24.18 -25.90 -43.10
C GLN E 146 -23.29 -27.06 -42.65
N GLY E 147 -22.71 -26.94 -41.45
CA GLY E 147 -21.88 -28.00 -40.89
C GLY E 147 -20.44 -28.02 -41.34
N VAL E 148 -20.08 -27.23 -42.34
CA VAL E 148 -18.69 -27.11 -42.75
C VAL E 148 -17.92 -26.35 -41.68
N THR E 149 -16.81 -26.92 -41.22
CA THR E 149 -16.08 -26.29 -40.12
C THR E 149 -15.20 -25.14 -40.60
N VAL E 150 -14.90 -24.24 -39.66
CA VAL E 150 -13.93 -23.16 -39.93
C VAL E 150 -12.66 -23.74 -40.56
N GLU E 151 -12.21 -24.90 -40.04
CA GLU E 151 -10.97 -25.49 -40.55
C GLU E 151 -11.12 -25.99 -42.00
N GLN E 152 -12.26 -26.60 -42.32
CA GLN E 152 -12.45 -27.06 -43.70
C GLN E 152 -12.46 -25.88 -44.67
N VAL E 153 -12.93 -24.72 -44.21
CA VAL E 153 -12.91 -23.53 -45.04
C VAL E 153 -11.47 -23.05 -45.24
N LEU E 154 -10.65 -23.02 -44.18
CA LEU E 154 -9.27 -22.59 -44.38
C LEU E 154 -8.51 -23.52 -45.31
N GLN E 155 -8.95 -24.76 -45.42
CA GLN E 155 -8.26 -25.77 -46.21
C GLN E 155 -8.94 -25.98 -47.55
N MET E 156 -9.79 -25.04 -47.95
CA MET E 156 -10.42 -25.05 -49.27
C MET E 156 -11.11 -26.39 -49.55
N SER E 157 -11.66 -27.01 -48.51
CA SER E 157 -12.16 -28.38 -48.58
C SER E 157 -13.60 -28.45 -48.08
N SER E 158 -14.39 -27.42 -48.34
CA SER E 158 -15.77 -27.40 -47.93
C SER E 158 -16.59 -28.49 -48.63
N GLY E 159 -16.20 -28.88 -49.84
CA GLY E 159 -17.03 -29.76 -50.66
C GLY E 159 -18.13 -29.05 -51.43
N VAL E 160 -18.19 -27.71 -51.36
CA VAL E 160 -19.21 -26.96 -52.07
C VAL E 160 -18.81 -26.88 -53.54
N ARG E 161 -19.80 -27.01 -54.41
CA ARG E 161 -19.57 -26.92 -55.85
C ARG E 161 -19.22 -25.47 -56.23
N TRP E 162 -18.07 -25.29 -56.86
CA TRP E 162 -17.60 -23.96 -57.20
C TRP E 162 -16.80 -24.00 -58.49
N ASN E 163 -17.22 -23.19 -59.48
CA ASN E 163 -16.51 -23.02 -60.75
C ASN E 163 -15.66 -21.75 -60.69
N GLU E 164 -14.34 -21.93 -60.61
CA GLU E 164 -13.38 -20.85 -60.40
C GLU E 164 -12.87 -20.24 -61.70
N THR E 165 -13.28 -20.74 -62.85
CA THR E 165 -12.66 -20.33 -64.11
C THR E 165 -13.10 -18.91 -64.51
N TYR E 166 -12.12 -18.02 -64.68
CA TYR E 166 -12.40 -16.62 -64.95
C TYR E 166 -13.04 -16.44 -66.33
N ARG E 167 -12.55 -17.17 -67.33
CA ARG E 167 -12.91 -16.92 -68.72
C ARG E 167 -14.33 -17.36 -69.09
N ASP E 168 -15.05 -18.01 -68.16
CA ASP E 168 -16.45 -18.39 -68.35
C ASP E 168 -17.35 -17.39 -67.63
N PRO E 169 -18.17 -16.61 -68.35
CA PRO E 169 -18.93 -15.54 -67.70
C PRO E 169 -20.05 -16.04 -66.80
N LYS E 170 -20.41 -17.32 -66.86
CA LYS E 170 -21.41 -17.90 -65.99
C LYS E 170 -20.78 -18.66 -64.82
N SER E 171 -19.47 -18.52 -64.62
CA SER E 171 -18.78 -19.14 -63.51
C SER E 171 -19.13 -18.47 -62.18
N ASP E 172 -18.82 -19.17 -61.10
CA ASP E 172 -19.04 -18.61 -59.78
C ASP E 172 -18.04 -17.49 -59.50
N ARG E 173 -16.78 -17.67 -59.89
CA ARG E 173 -15.78 -16.62 -59.74
C ARG E 173 -16.26 -15.33 -60.38
N ARG E 174 -16.81 -15.42 -61.60
CA ARG E 174 -17.23 -14.23 -62.33
C ARG E 174 -18.50 -13.63 -61.76
N GLN E 175 -19.41 -14.45 -61.25
CA GLN E 175 -20.56 -13.88 -60.54
C GLN E 175 -20.10 -13.14 -59.29
N MET E 176 -19.06 -13.66 -58.63
CA MET E 176 -18.51 -13.02 -57.44
C MET E 176 -17.94 -11.65 -57.77
N PHE E 177 -17.11 -11.61 -58.81
CA PHE E 177 -16.53 -10.35 -59.24
C PHE E 177 -17.62 -9.37 -59.70
N ASP E 178 -18.70 -9.88 -60.31
CA ASP E 178 -19.83 -9.03 -60.68
C ASP E 178 -20.51 -8.45 -59.44
N ALA E 179 -20.72 -9.27 -58.41
CA ALA E 179 -21.28 -8.75 -57.16
C ALA E 179 -20.40 -7.64 -56.59
N GLN E 180 -19.08 -7.83 -56.65
CA GLN E 180 -18.18 -6.78 -56.17
C GLN E 180 -18.37 -5.49 -56.97
N LEU E 181 -18.39 -5.62 -58.30
CA LEU E 181 -18.53 -4.44 -59.17
C LEU E 181 -19.88 -3.75 -58.98
N ALA E 182 -20.93 -4.52 -58.65
CA ALA E 182 -22.23 -3.95 -58.36
C ALA E 182 -22.30 -3.31 -56.98
N GLU E 183 -21.32 -3.57 -56.11
CA GLU E 183 -21.22 -2.92 -54.81
C GLU E 183 -22.47 -3.14 -53.96
N ARG E 184 -23.06 -4.33 -54.04
CA ARG E 184 -24.21 -4.65 -53.19
C ARG E 184 -23.73 -5.30 -51.90
N PRO E 185 -23.88 -4.65 -50.75
CA PRO E 185 -23.43 -5.26 -49.50
C PRO E 185 -24.09 -6.62 -49.31
N GLY E 186 -23.26 -7.62 -49.06
CA GLY E 186 -23.73 -8.98 -48.86
C GLY E 186 -23.92 -9.80 -50.11
N GLY E 187 -23.62 -9.26 -51.29
CA GLY E 187 -23.83 -10.02 -52.51
C GLY E 187 -22.96 -11.27 -52.61
N ILE E 188 -21.72 -11.19 -52.14
CA ILE E 188 -20.87 -12.37 -52.20
C ILE E 188 -21.46 -13.48 -51.35
N LEU E 189 -21.90 -13.14 -50.13
CA LEU E 189 -22.49 -14.13 -49.21
C LEU E 189 -23.77 -14.74 -49.79
N ARG E 190 -24.58 -13.95 -50.48
CA ARG E 190 -25.78 -14.48 -51.12
C ARG E 190 -25.44 -15.48 -52.22
N LEU E 191 -24.47 -15.15 -53.08
CA LEU E 191 -23.93 -16.13 -54.03
C LEU E 191 -23.52 -17.41 -53.32
N LEU E 192 -22.62 -17.29 -52.35
CA LEU E 192 -22.08 -18.45 -51.65
C LEU E 192 -23.17 -19.28 -51.01
N ALA E 193 -24.22 -18.63 -50.54
CA ALA E 193 -25.27 -19.34 -49.83
C ALA E 193 -26.21 -20.05 -50.78
N SER E 194 -26.20 -19.68 -52.07
CA SER E 194 -27.07 -20.38 -53.02
C SER E 194 -26.41 -21.59 -53.68
N LEU E 195 -25.22 -21.94 -53.30
CA LEU E 195 -24.54 -23.01 -54.04
C LEU E 195 -24.88 -24.38 -53.47
N PRO E 196 -24.83 -25.41 -54.30
CA PRO E 196 -25.16 -26.76 -53.81
C PRO E 196 -23.93 -27.53 -53.36
N ARG E 197 -24.18 -28.59 -52.58
CA ARG E 197 -23.16 -29.54 -52.16
C ARG E 197 -22.67 -30.37 -53.34
N GLN E 198 -21.42 -30.83 -53.25
CA GLN E 198 -20.87 -31.67 -54.31
C GLN E 198 -20.01 -32.84 -53.81
N TYR E 199 -19.08 -32.58 -52.89
CA TYR E 199 -18.27 -33.62 -52.29
C TYR E 199 -18.42 -33.58 -50.78
N PRO E 200 -18.20 -34.70 -50.09
CA PRO E 200 -18.21 -34.65 -48.62
C PRO E 200 -17.13 -33.70 -48.11
N SER E 201 -17.47 -32.92 -47.08
CA SER E 201 -16.55 -31.90 -46.60
C SER E 201 -15.30 -32.54 -46.01
N GLY E 202 -14.15 -31.88 -46.22
CA GLY E 202 -12.88 -32.38 -45.76
C GLY E 202 -12.24 -33.44 -46.62
N THR E 203 -12.82 -33.76 -47.78
CA THR E 203 -12.29 -34.82 -48.63
C THR E 203 -11.63 -34.32 -49.91
N HIS E 204 -12.02 -33.16 -50.40
CA HIS E 204 -11.70 -32.72 -51.74
C HIS E 204 -11.35 -31.24 -51.74
N PHE E 205 -10.21 -30.90 -52.34
CA PHE E 205 -9.75 -29.53 -52.47
C PHE E 205 -10.36 -28.94 -53.73
N THR E 206 -11.13 -27.87 -53.57
CA THR E 206 -11.52 -27.00 -54.68
C THR E 206 -11.09 -25.59 -54.31
N TYR E 207 -10.06 -25.09 -54.98
CA TYR E 207 -9.63 -23.72 -54.74
C TYR E 207 -10.79 -22.77 -55.06
N SER E 208 -11.25 -22.02 -54.06
CA SER E 208 -12.44 -21.19 -54.24
C SER E 208 -12.23 -19.81 -53.66
N THR E 209 -12.27 -18.80 -54.54
CA THR E 209 -12.10 -17.42 -54.10
C THR E 209 -13.24 -16.96 -53.21
N GLY E 210 -14.44 -17.49 -53.45
CA GLY E 210 -15.55 -17.20 -52.55
C GLY E 210 -15.34 -17.79 -51.17
N GLU E 211 -14.86 -19.04 -51.13
CA GLU E 211 -14.55 -19.69 -49.87
C GLU E 211 -13.53 -18.91 -49.09
N SER E 212 -12.53 -18.38 -49.80
CA SER E 212 -11.50 -17.62 -49.13
C SER E 212 -12.04 -16.28 -48.65
N HIS E 213 -12.94 -15.66 -49.41
CA HIS E 213 -13.54 -14.43 -48.91
C HIS E 213 -14.29 -14.68 -47.60
N LEU E 214 -14.89 -15.86 -47.44
CA LEU E 214 -15.60 -16.18 -46.19
C LEU E 214 -14.81 -15.85 -44.92
N GLN E 215 -13.48 -15.96 -44.96
CA GLN E 215 -12.66 -15.66 -43.77
C GLN E 215 -12.91 -14.23 -43.25
N SER E 216 -13.00 -13.26 -44.18
CA SER E 216 -13.34 -11.88 -43.85
C SER E 216 -14.67 -11.80 -43.10
N GLU E 217 -15.68 -12.48 -43.63
CA GLU E 217 -17.01 -12.44 -43.06
C GLU E 217 -17.02 -13.06 -41.68
N LEU E 218 -16.26 -14.15 -41.50
CA LEU E 218 -16.11 -14.80 -40.20
C LEU E 218 -15.52 -13.84 -39.18
N LEU E 219 -14.47 -13.14 -39.60
CA LEU E 219 -13.75 -12.23 -38.73
C LEU E 219 -14.65 -11.09 -38.27
N HIS E 220 -15.42 -10.51 -39.21
CA HIS E 220 -16.32 -9.45 -38.81
C HIS E 220 -17.45 -10.00 -37.94
N ALA E 221 -17.95 -11.18 -38.24
CA ALA E 221 -19.06 -11.74 -37.45
C ALA E 221 -18.62 -12.02 -36.03
N ALA E 222 -17.38 -12.48 -35.83
CA ALA E 222 -16.87 -12.80 -34.51
C ALA E 222 -16.44 -11.57 -33.71
N THR E 223 -15.83 -10.56 -34.37
CA THR E 223 -15.29 -9.41 -33.68
C THR E 223 -16.23 -8.21 -33.65
N ARG E 224 -17.17 -8.12 -34.60
CA ARG E 224 -18.09 -6.99 -34.75
C ARG E 224 -17.34 -5.67 -34.96
N ILE E 225 -16.14 -5.70 -35.53
CA ILE E 225 -15.47 -4.49 -36.00
C ILE E 225 -14.94 -4.76 -37.41
N PRO E 226 -14.65 -3.72 -38.19
CA PRO E 226 -14.11 -3.97 -39.53
C PRO E 226 -12.80 -4.73 -39.48
N VAL E 227 -12.60 -5.58 -40.49
CA VAL E 227 -11.45 -6.46 -40.51
C VAL E 227 -10.15 -5.67 -40.60
N SER E 228 -10.14 -4.54 -41.32
CA SER E 228 -8.94 -3.71 -41.31
C SER E 228 -8.60 -3.26 -39.90
N ASP E 229 -9.62 -3.08 -39.04
CA ASP E 229 -9.34 -2.60 -37.70
C ASP E 229 -8.84 -3.70 -36.79
N TYR E 230 -9.35 -4.93 -36.98
CA TYR E 230 -8.78 -6.09 -36.30
C TYR E 230 -7.33 -6.31 -36.72
N LEU E 231 -7.05 -6.24 -38.03
CA LEU E 231 -5.68 -6.36 -38.51
C LEU E 231 -4.78 -5.28 -37.90
N SER E 232 -5.30 -4.06 -37.77
CA SER E 232 -4.55 -3.01 -37.08
C SER E 232 -4.27 -3.39 -35.63
N GLU E 233 -5.30 -3.75 -34.88
CA GLU E 233 -5.12 -3.92 -33.45
C GLU E 233 -4.36 -5.21 -33.10
N ARG E 234 -4.41 -6.23 -33.95
CA ARG E 234 -3.63 -7.43 -33.68
C ARG E 234 -2.20 -7.34 -34.17
N ILE E 235 -1.96 -6.67 -35.30
CA ILE E 235 -0.66 -6.78 -35.97
C ILE E 235 -0.16 -5.42 -36.40
N TRP E 236 -0.92 -4.75 -37.26
CA TRP E 236 -0.39 -3.58 -37.97
C TRP E 236 0.05 -2.49 -37.00
N ALA E 237 -0.72 -2.24 -35.95
CA ALA E 237 -0.36 -1.21 -34.98
C ALA E 237 0.28 -1.76 -33.73
N ARG E 238 0.47 -3.08 -33.64
CA ARG E 238 1.03 -3.68 -32.44
C ARG E 238 2.48 -4.07 -32.64
N MET E 239 2.77 -4.91 -33.64
CA MET E 239 4.15 -5.06 -34.06
C MET E 239 4.69 -3.72 -34.55
N GLY E 240 3.89 -3.01 -35.33
CA GLY E 240 4.27 -1.72 -35.82
C GLY E 240 4.79 -1.79 -37.24
N MET E 241 3.91 -1.54 -38.19
CA MET E 241 4.31 -1.34 -39.56
C MET E 241 4.69 0.12 -39.78
N GLU E 242 5.55 0.37 -40.77
CA GLU E 242 5.99 1.74 -41.05
C GLU E 242 4.87 2.59 -41.59
N SER E 243 4.03 2.03 -42.45
CA SER E 243 3.00 2.79 -43.17
C SER E 243 1.64 2.14 -43.00
N ASP E 244 0.60 2.97 -43.00
CA ASP E 244 -0.75 2.44 -43.16
C ASP E 244 -0.80 1.51 -44.37
N GLY E 245 -1.63 0.48 -44.29
CA GLY E 245 -2.08 -0.24 -45.46
C GLY E 245 -3.48 0.24 -45.84
N PHE E 246 -4.05 -0.43 -46.83
CA PHE E 246 -5.49 -0.32 -47.07
C PHE E 246 -5.97 -1.59 -47.75
N TRP E 247 -7.29 -1.75 -47.76
CA TRP E 247 -7.92 -3.03 -48.06
C TRP E 247 -9.18 -2.82 -48.90
N GLN E 248 -9.21 -3.46 -50.07
CA GLN E 248 -10.35 -3.38 -50.97
C GLN E 248 -11.62 -3.90 -50.32
N LEU E 249 -12.75 -3.24 -50.62
CA LEU E 249 -14.05 -3.56 -50.04
C LEU E 249 -15.02 -4.01 -51.11
N GLU E 250 -16.06 -4.73 -50.67
CA GLU E 250 -17.17 -5.15 -51.53
C GLU E 250 -18.12 -3.99 -51.87
N SER E 251 -18.12 -2.92 -51.08
CA SER E 251 -19.04 -1.80 -51.23
C SER E 251 -18.46 -0.62 -50.45
N PRO E 252 -18.86 0.61 -50.77
CA PRO E 252 -18.36 1.77 -50.00
C PRO E 252 -18.63 1.63 -48.51
N ALA E 253 -17.56 1.80 -47.72
CA ALA E 253 -17.60 1.54 -46.28
C ALA E 253 -18.14 0.13 -45.97
N GLY E 254 -17.89 -0.84 -46.85
CA GLY E 254 -18.46 -2.17 -46.69
C GLY E 254 -17.48 -3.17 -46.09
N GLN E 255 -17.53 -4.39 -46.61
CA GLN E 255 -16.79 -5.55 -46.07
C GLN E 255 -15.52 -5.80 -46.88
N GLU E 256 -14.41 -6.00 -46.17
CA GLU E 256 -13.12 -6.27 -46.81
C GLU E 256 -13.22 -7.55 -47.64
N ILE E 257 -12.54 -7.57 -48.79
CA ILE E 257 -12.46 -8.79 -49.58
C ILE E 257 -11.41 -9.73 -48.97
N GLY E 258 -11.86 -10.89 -48.50
CA GLY E 258 -10.96 -11.76 -47.77
C GLY E 258 -9.89 -12.39 -48.64
N SER E 259 -10.11 -12.41 -49.94
CA SER E 259 -9.33 -13.23 -50.85
C SER E 259 -8.41 -12.42 -51.76
N SER E 260 -8.49 -11.08 -51.75
CA SER E 260 -7.60 -10.22 -52.55
C SER E 260 -7.75 -8.77 -52.12
N GLY E 261 -6.92 -7.91 -52.72
CA GLY E 261 -7.11 -6.47 -52.66
C GLY E 261 -6.51 -5.72 -51.48
N LEU E 262 -5.50 -6.26 -50.81
CA LEU E 262 -4.82 -5.51 -49.76
C LEU E 262 -3.56 -4.88 -50.34
N SER E 263 -3.30 -3.63 -49.97
CA SER E 263 -2.11 -2.91 -50.41
C SER E 263 -1.25 -2.52 -49.21
N ALA E 264 0.06 -2.69 -49.35
CA ALA E 264 1.03 -2.32 -48.31
C ALA E 264 2.38 -2.10 -48.98
N THR E 265 3.30 -1.54 -48.22
CA THR E 265 4.65 -1.31 -48.73
C THR E 265 5.47 -2.60 -48.65
N LEU E 266 6.58 -2.61 -49.38
CA LEU E 266 7.40 -3.82 -49.46
C LEU E 266 7.84 -4.26 -48.08
N ARG E 267 8.35 -3.32 -47.30
CA ARG E 267 8.87 -3.68 -45.99
C ARG E 267 7.77 -4.02 -45.01
N ASP E 268 6.53 -3.56 -45.25
CA ASP E 268 5.45 -3.95 -44.35
C ASP E 268 4.94 -5.35 -44.66
N TYR E 269 4.87 -5.72 -45.94
CA TYR E 269 4.70 -7.14 -46.27
C TYR E 269 5.79 -7.96 -45.59
N GLY E 270 7.02 -7.46 -45.61
CA GLY E 270 8.10 -8.17 -44.92
C GLY E 270 7.85 -8.32 -43.43
N ARG E 271 7.39 -7.25 -42.78
CA ARG E 271 7.07 -7.32 -41.36
C ARG E 271 5.98 -8.34 -41.08
N PHE E 272 4.97 -8.43 -41.96
CA PHE E 272 3.96 -9.45 -41.76
C PHE E 272 4.57 -10.84 -41.90
N GLY E 273 5.42 -11.03 -42.91
CA GLY E 273 6.11 -12.31 -43.06
C GLY E 273 6.95 -12.66 -41.84
N GLN E 274 7.66 -11.66 -41.30
CA GLN E 274 8.48 -11.86 -40.11
C GLN E 274 7.62 -12.16 -38.89
N PHE E 275 6.42 -11.60 -38.83
CA PHE E 275 5.49 -11.91 -37.75
C PHE E 275 5.10 -13.37 -37.80
N VAL E 276 4.82 -13.88 -38.99
CA VAL E 276 4.51 -15.30 -39.10
C VAL E 276 5.75 -16.14 -38.77
N LEU E 277 6.92 -15.71 -39.24
CA LEU E 277 8.15 -16.47 -39.00
C LEU E 277 8.42 -16.65 -37.51
N GLU E 278 8.19 -15.60 -36.71
CA GLU E 278 8.41 -15.64 -35.27
C GLU E 278 7.21 -16.18 -34.51
N ASP E 279 6.43 -17.07 -35.12
CA ASP E 279 5.34 -17.82 -34.49
C ASP E 279 4.25 -16.92 -33.95
N GLY E 280 4.10 -15.73 -34.53
CA GLY E 280 3.01 -14.87 -34.13
C GLY E 280 3.12 -14.36 -32.71
N VAL E 281 4.33 -14.25 -32.18
CA VAL E 281 4.57 -13.57 -30.91
C VAL E 281 5.02 -12.16 -31.25
N ILE E 282 4.54 -11.19 -30.49
CA ILE E 282 4.95 -9.82 -30.65
C ILE E 282 5.33 -9.30 -29.28
N ASP E 283 6.62 -9.05 -29.07
CA ASP E 283 7.13 -8.41 -27.86
C ASP E 283 6.75 -9.22 -26.62
N GLY E 284 6.96 -10.53 -26.69
CA GLY E 284 6.58 -11.43 -25.62
C GLY E 284 5.10 -11.77 -25.56
N GLU E 285 4.25 -11.10 -26.32
CA GLU E 285 2.82 -11.38 -26.30
C GLU E 285 2.46 -12.27 -27.49
N ARG E 286 1.74 -13.35 -27.20
CA ARG E 286 1.39 -14.35 -28.19
C ARG E 286 0.10 -13.96 -28.89
N ILE E 287 0.19 -13.71 -30.19
CA ILE E 287 -1.01 -13.36 -30.94
C ILE E 287 -1.64 -14.58 -31.60
N LEU E 288 -0.82 -15.46 -32.19
CA LEU E 288 -1.25 -16.73 -32.78
C LEU E 288 -1.14 -17.85 -31.76
N PRO E 289 -2.12 -18.77 -31.75
CA PRO E 289 -2.04 -19.92 -30.84
C PRO E 289 -0.73 -20.65 -31.00
N GLU E 290 -0.30 -21.31 -29.92
CA GLU E 290 0.89 -22.15 -30.01
C GLU E 290 0.61 -23.27 -30.98
N GLY E 291 1.56 -23.54 -31.86
CA GLY E 291 1.37 -24.54 -32.90
C GLY E 291 0.46 -24.14 -34.05
N TRP E 292 0.11 -22.87 -34.18
CA TRP E 292 -0.78 -22.44 -35.28
C TRP E 292 -0.07 -22.52 -36.62
N VAL E 293 1.12 -21.94 -36.71
CA VAL E 293 1.84 -21.88 -37.98
C VAL E 293 2.20 -23.28 -38.45
N ASP E 294 2.54 -24.17 -37.52
CA ASP E 294 2.81 -25.56 -37.89
C ASP E 294 1.58 -26.22 -38.50
N ARG E 295 0.42 -26.07 -37.87
CA ARG E 295 -0.81 -26.60 -38.46
C ARG E 295 -1.09 -25.96 -39.82
N ALA E 296 -0.98 -24.64 -39.88
CA ALA E 296 -1.36 -23.91 -41.09
C ALA E 296 -0.46 -24.23 -42.26
N SER E 297 0.75 -24.72 -41.99
CA SER E 297 1.67 -25.15 -43.05
C SER E 297 1.94 -26.65 -43.03
N ARG E 298 1.09 -27.42 -42.37
CA ARG E 298 1.39 -28.82 -42.13
C ARG E 298 1.45 -29.59 -43.44
N VAL E 299 2.37 -30.53 -43.53
CA VAL E 299 2.48 -31.45 -44.65
C VAL E 299 2.33 -32.86 -44.10
N GLU E 300 1.18 -33.49 -44.35
CA GLU E 300 0.96 -34.90 -44.04
C GLU E 300 0.81 -35.67 -45.35
N ALA E 301 1.60 -36.72 -45.52
CA ALA E 301 1.58 -37.40 -46.82
C ALA E 301 0.23 -38.06 -47.11
N SER E 302 -0.48 -38.48 -46.07
CA SER E 302 -1.78 -39.13 -46.26
C SER E 302 -2.91 -38.16 -46.57
N SER E 303 -2.75 -36.88 -46.31
CA SER E 303 -3.82 -35.92 -46.53
C SER E 303 -4.08 -35.68 -48.03
N HIS E 304 -5.34 -35.36 -48.34
CA HIS E 304 -5.65 -34.92 -49.70
C HIS E 304 -5.00 -33.57 -50.04
N LEU E 305 -4.42 -32.87 -49.07
CA LEU E 305 -3.76 -31.59 -49.31
C LEU E 305 -2.23 -31.70 -49.44
N ALA E 306 -1.68 -32.92 -49.41
CA ALA E 306 -0.24 -33.10 -49.47
C ALA E 306 0.34 -32.55 -50.76
N PRO E 307 1.59 -32.06 -50.73
CA PRO E 307 2.27 -31.68 -51.96
C PRO E 307 2.34 -32.86 -52.92
N GLY E 308 1.94 -32.61 -54.16
CA GLY E 308 1.86 -33.64 -55.18
C GLY E 308 0.47 -34.20 -55.42
N LYS E 309 -0.51 -33.82 -54.62
CA LYS E 309 -1.85 -34.37 -54.73
C LYS E 309 -2.87 -33.40 -55.33
N LEU E 310 -2.52 -32.14 -55.51
CA LEU E 310 -3.49 -31.16 -55.97
C LEU E 310 -3.48 -31.05 -57.48
N TYR E 311 -4.66 -30.80 -58.05
CA TYR E 311 -4.84 -30.65 -59.48
C TYR E 311 -4.40 -31.91 -60.23
N ASP E 312 -5.02 -33.03 -59.87
CA ASP E 312 -4.66 -34.35 -60.40
C ASP E 312 -3.16 -34.59 -60.32
N GLY E 313 -2.56 -34.17 -59.20
CA GLY E 313 -1.13 -34.39 -59.01
C GLY E 313 -0.26 -33.71 -60.03
N GLU E 314 -0.73 -32.60 -60.60
CA GLU E 314 0.03 -31.81 -61.56
C GLU E 314 0.79 -30.66 -60.92
N TYR E 315 0.39 -30.25 -59.72
CA TYR E 315 1.01 -29.13 -59.02
C TYR E 315 1.95 -29.68 -57.95
N ALA E 316 3.14 -29.09 -57.88
CA ALA E 316 4.13 -29.55 -56.91
C ALA E 316 3.82 -29.11 -55.48
N LEU E 317 3.01 -28.08 -55.29
CA LEU E 317 2.80 -27.49 -53.97
C LEU E 317 1.53 -28.02 -53.32
N GLY E 318 1.58 -28.22 -52.01
CA GLY E 318 0.41 -28.61 -51.24
C GLY E 318 -0.33 -27.39 -50.73
N TYR E 319 -1.23 -27.63 -49.78
CA TYR E 319 -2.05 -26.57 -49.21
C TYR E 319 -2.16 -26.72 -47.70
N GLY E 320 -2.28 -25.59 -47.00
CA GLY E 320 -2.49 -25.63 -45.57
C GLY E 320 -3.74 -24.86 -45.16
N TYR E 321 -3.57 -23.88 -44.26
CA TYR E 321 -4.61 -22.93 -43.90
C TYR E 321 -4.46 -21.71 -44.80
N GLN E 322 -4.90 -21.84 -46.06
CA GLN E 322 -4.71 -20.79 -47.05
C GLN E 322 -3.24 -20.46 -47.29
N TRP E 323 -2.35 -21.42 -47.05
CA TRP E 323 -0.96 -21.29 -47.44
C TRP E 323 -0.61 -22.41 -48.42
N TRP E 324 0.30 -22.13 -49.34
CA TRP E 324 0.83 -23.17 -50.24
C TRP E 324 2.07 -23.75 -49.60
N THR E 325 2.19 -25.08 -49.58
CA THR E 325 3.27 -25.76 -48.89
C THR E 325 4.25 -26.35 -49.88
N PHE E 326 5.56 -26.12 -49.65
CA PHE E 326 6.59 -26.70 -50.51
C PHE E 326 6.75 -28.19 -50.16
N PRO E 327 7.03 -29.03 -51.16
CA PRO E 327 7.29 -30.44 -50.85
C PRO E 327 8.51 -30.58 -49.95
N VAL E 328 8.56 -31.72 -49.27
CA VAL E 328 9.60 -31.97 -48.30
C VAL E 328 10.30 -33.29 -48.62
N GLY E 329 11.57 -33.38 -48.25
CA GLY E 329 12.32 -34.62 -48.42
C GLY E 329 12.76 -34.90 -49.84
N ALA E 330 12.60 -36.16 -50.28
CA ALA E 330 13.03 -36.54 -51.61
C ALA E 330 12.36 -35.69 -52.68
N LYS E 331 11.13 -35.25 -52.43
CA LYS E 331 10.39 -34.42 -53.35
C LYS E 331 10.68 -32.93 -53.22
N ALA E 332 11.59 -32.53 -52.34
CA ALA E 332 11.82 -31.11 -52.11
C ALA E 332 12.38 -30.44 -53.36
N LEU E 333 12.09 -29.15 -53.49
CA LEU E 333 12.78 -28.30 -54.45
C LEU E 333 14.19 -28.01 -53.95
N PRO E 334 15.15 -27.82 -54.86
CA PRO E 334 16.50 -27.40 -54.43
C PRO E 334 16.50 -26.16 -53.55
N GLU E 335 17.02 -26.32 -52.34
CA GLU E 335 17.17 -25.29 -51.31
C GLU E 335 15.86 -24.83 -50.68
N HIS E 336 14.76 -25.58 -50.88
CA HIS E 336 13.46 -25.26 -50.32
C HIS E 336 12.94 -26.38 -49.45
N ASP E 337 13.82 -27.22 -48.91
CA ASP E 337 13.35 -28.29 -48.05
C ASP E 337 13.26 -27.75 -46.62
N GLY E 338 12.71 -28.54 -45.72
CA GLY E 338 12.56 -28.16 -44.35
C GLY E 338 11.15 -27.80 -43.96
N GLY E 339 10.32 -27.43 -44.93
CA GLY E 339 8.95 -27.06 -44.63
C GLY E 339 8.68 -25.60 -44.96
N ALA E 340 9.30 -25.11 -46.03
CA ALA E 340 8.98 -23.77 -46.51
C ALA E 340 7.51 -23.71 -46.92
N PHE E 341 6.96 -22.50 -46.87
CA PHE E 341 5.59 -22.33 -47.34
C PHE E 341 5.45 -20.89 -47.82
N GLU E 342 4.32 -20.60 -48.47
CA GLU E 342 4.25 -19.29 -49.11
C GLU E 342 2.81 -18.90 -49.39
N ALA E 343 2.57 -17.60 -49.32
CA ALA E 343 1.40 -16.96 -49.91
C ALA E 343 1.74 -16.59 -51.33
N GLN E 344 0.77 -16.70 -52.23
CA GLN E 344 1.03 -16.26 -53.59
C GLN E 344 -0.22 -15.64 -54.18
N GLY E 345 0.00 -14.82 -55.20
CA GLY E 345 -1.09 -14.19 -55.91
C GLY E 345 -0.75 -14.06 -57.38
N ILE E 346 -1.80 -14.00 -58.20
CA ILE E 346 -1.64 -14.00 -59.64
C ILE E 346 -0.80 -12.81 -60.10
N PHE E 347 -0.28 -12.92 -61.31
CA PHE E 347 0.66 -11.99 -61.92
C PHE E 347 1.99 -11.92 -61.17
N GLY E 348 2.22 -12.84 -60.23
CA GLY E 348 3.55 -13.03 -59.65
C GLY E 348 3.83 -12.40 -58.29
N GLN E 349 2.87 -12.43 -57.36
CA GLN E 349 3.10 -11.93 -56.01
C GLN E 349 3.44 -13.11 -55.12
N TYR E 350 4.41 -12.94 -54.24
CA TYR E 350 4.82 -14.03 -53.35
C TYR E 350 5.18 -13.47 -51.99
N LEU E 351 4.83 -14.22 -50.95
CA LEU E 351 5.33 -14.00 -49.60
C LEU E 351 5.80 -15.38 -49.14
N TYR E 352 7.11 -15.60 -49.21
CA TYR E 352 7.77 -16.87 -48.94
C TYR E 352 8.31 -16.87 -47.52
N ILE E 353 8.06 -17.94 -46.77
CA ILE E 353 8.47 -18.06 -45.38
C ILE E 353 9.19 -19.39 -45.20
N ASN E 354 10.48 -19.32 -44.84
CA ASN E 354 11.31 -20.49 -44.54
C ASN E 354 11.76 -20.36 -43.09
N ARG E 355 11.14 -21.18 -42.21
CA ARG E 355 11.38 -21.08 -40.78
C ARG E 355 12.69 -21.75 -40.36
N LYS E 356 13.07 -22.84 -41.02
CA LYS E 356 14.35 -23.50 -40.71
C LYS E 356 15.54 -22.64 -41.08
N GLU E 357 15.34 -21.63 -41.92
CA GLU E 357 16.40 -20.76 -42.39
C GLU E 357 16.24 -19.32 -41.92
N LYS E 358 15.18 -19.03 -41.18
CA LYS E 358 14.90 -17.67 -40.70
C LYS E 358 14.83 -16.67 -41.86
N ILE E 359 14.19 -17.09 -42.96
CA ILE E 359 14.13 -16.29 -44.19
C ILE E 359 12.69 -15.91 -44.51
N VAL E 360 12.48 -14.63 -44.82
CA VAL E 360 11.21 -14.14 -45.34
C VAL E 360 11.50 -13.41 -46.66
N ALA E 361 10.80 -13.79 -47.72
CA ALA E 361 10.98 -13.15 -49.02
C ALA E 361 9.66 -12.58 -49.53
N VAL E 362 9.68 -11.33 -49.99
CA VAL E 362 8.55 -10.71 -50.64
C VAL E 362 8.92 -10.43 -52.08
N VAL E 363 8.02 -10.77 -53.00
CA VAL E 363 8.24 -10.51 -54.43
C VAL E 363 6.98 -9.88 -54.99
N TRP E 364 7.12 -8.70 -55.59
CA TRP E 364 6.08 -8.04 -56.37
C TRP E 364 6.45 -8.06 -57.84
N SER E 365 5.51 -8.54 -58.68
CA SER E 365 5.66 -8.58 -60.13
C SER E 365 4.40 -8.11 -60.86
N ALA E 366 4.59 -7.77 -62.13
CA ALA E 366 3.52 -7.46 -63.07
C ALA E 366 3.66 -8.38 -64.30
N TRP E 367 3.41 -9.68 -64.10
CA TRP E 367 3.44 -10.59 -65.24
C TRP E 367 2.35 -10.24 -66.24
N PRO E 368 2.57 -10.48 -67.53
CA PRO E 368 1.49 -10.21 -68.50
C PRO E 368 0.27 -11.10 -68.30
N LYS E 369 0.44 -12.39 -68.01
CA LYS E 369 -0.70 -13.28 -67.79
C LYS E 369 -0.83 -13.64 -66.32
N PRO E 370 -2.04 -14.06 -65.86
CA PRO E 370 -2.20 -14.39 -64.43
C PRO E 370 -1.21 -15.46 -63.97
N GLU E 371 -1.28 -16.65 -64.57
CA GLU E 371 -0.43 -17.79 -64.20
C GLU E 371 0.52 -18.08 -65.35
N MET E 372 1.81 -17.82 -65.14
CA MET E 372 2.88 -18.19 -66.07
C MET E 372 3.81 -19.18 -65.38
N ASP E 373 3.79 -20.43 -65.86
CA ASP E 373 4.49 -21.51 -65.16
C ASP E 373 5.97 -21.21 -65.02
N ASP E 374 6.62 -20.81 -66.12
CA ASP E 374 8.07 -20.71 -66.12
C ASP E 374 8.57 -19.49 -65.34
N ARG E 375 7.79 -18.41 -65.30
CA ARG E 375 8.14 -17.32 -64.40
C ARG E 375 8.06 -17.76 -62.94
N GLU E 376 7.11 -18.64 -62.62
CA GLU E 376 7.04 -19.19 -61.26
C GLU E 376 8.26 -20.04 -60.95
N GLU E 377 8.64 -20.95 -61.87
CA GLU E 377 9.84 -21.75 -61.67
C GLU E 377 11.05 -20.84 -61.46
N GLU E 378 11.18 -19.80 -62.28
CA GLU E 378 12.31 -18.89 -62.19
C GLU E 378 12.32 -18.14 -60.86
N THR E 379 11.15 -17.80 -60.33
CA THR E 379 11.11 -17.15 -59.03
C THR E 379 11.60 -18.10 -57.95
N TYR E 380 11.16 -19.36 -58.00
CA TYR E 380 11.65 -20.29 -57.00
C TYR E 380 13.15 -20.50 -57.12
N ALA E 381 13.68 -20.38 -58.34
CA ALA E 381 15.12 -20.51 -58.58
C ALA E 381 15.88 -19.34 -57.96
N PHE E 382 15.44 -18.12 -58.23
CA PHE E 382 16.09 -16.97 -57.59
C PHE E 382 16.00 -17.05 -56.07
N LEU E 383 14.83 -17.46 -55.55
CA LEU E 383 14.65 -17.56 -54.12
C LEU E 383 15.58 -18.60 -53.50
N GLY E 384 15.65 -19.79 -54.09
CA GLY E 384 16.55 -20.81 -53.60
C GLY E 384 18.01 -20.38 -53.65
N ALA E 385 18.37 -19.61 -54.68
CA ALA E 385 19.73 -19.06 -54.71
C ALA E 385 19.95 -18.10 -53.55
N ALA E 386 18.94 -17.29 -53.23
CA ALA E 386 19.05 -16.44 -52.04
C ALA E 386 19.25 -17.29 -50.79
N VAL E 387 18.49 -18.37 -50.67
CA VAL E 387 18.58 -19.25 -49.50
C VAL E 387 20.00 -19.81 -49.38
N LYS E 388 20.49 -20.42 -50.47
CA LYS E 388 21.86 -20.96 -50.46
C LYS E 388 22.87 -19.87 -50.09
N ALA E 389 22.69 -18.66 -50.61
CA ALA E 389 23.62 -17.57 -50.29
C ALA E 389 23.52 -17.14 -48.84
N LEU E 390 22.42 -17.44 -48.16
CA LEU E 390 22.31 -17.06 -46.76
C LEU E 390 22.61 -18.22 -45.81
N ARG E 391 22.89 -19.40 -46.33
CA ARG E 391 23.27 -20.53 -45.49
C ARG E 391 24.58 -20.20 -44.77
N GLU F 7 21.97 10.56 -51.90
CA GLU F 7 22.72 10.37 -50.66
C GLU F 7 22.85 8.88 -50.30
N ASN F 8 24.06 8.46 -49.98
CA ASN F 8 24.22 7.12 -49.43
C ASN F 8 24.89 7.23 -48.06
N PRO F 9 24.68 6.26 -47.16
CA PRO F 9 25.24 6.38 -45.81
C PRO F 9 26.72 6.74 -45.83
N ARG F 10 27.08 7.78 -45.06
CA ARG F 10 28.42 8.33 -45.04
C ARG F 10 29.17 7.70 -43.87
N ILE F 11 29.96 6.69 -44.16
CA ILE F 11 30.64 5.86 -43.16
C ILE F 11 32.14 6.08 -43.30
N GLY F 12 32.81 6.41 -42.20
CA GLY F 12 34.22 6.76 -42.28
C GLY F 12 35.11 5.54 -42.29
N ARG F 13 36.42 5.78 -42.45
CA ARG F 13 37.41 4.72 -42.30
C ARG F 13 37.51 4.26 -40.85
N ALA F 14 37.82 2.97 -40.67
CA ALA F 14 37.93 2.41 -39.33
C ALA F 14 38.90 3.21 -38.47
N ALA F 15 39.99 3.70 -39.07
CA ALA F 15 41.02 4.38 -38.30
C ALA F 15 40.61 5.77 -37.86
N ASP F 16 39.50 6.31 -38.34
CA ASP F 16 39.22 7.73 -38.13
C ASP F 16 38.10 7.96 -37.13
N LEU F 17 37.75 6.92 -36.36
CA LEU F 17 36.55 6.97 -35.52
C LEU F 17 36.53 8.20 -34.61
N TYR F 18 37.70 8.61 -34.13
CA TYR F 18 37.82 9.71 -33.18
C TYR F 18 38.07 11.06 -33.84
N GLU F 19 38.09 11.12 -35.18
CA GLU F 19 38.35 12.36 -35.91
C GLU F 19 37.41 12.60 -37.08
N LEU F 20 36.24 11.97 -37.10
CA LEU F 20 35.34 12.12 -38.23
C LEU F 20 34.82 13.56 -38.31
N ILE F 21 34.65 14.07 -39.54
CA ILE F 21 33.95 15.35 -39.75
C ILE F 21 32.46 15.18 -39.46
N PRO F 22 31.73 16.25 -39.11
CA PRO F 22 30.35 16.08 -38.65
C PRO F 22 29.43 15.38 -39.64
N GLU F 23 29.62 15.59 -40.95
CA GLU F 23 28.80 14.90 -41.94
C GLU F 23 28.87 13.37 -41.82
N TYR F 24 29.93 12.84 -41.22
CA TYR F 24 30.14 11.39 -41.18
C TYR F 24 29.90 10.79 -39.81
N GLN F 25 29.74 11.60 -38.79
CA GLN F 25 29.61 11.05 -37.44
C GLN F 25 28.32 10.25 -37.26
N PRO F 26 27.13 10.77 -37.60
CA PRO F 26 25.90 10.00 -37.32
C PRO F 26 25.84 8.68 -38.06
N ASP F 27 26.11 8.68 -39.36
CA ASP F 27 25.98 7.45 -40.13
C ASP F 27 26.99 6.39 -39.65
N THR F 28 28.20 6.82 -39.27
CA THR F 28 29.20 5.88 -38.79
C THR F 28 28.77 5.31 -37.44
N TYR F 29 28.37 6.18 -36.52
CA TYR F 29 28.03 5.73 -35.17
C TYR F 29 26.91 4.70 -35.20
N ARG F 30 26.02 4.77 -36.18
CA ARG F 30 24.90 3.84 -36.21
C ARG F 30 25.08 2.74 -37.24
N ASN F 31 26.28 2.58 -37.79
CA ASN F 31 26.67 1.50 -38.69
C ASN F 31 28.03 0.89 -38.31
N MET F 32 28.33 0.81 -37.01
CA MET F 32 29.66 0.34 -36.60
C MET F 32 29.94 -1.08 -37.09
N ASP F 33 28.89 -1.89 -37.27
CA ASP F 33 29.09 -3.26 -37.72
C ASP F 33 29.55 -3.35 -39.16
N LYS F 34 29.48 -2.25 -39.91
CA LYS F 34 29.98 -2.19 -41.26
C LYS F 34 31.43 -1.71 -41.32
N VAL F 35 32.01 -1.37 -40.17
CA VAL F 35 33.36 -0.82 -40.10
C VAL F 35 34.32 -1.77 -39.40
N TYR F 36 33.87 -2.40 -38.30
CA TYR F 36 34.68 -3.19 -37.37
C TYR F 36 34.09 -4.58 -37.21
N PRO F 37 34.89 -5.59 -36.88
CA PRO F 37 34.29 -6.90 -36.55
C PRO F 37 33.46 -6.73 -35.29
N THR F 38 32.31 -7.41 -35.28
CA THR F 38 31.36 -7.34 -34.19
C THR F 38 30.82 -8.74 -33.94
N ARG F 39 30.24 -8.93 -32.76
CA ARG F 39 29.47 -10.12 -32.42
C ARG F 39 28.07 -9.69 -32.00
N VAL F 40 27.06 -10.45 -32.44
CA VAL F 40 25.68 -10.12 -32.12
C VAL F 40 25.40 -10.41 -30.66
N ILE F 41 24.69 -9.49 -30.01
CA ILE F 41 24.13 -9.70 -28.68
C ILE F 41 22.68 -10.10 -28.88
N HIS F 42 22.36 -11.38 -28.71
CA HIS F 42 21.04 -11.87 -29.05
C HIS F 42 20.02 -11.54 -27.98
N LYS F 43 18.86 -11.06 -28.41
CA LYS F 43 17.70 -10.91 -27.53
C LYS F 43 17.05 -12.27 -27.29
N GLY F 44 16.10 -12.30 -26.36
CA GLY F 44 15.31 -13.47 -26.09
C GLY F 44 13.87 -13.31 -26.55
N THR F 45 13.02 -14.18 -26.01
CA THR F 45 11.59 -14.19 -26.35
C THR F 45 10.76 -13.34 -25.40
N LYS F 46 10.98 -13.45 -24.09
CA LYS F 46 10.44 -12.47 -23.17
C LYS F 46 10.91 -11.08 -23.58
N VAL F 47 10.07 -10.07 -23.34
CA VAL F 47 10.46 -8.69 -23.58
C VAL F 47 9.90 -7.83 -22.44
N ARG F 48 10.79 -7.35 -21.56
CA ARG F 48 10.43 -6.36 -20.55
C ARG F 48 9.73 -5.19 -21.23
N PRO F 49 8.45 -4.98 -20.96
CA PRO F 49 7.74 -3.88 -21.62
C PRO F 49 8.19 -2.55 -21.06
N LEU F 50 8.10 -1.52 -21.90
CA LEU F 50 8.25 -0.15 -21.44
C LEU F 50 6.90 0.52 -21.58
N PRO F 51 6.10 0.59 -20.51
CA PRO F 51 4.77 1.18 -20.62
C PRO F 51 4.84 2.66 -20.96
N ALA F 52 4.28 3.02 -22.12
CA ALA F 52 4.15 4.41 -22.50
C ALA F 52 3.45 5.18 -21.38
N GLY F 53 4.19 6.04 -20.70
CA GLY F 53 3.72 6.72 -19.51
C GLY F 53 3.31 8.15 -19.74
N VAL F 54 3.46 8.98 -18.70
CA VAL F 54 3.07 10.38 -18.73
C VAL F 54 4.11 11.16 -19.52
N ALA F 55 3.69 11.77 -20.62
CA ALA F 55 4.61 12.55 -21.45
C ALA F 55 4.98 13.86 -20.77
N ILE F 56 6.27 14.10 -20.60
CA ILE F 56 6.78 15.37 -20.11
C ILE F 56 7.69 16.00 -21.17
N ALA F 57 7.56 17.32 -21.33
CA ALA F 57 8.40 18.08 -22.26
C ALA F 57 9.03 19.20 -21.43
N PRO F 58 10.09 18.89 -20.68
CA PRO F 58 10.66 19.89 -19.77
C PRO F 58 11.30 21.03 -20.56
N ARG F 59 11.65 22.07 -19.80
CA ARG F 59 12.38 23.21 -20.31
C ARG F 59 13.42 23.58 -19.27
N TYR F 60 14.44 24.32 -19.68
CA TYR F 60 15.46 24.70 -18.71
C TYR F 60 16.04 26.06 -19.09
N ARG F 61 16.82 26.60 -18.16
CA ARG F 61 17.36 27.95 -18.25
C ARG F 61 18.88 27.89 -18.34
N ILE F 62 19.42 28.27 -19.48
CA ILE F 62 20.80 28.70 -19.56
C ILE F 62 20.83 29.97 -20.40
N GLY F 63 21.72 30.89 -20.03
CA GLY F 63 21.66 32.21 -20.64
C GLY F 63 20.41 32.94 -20.18
N GLY F 64 19.91 33.82 -21.05
CA GLY F 64 18.74 34.61 -20.69
C GLY F 64 17.45 33.81 -20.73
N GLU F 65 17.36 32.81 -21.60
CA GLU F 65 16.07 32.28 -22.00
C GLU F 65 15.96 30.79 -21.76
N GLU F 66 14.73 30.30 -21.97
CA GLU F 66 14.35 28.91 -21.78
C GLU F 66 14.57 28.12 -23.06
N TYR F 67 14.81 26.83 -22.90
CA TYR F 67 14.92 25.91 -24.01
C TYR F 67 14.07 24.66 -23.74
N GLY F 68 13.33 24.25 -24.76
CA GLY F 68 12.58 23.00 -24.72
C GLY F 68 13.48 21.83 -25.08
N VAL F 69 12.84 20.67 -25.26
CA VAL F 69 13.59 19.47 -25.60
C VAL F 69 14.23 19.63 -26.98
N ASP F 70 13.46 20.14 -27.94
CA ASP F 70 13.94 20.28 -29.31
C ASP F 70 15.09 21.28 -29.44
N ASP F 71 15.03 22.39 -28.70
CA ASP F 71 16.17 23.30 -28.69
C ASP F 71 17.42 22.61 -28.19
N PHE F 72 17.29 21.86 -27.08
CA PHE F 72 18.43 21.14 -26.54
C PHE F 72 19.02 20.21 -27.60
N MET F 73 18.15 19.47 -28.30
CA MET F 73 18.63 18.51 -29.29
C MET F 73 19.32 19.19 -30.47
N ARG F 74 18.91 20.42 -30.81
CA ARG F 74 19.54 21.11 -31.94
C ARG F 74 20.86 21.76 -31.55
N ARG F 75 20.88 22.52 -30.44
CA ARG F 75 22.11 23.18 -30.00
C ARG F 75 23.26 22.18 -29.85
N ASN F 76 22.98 20.99 -29.32
CA ASN F 76 24.04 20.06 -28.93
C ASN F 76 24.09 18.84 -29.82
N ARG F 77 23.37 18.84 -30.94
CA ARG F 77 23.42 17.75 -31.90
C ARG F 77 23.13 16.41 -31.23
N VAL F 78 21.90 16.30 -30.71
CA VAL F 78 21.46 15.12 -29.99
C VAL F 78 20.65 14.26 -30.94
N GLY F 79 20.95 12.96 -30.96
CA GLY F 79 20.27 12.03 -31.83
C GLY F 79 19.35 11.13 -31.08
N GLY F 80 19.38 11.21 -29.75
CA GLY F 80 18.50 10.34 -28.98
C GLY F 80 18.37 10.75 -27.54
N VAL F 81 17.15 10.71 -27.02
CA VAL F 81 16.93 11.05 -25.61
C VAL F 81 15.77 10.22 -25.11
N LEU F 82 15.97 9.57 -23.95
CA LEU F 82 14.96 8.70 -23.37
C LEU F 82 14.96 8.89 -21.86
N VAL F 83 13.81 9.27 -21.32
CA VAL F 83 13.64 9.43 -19.88
C VAL F 83 12.56 8.45 -19.41
N LEU F 84 12.95 7.56 -18.50
CA LEU F 84 12.10 6.58 -17.85
C LEU F 84 11.93 6.98 -16.39
N LYS F 85 10.69 6.87 -15.91
CA LYS F 85 10.32 7.11 -14.53
C LYS F 85 9.61 5.87 -14.01
N ASP F 86 10.13 5.30 -12.92
CA ASP F 86 9.56 4.10 -12.32
C ASP F 86 9.34 2.99 -13.34
N GLY F 87 10.16 2.97 -14.39
CA GLY F 87 10.07 1.94 -15.41
C GLY F 87 9.04 2.16 -16.50
N LYS F 88 8.50 3.38 -16.64
CA LYS F 88 7.62 3.70 -17.76
C LYS F 88 8.17 4.92 -18.50
N VAL F 89 7.84 4.99 -19.79
CA VAL F 89 8.53 5.88 -20.72
C VAL F 89 7.92 7.27 -20.64
N ALA F 90 8.66 8.21 -20.04
CA ALA F 90 8.18 9.59 -19.99
C ALA F 90 8.55 10.38 -21.23
N LEU F 91 9.75 10.15 -21.77
CA LEU F 91 10.21 10.95 -22.91
C LEU F 91 11.00 10.05 -23.84
N GLU F 92 10.75 10.16 -25.14
CA GLU F 92 11.55 9.42 -26.12
C GLU F 92 11.56 10.22 -27.43
N ARG F 93 12.70 10.84 -27.71
CA ARG F 93 12.85 11.67 -28.89
C ARG F 93 14.08 11.21 -29.66
N TYR F 94 13.99 11.28 -30.98
CA TYR F 94 15.08 10.92 -31.84
C TYR F 94 15.53 12.15 -32.64
N GLY F 95 16.63 11.97 -33.36
CA GLY F 95 17.19 13.07 -34.13
C GLY F 95 18.31 12.57 -35.00
N LEU F 96 18.83 13.49 -35.81
CA LEU F 96 19.96 13.23 -36.70
C LEU F 96 19.64 12.18 -37.74
N GLY F 97 18.35 11.91 -37.92
CA GLY F 97 17.90 10.83 -38.76
C GLY F 97 17.63 9.52 -38.03
N ASN F 98 17.91 9.43 -36.73
CA ASN F 98 17.73 8.16 -36.02
C ASN F 98 16.25 7.86 -35.80
N ASP F 99 15.92 6.56 -35.82
CA ASP F 99 14.60 6.02 -35.50
C ASP F 99 14.60 5.47 -34.08
N GLU F 100 13.51 4.80 -33.70
CA GLU F 100 13.54 3.86 -32.60
C GLU F 100 14.18 2.53 -32.98
N ARG F 101 14.48 2.37 -34.27
CA ARG F 101 15.10 1.19 -34.84
C ARG F 101 16.62 1.33 -34.99
N THR F 102 17.17 2.47 -34.59
CA THR F 102 18.59 2.74 -34.73
C THR F 102 19.39 1.96 -33.70
N ARG F 103 20.57 1.49 -34.08
CA ARG F 103 21.51 0.93 -33.12
C ARG F 103 22.75 1.81 -33.12
N TRP F 104 22.93 2.55 -32.02
CA TRP F 104 23.90 3.63 -31.91
C TRP F 104 25.04 3.17 -31.02
N THR F 105 26.25 3.63 -31.34
CA THR F 105 27.39 3.12 -30.57
C THR F 105 27.51 3.83 -29.23
N SER F 106 28.18 3.16 -28.30
CA SER F 106 28.21 3.51 -26.89
C SER F 106 29.40 4.36 -26.50
N PHE F 107 30.51 4.23 -27.23
CA PHE F 107 31.80 4.67 -26.71
C PHE F 107 31.96 4.20 -25.25
N SER F 108 32.53 5.03 -24.38
CA SER F 108 32.90 4.55 -23.05
C SER F 108 31.68 4.18 -22.21
N VAL F 109 30.46 4.37 -22.73
CA VAL F 109 29.31 3.92 -21.95
C VAL F 109 29.43 2.43 -21.67
N VAL F 110 30.07 1.67 -22.58
CA VAL F 110 30.08 0.23 -22.35
C VAL F 110 30.95 -0.15 -21.16
N LYS F 111 31.86 0.72 -20.71
CA LYS F 111 32.60 0.40 -19.49
C LYS F 111 31.64 0.01 -18.39
N SER F 112 30.57 0.81 -18.23
CA SER F 112 29.65 0.58 -17.13
C SER F 112 28.83 -0.67 -17.36
N ILE F 113 28.61 -1.02 -18.62
CA ILE F 113 27.95 -2.29 -18.91
C ILE F 113 28.88 -3.44 -18.51
N SER F 114 30.17 -3.31 -18.85
CA SER F 114 31.11 -4.41 -18.59
C SER F 114 31.23 -4.69 -17.09
N SER F 115 31.34 -3.64 -16.26
CA SER F 115 31.41 -3.86 -14.81
C SER F 115 30.13 -4.51 -14.31
N THR F 116 28.99 -4.14 -14.89
CA THR F 116 27.72 -4.76 -14.49
C THR F 116 27.70 -6.23 -14.86
N LEU F 117 28.41 -6.62 -15.92
CA LEU F 117 28.58 -8.06 -16.16
C LEU F 117 29.53 -8.67 -15.15
N VAL F 118 30.57 -7.93 -14.75
CA VAL F 118 31.48 -8.43 -13.72
C VAL F 118 30.71 -8.76 -12.46
N GLY F 119 29.83 -7.83 -12.02
CA GLY F 119 28.98 -8.11 -10.88
C GLY F 119 28.19 -9.39 -11.07
N ALA F 120 27.62 -9.58 -12.27
CA ALA F 120 26.88 -10.80 -12.55
C ALA F 120 27.77 -12.02 -12.33
N ALA F 121 29.00 -11.95 -12.86
CA ALA F 121 29.95 -13.04 -12.65
C ALA F 121 30.22 -13.25 -11.17
N VAL F 122 30.34 -12.17 -10.40
CA VAL F 122 30.53 -12.30 -8.96
C VAL F 122 29.36 -13.03 -8.33
N GLN F 123 28.14 -12.73 -8.77
CA GLN F 123 26.98 -13.41 -8.21
C GLN F 123 26.96 -14.89 -8.58
N GLN F 124 27.58 -15.27 -9.70
CA GLN F 124 27.62 -16.67 -10.07
C GLN F 124 28.85 -17.38 -9.50
N GLY F 125 29.72 -16.65 -8.81
CA GLY F 125 30.94 -17.26 -8.31
C GLY F 125 31.93 -17.62 -9.40
N LEU F 126 31.91 -16.91 -10.52
CA LEU F 126 32.94 -17.07 -11.55
C LEU F 126 34.12 -16.14 -11.30
N LEU F 127 33.87 -14.95 -10.73
CA LEU F 127 34.88 -13.96 -10.40
C LEU F 127 34.74 -13.56 -8.94
N ALA F 128 35.85 -13.07 -8.36
CA ALA F 128 35.86 -12.56 -7.00
C ALA F 128 36.59 -11.22 -6.96
N LEU F 129 36.02 -10.23 -6.26
CA LEU F 129 36.54 -8.87 -6.31
C LEU F 129 37.98 -8.76 -5.81
N ASP F 130 38.31 -9.51 -4.77
CA ASP F 130 39.67 -9.44 -4.21
C ASP F 130 40.60 -10.52 -4.74
N GLN F 131 40.17 -11.28 -5.74
CA GLN F 131 41.09 -12.20 -6.37
C GLN F 131 41.98 -11.43 -7.35
N PRO F 132 43.21 -11.89 -7.57
CA PRO F 132 44.10 -11.17 -8.49
C PRO F 132 43.85 -11.54 -9.94
N VAL F 133 44.10 -10.58 -10.83
CA VAL F 133 43.71 -10.75 -12.24
C VAL F 133 44.64 -11.72 -12.96
N ASP F 134 45.92 -11.77 -12.58
CA ASP F 134 46.81 -12.77 -13.15
C ASP F 134 46.31 -14.20 -12.90
N LYS F 135 45.43 -14.40 -11.91
CA LYS F 135 44.90 -15.74 -11.66
C LYS F 135 43.94 -16.17 -12.76
N TYR F 136 43.16 -15.22 -13.31
CA TYR F 136 42.29 -15.52 -14.43
C TYR F 136 42.99 -15.34 -15.78
N LEU F 137 43.91 -14.37 -15.87
CA LEU F 137 44.66 -14.06 -17.09
C LEU F 137 46.13 -14.40 -16.90
N PRO F 138 46.50 -15.66 -17.10
CA PRO F 138 47.88 -16.09 -16.79
C PRO F 138 48.94 -15.35 -17.59
N SER F 139 48.59 -14.88 -18.79
CA SER F 139 49.54 -14.12 -19.60
C SER F 139 49.99 -12.85 -18.89
N LEU F 140 49.23 -12.37 -17.92
CA LEU F 140 49.63 -11.24 -17.10
C LEU F 140 50.64 -11.62 -16.02
N ALA F 141 51.01 -12.89 -15.91
CA ALA F 141 51.99 -13.30 -14.91
C ALA F 141 53.34 -12.69 -15.24
N GLY F 142 53.93 -11.99 -14.26
CA GLY F 142 55.18 -11.28 -14.45
C GLY F 142 55.01 -9.79 -14.73
N SER F 143 53.85 -9.39 -15.22
CA SER F 143 53.56 -8.00 -15.52
C SER F 143 53.29 -7.22 -14.23
N ALA F 144 53.23 -5.89 -14.37
CA ALA F 144 52.85 -5.02 -13.27
C ALA F 144 51.40 -5.20 -12.84
N TYR F 145 50.58 -5.91 -13.62
CA TYR F 145 49.24 -6.22 -13.16
C TYR F 145 49.20 -7.41 -12.21
N GLN F 146 50.29 -8.16 -12.10
CA GLN F 146 50.40 -9.24 -11.13
C GLN F 146 50.09 -8.73 -9.73
N GLY F 147 49.13 -9.36 -9.06
CA GLY F 147 48.68 -8.94 -7.75
C GLY F 147 47.48 -8.00 -7.75
N VAL F 148 47.27 -7.25 -8.84
CA VAL F 148 46.14 -6.32 -8.89
C VAL F 148 44.83 -7.11 -8.85
N THR F 149 43.87 -6.60 -8.09
CA THR F 149 42.62 -7.32 -7.88
C THR F 149 41.55 -6.83 -8.86
N VAL F 150 40.49 -7.65 -8.98
CA VAL F 150 39.35 -7.28 -9.81
C VAL F 150 38.81 -5.92 -9.42
N GLU F 151 38.74 -5.64 -8.11
CA GLU F 151 38.14 -4.39 -7.66
C GLU F 151 39.01 -3.20 -8.05
N GLN F 152 40.34 -3.35 -7.98
CA GLN F 152 41.21 -2.23 -8.33
C GLN F 152 41.11 -1.90 -9.81
N VAL F 153 41.02 -2.93 -10.66
CA VAL F 153 40.75 -2.70 -12.07
C VAL F 153 39.43 -1.96 -12.24
N LEU F 154 38.39 -2.42 -11.54
CA LEU F 154 37.09 -1.76 -11.59
C LEU F 154 37.16 -0.30 -11.15
N GLN F 155 38.08 0.03 -10.23
CA GLN F 155 38.17 1.37 -9.68
C GLN F 155 39.21 2.23 -10.38
N MET F 156 39.69 1.82 -11.56
CA MET F 156 40.67 2.59 -12.31
C MET F 156 41.86 2.94 -11.42
N SER F 157 42.16 2.08 -10.44
CA SER F 157 43.09 2.39 -9.36
C SER F 157 44.14 1.31 -9.20
N SER F 158 44.64 0.79 -10.31
CA SER F 158 45.69 -0.22 -10.24
C SER F 158 47.08 0.36 -10.06
N GLY F 159 47.25 1.66 -10.26
CA GLY F 159 48.57 2.26 -10.16
C GLY F 159 49.53 1.91 -11.27
N VAL F 160 49.11 1.16 -12.28
CA VAL F 160 49.97 0.98 -13.46
C VAL F 160 50.04 2.29 -14.24
N ARG F 161 51.19 2.51 -14.86
CA ARG F 161 51.40 3.75 -15.59
C ARG F 161 50.65 3.68 -16.92
N TRP F 162 49.85 4.69 -17.20
CA TRP F 162 49.04 4.68 -18.41
C TRP F 162 48.94 6.09 -18.94
N ASN F 163 49.32 6.25 -20.20
CA ASN F 163 49.13 7.50 -20.95
C ASN F 163 47.83 7.39 -21.74
N GLU F 164 46.83 8.17 -21.35
CA GLU F 164 45.51 8.17 -21.97
C GLU F 164 45.38 9.19 -23.12
N THR F 165 46.44 9.95 -23.41
CA THR F 165 46.34 11.07 -24.33
C THR F 165 46.24 10.60 -25.77
N TYR F 166 45.13 10.94 -26.43
CA TYR F 166 44.91 10.44 -27.78
C TYR F 166 45.81 11.15 -28.80
N ARG F 167 45.94 12.47 -28.70
CA ARG F 167 46.74 13.22 -29.66
C ARG F 167 48.23 12.86 -29.59
N ASP F 168 48.68 12.13 -28.56
CA ASP F 168 50.06 11.65 -28.45
C ASP F 168 50.25 10.41 -29.32
N PRO F 169 51.04 10.50 -30.39
CA PRO F 169 51.26 9.33 -31.26
C PRO F 169 51.93 8.15 -30.57
N LYS F 170 52.61 8.37 -29.45
CA LYS F 170 53.30 7.31 -28.74
C LYS F 170 52.53 6.82 -27.52
N SER F 171 51.31 7.31 -27.31
CA SER F 171 50.58 7.02 -26.09
C SER F 171 50.10 5.58 -26.04
N ASP F 172 49.70 5.15 -24.83
CA ASP F 172 49.13 3.82 -24.66
C ASP F 172 47.73 3.76 -25.27
N ARG F 173 46.93 4.82 -25.12
CA ARG F 173 45.67 4.91 -25.84
C ARG F 173 45.88 4.62 -27.32
N ARG F 174 46.87 5.28 -27.92
CA ARG F 174 47.13 5.15 -29.36
C ARG F 174 47.56 3.74 -29.72
N GLN F 175 48.47 3.16 -28.95
CA GLN F 175 48.94 1.81 -29.22
C GLN F 175 47.81 0.80 -29.10
N MET F 176 46.85 1.05 -28.20
CA MET F 176 45.76 0.11 -28.07
C MET F 176 44.78 0.24 -29.24
N PHE F 177 44.54 1.47 -29.70
CA PHE F 177 43.74 1.61 -30.92
C PHE F 177 44.43 0.94 -32.11
N ASP F 178 45.75 1.02 -32.17
CA ASP F 178 46.50 0.40 -33.26
C ASP F 178 46.40 -1.12 -33.23
N ALA F 179 46.49 -1.71 -32.03
CA ALA F 179 46.28 -3.14 -31.90
C ALA F 179 44.88 -3.53 -32.33
N GLN F 180 43.87 -2.73 -31.96
CA GLN F 180 42.53 -2.98 -32.47
C GLN F 180 42.49 -2.96 -33.99
N LEU F 181 43.15 -1.97 -34.59
CA LEU F 181 43.08 -1.82 -36.05
C LEU F 181 43.85 -2.94 -36.77
N ALA F 182 44.87 -3.50 -36.11
CA ALA F 182 45.63 -4.60 -36.68
C ALA F 182 44.91 -5.93 -36.55
N GLU F 183 43.91 -6.02 -35.66
CA GLU F 183 43.12 -7.24 -35.48
C GLU F 183 43.98 -8.46 -35.19
N ARG F 184 45.00 -8.28 -34.37
CA ARG F 184 45.78 -9.43 -33.92
C ARG F 184 45.26 -9.86 -32.55
N PRO F 185 44.70 -11.07 -32.42
CA PRO F 185 44.11 -11.47 -31.15
C PRO F 185 45.14 -11.41 -30.03
N GLY F 186 44.73 -10.86 -28.89
CA GLY F 186 45.59 -10.75 -27.74
C GLY F 186 46.48 -9.53 -27.70
N GLY F 187 46.39 -8.65 -28.69
CA GLY F 187 47.30 -7.52 -28.76
C GLY F 187 47.14 -6.55 -27.61
N ILE F 188 45.90 -6.27 -27.23
CA ILE F 188 45.71 -5.34 -26.12
C ILE F 188 46.26 -5.92 -24.83
N LEU F 189 46.05 -7.23 -24.62
CA LEU F 189 46.61 -7.90 -23.45
C LEU F 189 48.13 -7.81 -23.43
N ARG F 190 48.78 -8.01 -24.59
CA ARG F 190 50.23 -7.88 -24.64
C ARG F 190 50.68 -6.48 -24.27
N LEU F 191 50.01 -5.46 -24.83
CA LEU F 191 50.26 -4.08 -24.44
C LEU F 191 50.17 -3.91 -22.92
N LEU F 192 49.07 -4.38 -22.34
CA LEU F 192 48.85 -4.18 -20.91
C LEU F 192 49.92 -4.88 -20.09
N ALA F 193 50.29 -6.10 -20.48
CA ALA F 193 51.28 -6.86 -19.74
C ALA F 193 52.63 -6.17 -19.76
N SER F 194 52.97 -5.50 -20.86
CA SER F 194 54.30 -4.87 -20.88
C SER F 194 54.31 -3.51 -20.21
N LEU F 195 53.25 -3.11 -19.50
CA LEU F 195 53.22 -1.80 -18.86
C LEU F 195 53.95 -1.85 -17.52
N PRO F 196 54.53 -0.72 -17.08
CA PRO F 196 55.28 -0.70 -15.82
C PRO F 196 54.55 -0.03 -14.66
N ARG F 197 54.85 -0.47 -13.43
CA ARG F 197 54.23 0.09 -12.23
C ARG F 197 54.61 1.56 -12.06
N GLN F 198 53.79 2.28 -11.30
CA GLN F 198 54.09 3.68 -11.04
C GLN F 198 53.70 4.08 -9.62
N TYR F 199 52.49 3.74 -9.20
CA TYR F 199 52.03 3.97 -7.83
C TYR F 199 51.71 2.63 -7.17
N PRO F 200 51.44 2.62 -5.86
CA PRO F 200 51.00 1.36 -5.22
C PRO F 200 49.61 0.95 -5.67
N SER F 201 49.35 -0.35 -5.50
CA SER F 201 48.30 -1.08 -6.19
C SER F 201 46.89 -0.51 -6.07
N GLY F 202 46.67 0.44 -5.16
CA GLY F 202 45.33 0.96 -4.99
C GLY F 202 45.32 2.38 -4.45
N THR F 203 46.35 3.14 -4.82
CA THR F 203 46.54 4.48 -4.29
C THR F 203 45.88 5.55 -5.15
N HIS F 204 46.00 5.46 -6.47
CA HIS F 204 45.65 6.55 -7.36
C HIS F 204 44.60 6.13 -8.38
N PHE F 205 43.69 7.05 -8.68
CA PHE F 205 42.80 6.91 -9.82
C PHE F 205 43.56 7.32 -11.08
N THR F 206 43.72 6.39 -12.01
CA THR F 206 44.27 6.69 -13.33
C THR F 206 43.31 6.09 -14.35
N TYR F 207 42.54 6.97 -15.00
CA TYR F 207 41.62 6.55 -16.05
C TYR F 207 42.39 5.91 -17.19
N SER F 208 42.00 4.69 -17.54
CA SER F 208 42.76 3.89 -18.50
C SER F 208 41.79 3.06 -19.33
N THR F 209 41.69 3.39 -20.61
CA THR F 209 40.87 2.60 -21.52
C THR F 209 41.32 1.13 -21.55
N GLY F 210 42.64 0.89 -21.51
CA GLY F 210 43.12 -0.48 -21.48
C GLY F 210 42.72 -1.22 -20.23
N GLU F 211 42.79 -0.54 -19.08
CA GLU F 211 42.34 -1.12 -17.81
C GLU F 211 40.88 -1.51 -17.89
N SER F 212 40.06 -0.59 -18.38
CA SER F 212 38.64 -0.90 -18.52
C SER F 212 38.39 -2.04 -19.51
N HIS F 213 39.28 -2.21 -20.51
CA HIS F 213 39.14 -3.33 -21.43
C HIS F 213 39.44 -4.65 -20.72
N LEU F 214 40.40 -4.65 -19.79
CA LEU F 214 40.63 -5.82 -18.93
C LEU F 214 39.37 -6.50 -18.41
N GLN F 215 38.30 -5.72 -18.20
CA GLN F 215 37.03 -6.31 -17.75
C GLN F 215 36.56 -7.42 -18.67
N SER F 216 36.54 -7.11 -19.98
CA SER F 216 36.10 -8.07 -20.99
C SER F 216 36.98 -9.32 -21.02
N GLU F 217 38.29 -9.13 -20.87
CA GLU F 217 39.22 -10.27 -20.88
C GLU F 217 38.98 -11.18 -19.67
N LEU F 218 38.80 -10.57 -18.49
CA LEU F 218 38.44 -11.32 -17.29
C LEU F 218 37.11 -12.06 -17.46
N LEU F 219 36.11 -11.39 -18.02
CA LEU F 219 34.80 -12.01 -18.11
C LEU F 219 34.86 -13.23 -19.01
N HIS F 220 35.55 -13.10 -20.14
CA HIS F 220 35.68 -14.28 -20.98
C HIS F 220 36.50 -15.36 -20.29
N ALA F 221 37.61 -14.99 -19.62
CA ALA F 221 38.42 -16.01 -18.95
C ALA F 221 37.65 -16.74 -17.87
N ALA F 222 36.69 -16.06 -17.24
CA ALA F 222 35.91 -16.63 -16.14
C ALA F 222 34.69 -17.40 -16.60
N THR F 223 34.05 -17.01 -17.70
CA THR F 223 32.87 -17.72 -18.16
C THR F 223 33.19 -18.71 -19.27
N ARG F 224 34.31 -18.52 -19.94
CA ARG F 224 34.71 -19.33 -21.09
C ARG F 224 33.71 -19.28 -22.22
N ILE F 225 32.88 -18.24 -22.26
CA ILE F 225 32.01 -17.99 -23.42
C ILE F 225 32.17 -16.52 -23.82
N PRO F 226 31.85 -16.18 -25.06
CA PRO F 226 31.99 -14.78 -25.50
C PRO F 226 31.17 -13.82 -24.66
N VAL F 227 31.75 -12.65 -24.41
CA VAL F 227 31.12 -11.68 -23.51
C VAL F 227 29.73 -11.31 -24.01
N SER F 228 29.56 -11.19 -25.33
CA SER F 228 28.24 -10.88 -25.89
C SER F 228 27.23 -11.96 -25.53
N ASP F 229 27.68 -13.22 -25.51
CA ASP F 229 26.77 -14.30 -25.15
C ASP F 229 26.45 -14.28 -23.66
N TYR F 230 27.43 -13.99 -22.82
CA TYR F 230 27.15 -13.85 -21.40
C TYR F 230 26.14 -12.73 -21.15
N LEU F 231 26.34 -11.58 -21.80
CA LEU F 231 25.40 -10.46 -21.63
C LEU F 231 24.01 -10.86 -22.11
N SER F 232 23.94 -11.60 -23.21
CA SER F 232 22.65 -12.14 -23.67
C SER F 232 21.99 -13.02 -22.60
N GLU F 233 22.77 -13.87 -21.93
CA GLU F 233 22.16 -14.88 -21.04
C GLU F 233 21.80 -14.30 -19.69
N ARG F 234 22.53 -13.27 -19.22
CA ARG F 234 22.19 -12.64 -17.94
C ARG F 234 21.12 -11.57 -18.10
N ILE F 235 21.14 -10.81 -19.19
CA ILE F 235 20.35 -9.59 -19.24
C ILE F 235 19.57 -9.46 -20.54
N TRP F 236 20.25 -9.58 -21.68
CA TRP F 236 19.62 -9.20 -22.94
C TRP F 236 18.43 -10.10 -23.26
N ALA F 237 18.60 -11.42 -23.07
CA ALA F 237 17.53 -12.39 -23.31
C ALA F 237 16.76 -12.71 -22.04
N ARG F 238 17.37 -12.49 -20.87
CA ARG F 238 16.73 -12.76 -19.59
C ARG F 238 15.69 -11.70 -19.26
N MET F 239 16.10 -10.43 -19.23
CA MET F 239 15.16 -9.35 -18.95
C MET F 239 14.26 -9.07 -20.15
N GLY F 240 14.70 -9.38 -21.35
CA GLY F 240 13.89 -9.18 -22.53
C GLY F 240 14.12 -7.83 -23.18
N MET F 241 15.01 -7.79 -24.16
CA MET F 241 15.27 -6.58 -24.92
C MET F 241 14.58 -6.71 -26.27
N GLU F 242 14.22 -5.56 -26.88
CA GLU F 242 13.44 -5.58 -28.12
C GLU F 242 14.24 -6.12 -29.28
N SER F 243 15.48 -5.65 -29.42
CA SER F 243 16.31 -5.93 -30.58
C SER F 243 17.62 -6.55 -30.11
N ASP F 244 18.22 -7.31 -31.01
CA ASP F 244 19.62 -7.67 -30.85
C ASP F 244 20.45 -6.39 -30.72
N GLY F 245 21.53 -6.47 -29.95
CA GLY F 245 22.61 -5.51 -30.05
C GLY F 245 23.78 -6.10 -30.81
N PHE F 246 24.91 -5.41 -30.74
CA PHE F 246 26.15 -6.01 -31.21
C PHE F 246 27.31 -5.29 -30.55
N TRP F 247 28.47 -5.92 -30.58
CA TRP F 247 29.60 -5.49 -29.77
C TRP F 247 30.86 -5.55 -30.62
N GLN F 248 31.57 -4.42 -30.71
CA GLN F 248 32.82 -4.33 -31.43
C GLN F 248 33.83 -5.32 -30.85
N LEU F 249 34.64 -5.90 -31.74
CA LEU F 249 35.62 -6.90 -31.35
C LEU F 249 37.04 -6.47 -31.68
N GLU F 250 37.98 -7.00 -30.89
CA GLU F 250 39.41 -6.83 -31.15
C GLU F 250 39.82 -7.38 -32.51
N SER F 251 39.10 -8.37 -33.02
CA SER F 251 39.48 -9.11 -34.21
C SER F 251 38.27 -9.94 -34.65
N PRO F 252 38.24 -10.39 -35.91
CA PRO F 252 37.08 -11.18 -36.39
C PRO F 252 36.85 -12.42 -35.53
N ALA F 253 35.59 -12.57 -35.09
CA ALA F 253 35.21 -13.65 -34.18
C ALA F 253 36.11 -13.67 -32.95
N GLY F 254 36.58 -12.50 -32.54
CA GLY F 254 37.47 -12.42 -31.39
C GLY F 254 36.78 -11.89 -30.15
N GLN F 255 37.48 -11.01 -29.44
CA GLN F 255 37.17 -10.57 -28.09
C GLN F 255 36.52 -9.20 -28.10
N GLU F 256 35.42 -9.06 -27.36
CA GLU F 256 34.74 -7.78 -27.23
C GLU F 256 35.65 -6.72 -26.61
N ILE F 257 35.58 -5.50 -27.13
CA ILE F 257 36.35 -4.39 -26.57
C ILE F 257 35.64 -3.95 -25.28
N GLY F 258 36.30 -4.14 -24.14
CA GLY F 258 35.66 -3.85 -22.86
C GLY F 258 35.25 -2.39 -22.67
N SER F 259 35.93 -1.47 -23.34
CA SER F 259 35.84 -0.06 -23.04
C SER F 259 35.06 0.78 -24.06
N SER F 260 34.62 0.20 -25.19
CA SER F 260 33.75 0.90 -26.13
C SER F 260 33.20 -0.11 -27.13
N GLY F 261 32.32 0.35 -28.01
CA GLY F 261 31.95 -0.40 -29.19
C GLY F 261 30.68 -1.21 -29.14
N LEU F 262 29.85 -1.05 -28.10
CA LEU F 262 28.54 -1.68 -28.08
C LEU F 262 27.51 -0.78 -28.75
N SER F 263 26.60 -1.39 -29.51
CA SER F 263 25.49 -0.74 -30.17
C SER F 263 24.19 -1.43 -29.83
N ALA F 264 23.18 -0.64 -29.45
CA ALA F 264 21.84 -1.12 -29.17
C ALA F 264 20.87 -0.01 -29.51
N THR F 265 19.58 -0.34 -29.48
CA THR F 265 18.55 0.67 -29.64
C THR F 265 18.40 1.49 -28.36
N LEU F 266 17.77 2.66 -28.52
CA LEU F 266 17.60 3.59 -27.40
C LEU F 266 16.85 2.96 -26.25
N ARG F 267 15.78 2.23 -26.59
CA ARG F 267 14.93 1.63 -25.56
C ARG F 267 15.63 0.45 -24.89
N ASP F 268 16.55 -0.22 -25.59
CA ASP F 268 17.32 -1.28 -24.94
C ASP F 268 18.39 -0.70 -24.03
N TYR F 269 19.00 0.43 -24.41
CA TYR F 269 19.81 1.16 -23.44
C TYR F 269 19.00 1.49 -22.20
N GLY F 270 17.76 1.97 -22.39
CA GLY F 270 16.88 2.22 -21.25
C GLY F 270 16.61 0.99 -20.41
N ARG F 271 16.39 -0.16 -21.07
CA ARG F 271 16.14 -1.39 -20.30
C ARG F 271 17.36 -1.79 -19.48
N PHE F 272 18.57 -1.57 -20.01
CA PHE F 272 19.75 -1.83 -19.18
C PHE F 272 19.81 -0.86 -18.01
N GLY F 273 19.53 0.42 -18.26
CA GLY F 273 19.51 1.38 -17.16
C GLY F 273 18.50 0.96 -16.10
N GLN F 274 17.37 0.42 -16.52
CA GLN F 274 16.34 -0.04 -15.59
C GLN F 274 16.86 -1.20 -14.76
N PHE F 275 17.39 -2.21 -15.43
CA PHE F 275 18.00 -3.36 -14.76
C PHE F 275 18.94 -2.90 -13.66
N VAL F 276 19.76 -1.88 -13.94
CA VAL F 276 20.65 -1.36 -12.90
C VAL F 276 19.87 -0.61 -11.82
N LEU F 277 18.80 0.11 -12.19
CA LEU F 277 18.01 0.84 -11.22
C LEU F 277 17.38 -0.09 -10.19
N GLU F 278 16.98 -1.29 -10.62
CA GLU F 278 16.33 -2.28 -9.75
C GLU F 278 17.32 -3.24 -9.11
N ASP F 279 18.49 -2.76 -8.69
CA ASP F 279 19.56 -3.55 -8.08
C ASP F 279 19.81 -4.90 -8.76
N GLY F 280 19.57 -4.96 -10.06
CA GLY F 280 19.90 -6.14 -10.84
C GLY F 280 18.99 -7.33 -10.61
N VAL F 281 17.72 -7.09 -10.28
CA VAL F 281 16.78 -8.17 -10.03
C VAL F 281 15.92 -8.39 -11.27
N ILE F 282 15.72 -9.65 -11.63
CA ILE F 282 14.85 -10.06 -12.72
C ILE F 282 13.95 -11.18 -12.20
N ASP F 283 12.65 -10.91 -12.13
CA ASP F 283 11.66 -11.89 -11.70
C ASP F 283 11.99 -12.41 -10.29
N GLY F 284 12.41 -11.50 -9.41
CA GLY F 284 12.83 -11.89 -8.09
C GLY F 284 14.14 -12.65 -8.03
N GLU F 285 14.85 -12.80 -9.14
CA GLU F 285 16.10 -13.54 -9.17
C GLU F 285 17.27 -12.56 -9.19
N ARG F 286 18.13 -12.62 -8.19
CA ARG F 286 19.26 -11.69 -8.08
C ARG F 286 20.29 -12.03 -9.15
N ILE F 287 20.39 -11.17 -10.18
CA ILE F 287 21.43 -11.29 -11.20
C ILE F 287 22.69 -10.54 -10.78
N LEU F 288 22.53 -9.41 -10.10
CA LEU F 288 23.63 -8.76 -9.44
C LEU F 288 23.65 -9.13 -7.97
N PRO F 289 24.81 -9.13 -7.32
CA PRO F 289 24.82 -9.42 -5.88
C PRO F 289 24.20 -8.29 -5.09
N GLU F 290 23.62 -8.67 -3.95
CA GLU F 290 23.05 -7.69 -3.03
C GLU F 290 24.07 -6.60 -2.73
N GLY F 291 23.62 -5.34 -2.82
CA GLY F 291 24.49 -4.23 -2.53
C GLY F 291 25.57 -3.98 -3.56
N TRP F 292 25.46 -4.56 -4.75
CA TRP F 292 26.44 -4.26 -5.80
C TRP F 292 26.22 -2.86 -6.35
N VAL F 293 24.95 -2.49 -6.61
CA VAL F 293 24.69 -1.14 -7.11
C VAL F 293 25.08 -0.10 -6.08
N ASP F 294 24.92 -0.42 -4.78
CA ASP F 294 25.35 0.50 -3.73
C ASP F 294 26.86 0.69 -3.72
N ARG F 295 27.62 -0.42 -3.74
CA ARG F 295 29.08 -0.29 -3.67
C ARG F 295 29.66 0.29 -4.96
N ALA F 296 28.99 0.06 -6.10
CA ALA F 296 29.49 0.51 -7.38
C ALA F 296 29.33 2.00 -7.60
N SER F 297 28.35 2.63 -6.92
CA SER F 297 28.10 4.06 -7.02
C SER F 297 28.35 4.74 -5.69
N ARG F 298 29.23 4.16 -4.88
CA ARG F 298 29.42 4.60 -3.50
C ARG F 298 30.20 5.91 -3.46
N VAL F 299 29.77 6.79 -2.55
CA VAL F 299 30.43 8.06 -2.30
C VAL F 299 30.83 8.09 -0.84
N GLU F 300 32.15 8.04 -0.58
CA GLU F 300 32.68 8.18 0.77
C GLU F 300 33.90 9.08 0.69
N ALA F 301 33.90 10.14 1.51
CA ALA F 301 34.94 11.18 1.39
C ALA F 301 36.31 10.71 1.86
N SER F 302 36.42 9.57 2.54
CA SER F 302 37.72 9.08 2.95
C SER F 302 38.57 8.63 1.76
N SER F 303 37.92 8.19 0.69
CA SER F 303 38.57 7.52 -0.43
C SER F 303 39.06 8.51 -1.49
N HIS F 304 40.14 8.12 -2.16
CA HIS F 304 40.67 8.85 -3.32
C HIS F 304 39.72 8.83 -4.54
N LEU F 305 38.49 8.31 -4.43
CA LEU F 305 37.54 8.26 -5.54
C LEU F 305 36.35 9.19 -5.34
N ALA F 306 36.30 9.94 -4.24
CA ALA F 306 35.11 10.72 -3.93
C ALA F 306 34.98 11.90 -4.89
N PRO F 307 33.75 12.36 -5.14
CA PRO F 307 33.57 13.54 -5.99
C PRO F 307 34.43 14.71 -5.53
N GLY F 308 35.14 15.32 -6.48
CA GLY F 308 36.00 16.44 -6.18
C GLY F 308 37.43 16.08 -5.85
N LYS F 309 37.76 14.80 -5.72
CA LYS F 309 39.15 14.38 -5.57
C LYS F 309 39.75 13.83 -6.85
N LEU F 310 39.00 13.85 -7.95
CA LEU F 310 39.52 13.46 -9.25
C LEU F 310 40.00 14.68 -10.01
N TYR F 311 41.13 14.53 -10.70
CA TYR F 311 41.68 15.58 -11.55
C TYR F 311 42.01 16.83 -10.74
N ASP F 312 42.55 16.61 -9.53
CA ASP F 312 42.96 17.68 -8.61
C ASP F 312 41.82 18.66 -8.32
N GLY F 313 40.64 18.10 -8.03
CA GLY F 313 39.50 18.90 -7.66
C GLY F 313 38.83 19.65 -8.79
N GLU F 314 39.25 19.45 -10.03
CA GLU F 314 38.71 20.23 -11.15
C GLU F 314 37.46 19.61 -11.76
N TYR F 315 37.11 18.38 -11.38
CA TYR F 315 35.96 17.68 -11.94
C TYR F 315 34.99 17.33 -10.80
N ALA F 316 33.70 17.61 -11.02
CA ALA F 316 32.72 17.52 -9.94
C ALA F 316 32.43 16.07 -9.56
N LEU F 317 32.36 15.18 -10.55
CA LEU F 317 31.92 13.82 -10.30
C LEU F 317 33.06 12.95 -9.77
N GLY F 318 32.70 11.96 -8.95
CA GLY F 318 33.62 10.95 -8.50
C GLY F 318 33.54 9.69 -9.36
N TYR F 319 34.26 8.66 -8.93
CA TYR F 319 34.29 7.38 -9.62
C TYR F 319 33.80 6.26 -8.71
N GLY F 320 33.34 5.18 -9.34
CA GLY F 320 32.90 3.98 -8.64
C GLY F 320 33.39 2.72 -9.32
N TYR F 321 32.48 1.77 -9.59
CA TYR F 321 32.84 0.56 -10.35
C TYR F 321 32.57 0.80 -11.84
N GLN F 322 33.43 1.63 -12.44
CA GLN F 322 33.28 2.07 -13.83
C GLN F 322 31.93 2.77 -14.02
N TRP F 323 31.52 3.54 -13.01
CA TRP F 323 30.50 4.57 -13.10
C TRP F 323 31.06 5.86 -12.53
N TRP F 324 30.59 6.99 -13.04
CA TRP F 324 30.91 8.29 -12.45
C TRP F 324 29.79 8.67 -11.48
N THR F 325 30.17 9.17 -10.30
CA THR F 325 29.23 9.46 -9.23
C THR F 325 29.10 10.97 -9.05
N PHE F 326 27.87 11.42 -8.87
CA PHE F 326 27.62 12.84 -8.67
C PHE F 326 27.94 13.25 -7.24
N PRO F 327 28.35 14.52 -7.04
CA PRO F 327 28.52 15.02 -5.67
C PRO F 327 27.16 15.16 -5.00
N VAL F 328 27.12 14.84 -3.70
CA VAL F 328 25.87 14.71 -2.95
C VAL F 328 25.73 15.87 -1.97
N GLY F 329 24.52 16.43 -1.90
CA GLY F 329 24.15 17.34 -0.83
C GLY F 329 24.72 18.74 -0.85
N ALA F 330 25.88 18.92 -0.19
CA ALA F 330 26.44 20.26 -0.01
C ALA F 330 26.83 20.90 -1.33
N LYS F 331 27.44 20.12 -2.25
CA LYS F 331 27.71 20.61 -3.60
C LYS F 331 27.02 19.72 -4.62
N ALA F 332 25.71 19.51 -4.45
CA ALA F 332 24.91 18.75 -5.39
C ALA F 332 24.42 19.66 -6.52
N LEU F 333 24.77 19.31 -7.76
CA LEU F 333 24.35 20.05 -8.93
C LEU F 333 22.82 20.17 -8.94
N PRO F 334 22.25 21.17 -9.67
CA PRO F 334 20.81 21.46 -9.49
C PRO F 334 19.90 20.24 -9.63
N GLU F 335 19.51 19.72 -8.46
CA GLU F 335 18.54 18.63 -8.31
C GLU F 335 19.12 17.29 -8.73
N HIS F 336 20.42 17.08 -8.47
CA HIS F 336 21.07 15.80 -8.73
C HIS F 336 21.53 15.12 -7.45
N ASP F 337 21.07 15.60 -6.29
CA ASP F 337 21.43 15.00 -5.02
C ASP F 337 20.76 13.63 -4.89
N GLY F 338 21.35 12.77 -4.06
CA GLY F 338 20.81 11.45 -3.79
C GLY F 338 21.77 10.36 -4.25
N GLY F 339 21.19 9.28 -4.78
CA GLY F 339 22.01 8.20 -5.31
C GLY F 339 22.11 8.28 -6.81
N ALA F 340 22.80 9.29 -7.32
CA ALA F 340 22.87 9.58 -8.75
C ALA F 340 24.25 9.23 -9.28
N PHE F 341 24.28 8.50 -10.39
CA PHE F 341 25.53 8.13 -11.03
C PHE F 341 25.29 7.93 -12.53
N GLU F 342 26.37 7.84 -13.30
CA GLU F 342 26.18 7.76 -14.74
C GLU F 342 27.35 7.08 -15.43
N ALA F 343 27.05 6.48 -16.58
CA ALA F 343 28.04 6.12 -17.57
C ALA F 343 28.11 7.21 -18.62
N GLN F 344 29.31 7.44 -19.14
CA GLN F 344 29.43 8.42 -20.20
C GLN F 344 30.44 7.95 -21.24
N GLY F 345 30.24 8.48 -22.44
CA GLY F 345 31.16 8.27 -23.54
C GLY F 345 31.36 9.56 -24.32
N ILE F 346 32.49 9.61 -25.01
CA ILE F 346 32.83 10.82 -25.75
C ILE F 346 31.82 11.12 -26.85
N PHE F 347 31.81 12.39 -27.27
CA PHE F 347 30.90 12.94 -28.27
C PHE F 347 29.47 13.04 -27.73
N GLY F 348 29.30 12.83 -26.42
CA GLY F 348 28.07 13.19 -25.73
C GLY F 348 27.13 12.04 -25.44
N GLN F 349 27.66 10.83 -25.13
CA GLN F 349 26.79 9.72 -24.75
C GLN F 349 26.65 9.67 -23.22
N TYR F 350 25.42 9.43 -22.75
CA TYR F 350 25.12 9.38 -21.32
C TYR F 350 24.12 8.28 -21.00
N LEU F 351 24.34 7.60 -19.88
CA LEU F 351 23.37 6.70 -19.27
C LEU F 351 23.30 7.07 -17.79
N TYR F 352 22.22 7.73 -17.38
CA TYR F 352 22.11 8.39 -16.08
C TYR F 352 21.11 7.64 -15.21
N ILE F 353 21.53 7.27 -14.00
CA ILE F 353 20.73 6.47 -13.07
C ILE F 353 20.59 7.28 -11.79
N ASN F 354 19.36 7.76 -11.50
CA ASN F 354 19.06 8.41 -10.22
C ASN F 354 18.16 7.44 -9.46
N ARG F 355 18.75 6.75 -8.47
CA ARG F 355 18.01 5.70 -7.79
C ARG F 355 17.02 6.26 -6.76
N LYS F 356 17.37 7.36 -6.10
CA LYS F 356 16.41 8.06 -5.26
C LYS F 356 15.13 8.36 -6.03
N GLU F 357 15.28 8.92 -7.23
CA GLU F 357 14.14 9.36 -8.04
C GLU F 357 13.58 8.29 -8.95
N LYS F 358 14.17 7.10 -8.98
CA LYS F 358 13.73 6.01 -9.88
C LYS F 358 13.74 6.48 -11.34
N ILE F 359 14.80 7.18 -11.74
CA ILE F 359 14.89 7.78 -13.07
C ILE F 359 16.04 7.15 -13.85
N VAL F 360 15.76 6.78 -15.11
CA VAL F 360 16.77 6.27 -16.05
C VAL F 360 16.74 7.15 -17.29
N ALA F 361 17.86 7.81 -17.59
CA ALA F 361 17.95 8.68 -18.75
C ALA F 361 19.05 8.19 -19.70
N VAL F 362 18.83 8.39 -20.99
CA VAL F 362 19.80 7.96 -22.00
C VAL F 362 19.91 9.07 -23.05
N VAL F 363 21.15 9.49 -23.31
CA VAL F 363 21.46 10.60 -24.22
C VAL F 363 22.43 10.12 -25.27
N TRP F 364 22.06 10.29 -26.55
CA TRP F 364 22.87 9.99 -27.72
C TRP F 364 23.19 11.29 -28.46
N SER F 365 24.47 11.61 -28.63
CA SER F 365 24.88 12.83 -29.30
C SER F 365 26.01 12.57 -30.28
N ALA F 366 26.26 13.59 -31.10
CA ALA F 366 27.36 13.60 -32.06
C ALA F 366 28.02 14.97 -32.01
N TRP F 367 28.58 15.32 -30.86
CA TRP F 367 29.31 16.56 -30.74
C TRP F 367 30.49 16.58 -31.72
N PRO F 368 30.94 17.77 -32.15
CA PRO F 368 32.13 17.81 -33.02
C PRO F 368 33.39 17.32 -32.34
N LYS F 369 33.62 17.71 -31.09
CA LYS F 369 34.81 17.28 -30.38
C LYS F 369 34.45 16.26 -29.28
N PRO F 370 35.38 15.38 -28.88
CA PRO F 370 34.98 14.32 -27.93
C PRO F 370 34.46 14.86 -26.60
N GLU F 371 35.16 15.82 -25.99
CA GLU F 371 34.76 16.42 -24.72
C GLU F 371 34.45 17.89 -24.96
N MET F 372 33.19 18.28 -24.77
CA MET F 372 32.81 19.69 -24.79
C MET F 372 32.16 20.05 -23.47
N ASP F 373 32.85 20.89 -22.70
CA ASP F 373 32.40 21.24 -21.35
C ASP F 373 31.05 21.95 -21.40
N ASP F 374 30.90 22.89 -22.31
CA ASP F 374 29.63 23.60 -22.48
C ASP F 374 28.48 22.62 -22.62
N ARG F 375 28.64 21.63 -23.50
CA ARG F 375 27.56 20.71 -23.80
C ARG F 375 27.34 19.71 -22.68
N GLU F 376 28.39 19.33 -21.96
CA GLU F 376 28.19 18.52 -20.76
C GLU F 376 27.33 19.28 -19.74
N GLU F 377 27.62 20.56 -19.56
CA GLU F 377 26.86 21.33 -18.57
C GLU F 377 25.42 21.50 -19.02
N GLU F 378 25.19 21.74 -20.30
CA GLU F 378 23.81 21.83 -20.80
C GLU F 378 23.08 20.51 -20.65
N THR F 379 23.79 19.39 -20.81
CA THR F 379 23.13 18.10 -20.70
C THR F 379 22.77 17.79 -19.25
N TYR F 380 23.62 18.18 -18.31
CA TYR F 380 23.23 18.03 -16.91
C TYR F 380 22.11 18.98 -16.52
N ALA F 381 22.08 20.19 -17.08
CA ALA F 381 20.96 21.10 -16.84
C ALA F 381 19.65 20.52 -17.39
N PHE F 382 19.68 19.98 -18.60
CA PHE F 382 18.49 19.37 -19.16
C PHE F 382 18.05 18.17 -18.33
N LEU F 383 19.01 17.40 -17.81
CA LEU F 383 18.67 16.23 -17.01
C LEU F 383 18.08 16.62 -15.66
N GLY F 384 18.62 17.67 -15.04
CA GLY F 384 18.06 18.13 -13.78
C GLY F 384 16.67 18.70 -13.95
N ALA F 385 16.46 19.44 -15.05
CA ALA F 385 15.11 19.90 -15.36
C ALA F 385 14.17 18.72 -15.57
N ALA F 386 14.66 17.65 -16.18
CA ALA F 386 13.84 16.44 -16.32
C ALA F 386 13.50 15.83 -14.96
N VAL F 387 14.50 15.73 -14.07
CA VAL F 387 14.28 15.15 -12.75
C VAL F 387 13.22 15.94 -12.00
N LYS F 388 13.24 17.28 -12.13
CA LYS F 388 12.17 18.07 -11.51
C LYS F 388 10.84 17.82 -12.20
N ALA F 389 10.80 17.94 -13.53
CA ALA F 389 9.55 17.77 -14.27
C ALA F 389 8.93 16.39 -14.06
N LEU F 390 9.64 15.45 -13.46
CA LEU F 390 9.06 14.16 -13.12
C LEU F 390 9.03 13.88 -11.62
N ARG F 391 9.73 14.66 -10.81
CA ARG F 391 9.63 14.58 -9.36
C ARG F 391 8.21 14.86 -8.86
C1 MER G . -17.93 -8.18 -1.05
C2 MER G . -22.47 -7.81 -0.24
C3 MER G . -18.79 -7.21 -0.27
C4 MER G . -20.10 -7.87 0.24
C5 MER G . -21.88 -8.75 -1.03
O6 MER G . -17.70 -8.03 -2.23
C7 MER G . -17.90 -6.66 0.87
O8 MER G . -18.62 -5.73 1.66
C9 MER G . -16.60 -6.05 0.33
N10 MER G . -20.52 -8.88 -0.74
C11 MER G . -22.46 -9.78 -1.99
O12 MER G . -22.62 -9.37 -3.17
O13 MER G . -22.72 -10.92 -1.56
S14 MER G . -23.96 -8.02 0.68
C15 MER G . -25.45 -7.91 -0.39
C16 MER G . -25.25 -8.30 -1.86
C17 MER G . -26.48 -9.18 -2.25
C18 MER G . -21.34 -6.95 0.37
N19 MER G . -27.38 -9.12 -1.10
C20 MER G . -21.20 -5.52 -0.15
C21 MER G . -26.55 -8.86 0.07
C22 MER G . -26.01 -10.61 -2.57
N23 MER G . -25.72 -10.93 -3.85
O24 MER G . -25.88 -11.45 -1.68
C25 MER G . -25.80 -10.08 -5.03
C26 MER G . -25.25 -12.25 -4.16
MG MG H . -5.61 -21.52 -26.38
ZN ZN I . -15.21 10.67 -5.07
ZN ZN J . 2.10 -10.59 15.01
C1 MER K . -4.37 31.82 5.16
C2 MER K . -6.02 34.56 8.49
C3 MER K . -4.74 31.60 6.60
C4 MER K . -5.79 32.65 7.02
C5 MER K . -5.55 34.99 7.26
O6 MER K . -3.28 32.20 4.80
C7 MER K . -5.32 30.16 6.70
O8 MER K . -5.86 29.94 7.99
C9 MER K . -4.34 29.05 6.29
N10 MER K . -5.50 33.91 6.37
C11 MER K . -5.37 36.33 6.55
O12 MER K . -4.28 36.44 5.94
O13 MER K . -6.30 37.17 6.55
S14 MER K . -6.18 35.30 10.09
C15 MER K . -6.65 37.06 10.10
C16 MER K . -5.55 37.93 9.47
C17 MER K . -6.36 39.14 8.93
C18 MER K . -5.82 33.04 8.52
N19 MER K . -7.70 38.63 8.61
C20 MER K . -4.69 32.51 9.39
C21 MER K . -7.94 37.40 9.36
C22 MER K . -5.80 39.94 7.71
N23 MER K . -4.58 39.81 7.08
O24 MER K . -6.57 40.78 7.28
C25 MER K . -3.41 38.95 7.29
C26 MER K . -4.31 40.70 5.97
MG MG L . -24.23 30.24 -17.94
ZN ZN M . -31.38 21.55 3.27
ZN ZN N . 8.75 22.58 15.68
C1 MER O . 13.06 -0.22 27.15
C2 MER O . 11.37 -1.68 31.06
C3 MER O . 11.62 -0.39 27.55
C4 MER O . 11.55 -0.23 29.10
C5 MER O . 12.70 -1.41 30.79
O6 MER O . 13.68 -1.02 26.51
C7 MER O . 10.84 0.68 26.76
O8 MER O . 9.49 0.72 27.19
C9 MER O . 10.93 0.46 25.25
N10 MER O . 12.84 -0.66 29.63
C11 MER O . 14.02 -1.86 31.40
O12 MER O . 14.22 -3.09 31.45
O13 MER O . 14.80 -0.97 31.79
S14 MER O . 10.57 -1.73 32.64
C15 MER O . 11.32 -2.89 33.83
C16 MER O . 12.81 -2.69 34.11
C17 MER O . 12.84 -3.80 35.20
C18 MER O . 10.55 -1.10 29.89
N19 MER O . 11.88 -3.28 36.16
C20 MER O . 9.65 -2.03 29.09
C21 MER O . 10.78 -2.80 35.28
C22 MER O . 14.27 -4.16 35.62
N23 MER O . 14.40 -5.25 36.42
O24 MER O . 15.23 -3.50 35.22
C25 MER O . 13.33 -6.08 36.90
C26 MER O . 15.70 -5.69 36.87
MG MG P . 37.49 14.47 14.85
C1 MER Q . -31.68 -5.03 45.79
C2 MER Q . -31.76 -3.46 41.73
C3 MER Q . -32.82 -4.34 45.09
C4 MER Q . -32.70 -4.65 43.57
C5 MER Q . -30.77 -4.21 42.31
O6 MER Q . -30.88 -4.40 46.44
C7 MER Q . -34.16 -4.84 45.67
O8 MER Q . -35.23 -4.50 44.81
C9 MER Q . -34.42 -4.29 47.07
N10 MER Q . -31.31 -5.00 43.31
C11 MER Q . -29.22 -4.21 42.30
O12 MER Q . -28.68 -4.74 43.30
O13 MER Q . -28.59 -3.71 41.34
S14 MER Q . -32.07 -3.23 40.01
C15 MER Q . -30.50 -2.45 39.57
C16 MER Q . -29.82 -3.18 38.43
C17 MER Q . -28.57 -2.25 38.51
C18 MER Q . -32.99 -3.46 42.62
N19 MER Q . -29.07 -0.88 38.64
C20 MER Q . -33.46 -2.14 43.22
C21 MER Q . -30.46 -1.01 39.07
C22 MER Q . -27.71 -2.41 37.28
N23 MER Q . -26.57 -3.10 37.44
O24 MER Q . -28.03 -1.94 36.19
C25 MER Q . -26.08 -3.69 38.67
C26 MER Q . -25.74 -3.24 36.28
ZN ZN R . -41.14 9.77 54.06
ZN ZN S . -9.70 -2.13 -70.00
ZN ZN T . 38.70 9.95 -42.46
#